data_5DKQ
# 
_entry.id   5DKQ 
# 
_audit_conform.dict_name       mmcif_pdbx.dic 
_audit_conform.dict_version    5.379 
_audit_conform.dict_location   http://mmcif.pdb.org/dictionaries/ascii/mmcif_pdbx.dic 
# 
loop_
_database_2.database_id 
_database_2.database_code 
_database_2.pdbx_database_accession 
_database_2.pdbx_DOI 
PDB   5DKQ         pdb_00005dkq 10.2210/pdb5dkq/pdb 
WWPDB D_1000213356 ?            ?                   
# 
loop_
_pdbx_database_related.content_type 
_pdbx_database_related.db_id 
_pdbx_database_related.db_name 
_pdbx_database_related.details 
unspecified 5DKN PDB . 
unspecified 5DKR PDB . 
# 
_pdbx_database_status.status_code                     REL 
_pdbx_database_status.status_code_sf                  REL 
_pdbx_database_status.status_code_mr                  ? 
_pdbx_database_status.entry_id                        5DKQ 
_pdbx_database_status.recvd_initial_deposition_date   2015-09-03 
_pdbx_database_status.SG_entry                        N 
_pdbx_database_status.deposit_site                    RCSB 
_pdbx_database_status.process_site                    RCSB 
_pdbx_database_status.status_code_cs                  ? 
_pdbx_database_status.methods_development_category    ? 
_pdbx_database_status.pdb_format_compatible           Y 
_pdbx_database_status.status_code_nmr_data            ? 
# 
loop_
_audit_author.name 
_audit_author.pdbx_ordinal 
'Cavalier, M.C.'      1  
'Ansari, M.I.'        2  
'Pierce, A.D.'        3  
'Wilder, P.T.'        4  
'McKnight, L.E.'      5  
'Raman, E.P.'         6  
'Neau, D.B.'          7  
'Bezawada, P.'        8  
'Alasady, M.J.'       9  
'Varney, K.M.'        10 
'Toth, E.A.'          11 
'MacKerell Jr., A.D.' 12 
'Coop, A.'            13 
'Weber, D.J.'         14 
# 
_citation.abstract                  ? 
_citation.abstract_id_CAS           ? 
_citation.book_id_ISBN              ? 
_citation.book_publisher            ? 
_citation.book_publisher_city       ? 
_citation.book_title                ? 
_citation.coordinate_linkage        ? 
_citation.country                   US 
_citation.database_id_Medline       ? 
_citation.details                   ? 
_citation.id                        primary 
_citation.journal_abbrev            J.Med.Chem. 
_citation.journal_id_ASTM           JMCMAR 
_citation.journal_id_CSD            0151 
_citation.journal_id_ISSN           0022-2623 
_citation.journal_full              ? 
_citation.journal_issue             ? 
_citation.journal_volume            59 
_citation.language                  ? 
_citation.page_first                592 
_citation.page_last                 608 
_citation.title                     'Small Molecule Inhibitors of Ca(2+)-S100B Reveal Two Protein Conformations.' 
_citation.year                      2016 
_citation.database_id_CSD           ? 
_citation.pdbx_database_id_DOI      10.1021/acs.jmedchem.5b01369 
_citation.pdbx_database_id_PubMed   26727270 
_citation.unpublished_flag          ? 
# 
loop_
_citation_author.citation_id 
_citation_author.name 
_citation_author.ordinal 
_citation_author.identifier_ORCID 
primary 'Cavalier, M.C.'    1  ? 
primary 'Ansari, M.I.'      2  ? 
primary 'Pierce, A.D.'      3  ? 
primary 'Wilder, P.T.'      4  ? 
primary 'McKnight, L.E.'    5  ? 
primary 'Raman, E.P.'       6  ? 
primary 'Neau, D.B.'        7  ? 
primary 'Bezawada, P.'      8  ? 
primary 'Alasady, M.J.'     9  ? 
primary 'Charpentier, T.H.' 10 ? 
primary 'Varney, K.M.'      11 ? 
primary 'Toth, E.A.'        12 ? 
primary 'MacKerell, A.D.'   13 ? 
primary 'Coop, A.'          14 ? 
primary 'Weber, D.J.'       15 ? 
# 
_cell.angle_alpha                  90.000 
_cell.angle_alpha_esd              ? 
_cell.angle_beta                   90.000 
_cell.angle_beta_esd               ? 
_cell.angle_gamma                  90.000 
_cell.angle_gamma_esd              ? 
_cell.entry_id                     5DKQ 
_cell.details                      ? 
_cell.formula_units_Z              ? 
_cell.length_a                     63.485 
_cell.length_a_esd                 ? 
_cell.length_b                     63.485 
_cell.length_b_esd                 ? 
_cell.length_c                     48.275 
_cell.length_c_esd                 ? 
_cell.volume                       ? 
_cell.volume_esd                   ? 
_cell.Z_PDB                        8 
_cell.reciprocal_angle_alpha       ? 
_cell.reciprocal_angle_beta        ? 
_cell.reciprocal_angle_gamma       ? 
_cell.reciprocal_angle_alpha_esd   ? 
_cell.reciprocal_angle_beta_esd    ? 
_cell.reciprocal_angle_gamma_esd   ? 
_cell.reciprocal_length_a          ? 
_cell.reciprocal_length_b          ? 
_cell.reciprocal_length_c          ? 
_cell.reciprocal_length_a_esd      ? 
_cell.reciprocal_length_b_esd      ? 
_cell.reciprocal_length_c_esd      ? 
_cell.pdbx_unique_axis             ? 
# 
_symmetry.entry_id                         5DKQ 
_symmetry.cell_setting                     ? 
_symmetry.Int_Tables_number                92 
_symmetry.space_group_name_Hall            ? 
_symmetry.space_group_name_H-M             'P 41 21 2' 
_symmetry.pdbx_full_space_group_name_H-M   ? 
# 
loop_
_entity.id 
_entity.type 
_entity.src_method 
_entity.pdbx_description 
_entity.formula_weight 
_entity.pdbx_number_of_molecules 
_entity.pdbx_ec 
_entity.pdbx_mutation 
_entity.pdbx_fragment 
_entity.details 
1 polymer     man 'Protein S100-B'                                                                 10681.974 1   ? ? ? ? 
2 non-polymer syn 'CALCIUM ION'                                                                    40.078    2   ? ? ? ? 
3 non-polymer syn "2,2'-[pentane-1,5-diylbis(oxybenzene-4,1-diyl)]di-1,4,5,6-tetrahydropyrimidine" 420.547   1   ? ? ? ? 
4 water       nat water                                                                            18.015    108 ? ? ? ? 
# 
_entity_name_com.entity_id   1 
_entity_name_com.name        'S-100 protein beta chain,S-100 protein subunit beta,S100 calcium-binding protein B' 
# 
_entity_poly.entity_id                      1 
_entity_poly.type                           'polypeptide(L)' 
_entity_poly.nstd_linkage                   no 
_entity_poly.nstd_monomer                   no 
_entity_poly.pdbx_seq_one_letter_code       
;MSELEKAVVALIDVFHQYSGREGDKHKLKKSELKELINNELSHFLEEIKEQEVVDKVMETLDSDGDGECDFQEFMAFVAM
ITTACHEFFEHE
;
_entity_poly.pdbx_seq_one_letter_code_can   
;MSELEKAVVALIDVFHQYSGREGDKHKLKKSELKELINNELSHFLEEIKEQEVVDKVMETLDSDGDGECDFQEFMAFVAM
ITTACHEFFEHE
;
_entity_poly.pdbx_strand_id                 A 
_entity_poly.pdbx_target_identifier         ? 
# 
loop_
_entity_poly_seq.entity_id 
_entity_poly_seq.num 
_entity_poly_seq.mon_id 
_entity_poly_seq.hetero 
1 1  MET n 
1 2  SER n 
1 3  GLU n 
1 4  LEU n 
1 5  GLU n 
1 6  LYS n 
1 7  ALA n 
1 8  VAL n 
1 9  VAL n 
1 10 ALA n 
1 11 LEU n 
1 12 ILE n 
1 13 ASP n 
1 14 VAL n 
1 15 PHE n 
1 16 HIS n 
1 17 GLN n 
1 18 TYR n 
1 19 SER n 
1 20 GLY n 
1 21 ARG n 
1 22 GLU n 
1 23 GLY n 
1 24 ASP n 
1 25 LYS n 
1 26 HIS n 
1 27 LYS n 
1 28 LEU n 
1 29 LYS n 
1 30 LYS n 
1 31 SER n 
1 32 GLU n 
1 33 LEU n 
1 34 LYS n 
1 35 GLU n 
1 36 LEU n 
1 37 ILE n 
1 38 ASN n 
1 39 ASN n 
1 40 GLU n 
1 41 LEU n 
1 42 SER n 
1 43 HIS n 
1 44 PHE n 
1 45 LEU n 
1 46 GLU n 
1 47 GLU n 
1 48 ILE n 
1 49 LYS n 
1 50 GLU n 
1 51 GLN n 
1 52 GLU n 
1 53 VAL n 
1 54 VAL n 
1 55 ASP n 
1 56 LYS n 
1 57 VAL n 
1 58 MET n 
1 59 GLU n 
1 60 THR n 
1 61 LEU n 
1 62 ASP n 
1 63 SER n 
1 64 ASP n 
1 65 GLY n 
1 66 ASP n 
1 67 GLY n 
1 68 GLU n 
1 69 CYS n 
1 70 ASP n 
1 71 PHE n 
1 72 GLN n 
1 73 GLU n 
1 74 PHE n 
1 75 MET n 
1 76 ALA n 
1 77 PHE n 
1 78 VAL n 
1 79 ALA n 
1 80 MET n 
1 81 ILE n 
1 82 THR n 
1 83 THR n 
1 84 ALA n 
1 85 CYS n 
1 86 HIS n 
1 87 GLU n 
1 88 PHE n 
1 89 PHE n 
1 90 GLU n 
1 91 HIS n 
1 92 GLU n 
# 
_entity_src_gen.entity_id                          1 
_entity_src_gen.pdbx_src_id                        1 
_entity_src_gen.pdbx_alt_source_flag               sample 
_entity_src_gen.pdbx_seq_type                      'Biological sequence' 
_entity_src_gen.pdbx_beg_seq_num                   1 
_entity_src_gen.pdbx_end_seq_num                   92 
_entity_src_gen.gene_src_common_name               Bovine 
_entity_src_gen.gene_src_genus                     ? 
_entity_src_gen.pdbx_gene_src_gene                 S100B 
_entity_src_gen.gene_src_species                   ? 
_entity_src_gen.gene_src_strain                    ? 
_entity_src_gen.gene_src_tissue                    ? 
_entity_src_gen.gene_src_tissue_fraction           ? 
_entity_src_gen.gene_src_details                   ? 
_entity_src_gen.pdbx_gene_src_fragment             ? 
_entity_src_gen.pdbx_gene_src_scientific_name      'Bos taurus' 
_entity_src_gen.pdbx_gene_src_ncbi_taxonomy_id     9913 
_entity_src_gen.pdbx_gene_src_variant              ? 
_entity_src_gen.pdbx_gene_src_cell_line            ? 
_entity_src_gen.pdbx_gene_src_atcc                 ? 
_entity_src_gen.pdbx_gene_src_organ                ? 
_entity_src_gen.pdbx_gene_src_organelle            ? 
_entity_src_gen.pdbx_gene_src_cell                 ? 
_entity_src_gen.pdbx_gene_src_cellular_location    ? 
_entity_src_gen.host_org_common_name               ? 
_entity_src_gen.pdbx_host_org_scientific_name      'Escherichia coli' 
_entity_src_gen.pdbx_host_org_ncbi_taxonomy_id     562 
_entity_src_gen.host_org_genus                     ? 
_entity_src_gen.pdbx_host_org_gene                 ? 
_entity_src_gen.pdbx_host_org_organ                ? 
_entity_src_gen.host_org_species                   ? 
_entity_src_gen.pdbx_host_org_tissue               ? 
_entity_src_gen.pdbx_host_org_tissue_fraction      ? 
_entity_src_gen.pdbx_host_org_strain               ? 
_entity_src_gen.pdbx_host_org_variant              ? 
_entity_src_gen.pdbx_host_org_cell_line            ? 
_entity_src_gen.pdbx_host_org_atcc                 ? 
_entity_src_gen.pdbx_host_org_culture_collection   ? 
_entity_src_gen.pdbx_host_org_cell                 ? 
_entity_src_gen.pdbx_host_org_organelle            ? 
_entity_src_gen.pdbx_host_org_cellular_location    ? 
_entity_src_gen.pdbx_host_org_vector_type          ? 
_entity_src_gen.pdbx_host_org_vector               ? 
_entity_src_gen.host_org_details                   ? 
_entity_src_gen.expression_system_id               ? 
_entity_src_gen.plasmid_name                       ? 
_entity_src_gen.plasmid_details                    ? 
_entity_src_gen.pdbx_description                   ? 
# 
_struct_ref.id                         1 
_struct_ref.db_name                    UNP 
_struct_ref.db_code                    S100B_BOVIN 
_struct_ref.pdbx_db_accession          P02638 
_struct_ref.pdbx_db_isoform            ? 
_struct_ref.entity_id                  1 
_struct_ref.pdbx_seq_one_letter_code   
;MSELEKAVVALIDVFHQYSGREGDKHKLKKSELKELINNELSHFLEEIKEQEVVDKVMETLDSDGDGECDFQEFMAFVAM
ITTACHEFFEHE
;
_struct_ref.pdbx_align_begin           1 
# 
_struct_ref_seq.align_id                      1 
_struct_ref_seq.ref_id                        1 
_struct_ref_seq.pdbx_PDB_id_code              5DKQ 
_struct_ref_seq.pdbx_strand_id                A 
_struct_ref_seq.seq_align_beg                 1 
_struct_ref_seq.pdbx_seq_align_beg_ins_code   ? 
_struct_ref_seq.seq_align_end                 92 
_struct_ref_seq.pdbx_seq_align_end_ins_code   ? 
_struct_ref_seq.pdbx_db_accession             P02638 
_struct_ref_seq.db_align_beg                  1 
_struct_ref_seq.pdbx_db_align_beg_ins_code    ? 
_struct_ref_seq.db_align_end                  92 
_struct_ref_seq.pdbx_db_align_end_ins_code    ? 
_struct_ref_seq.pdbx_auth_seq_align_beg       0 
_struct_ref_seq.pdbx_auth_seq_align_end       91 
# 
loop_
_chem_comp.id 
_chem_comp.type 
_chem_comp.mon_nstd_flag 
_chem_comp.name 
_chem_comp.pdbx_synonyms 
_chem_comp.formula 
_chem_comp.formula_weight 
5D0 non-polymer         . "2,2'-[pentane-1,5-diylbis(oxybenzene-4,1-diyl)]di-1,4,5,6-tetrahydropyrimidine" ? 'C25 H32 N4 O2'  
420.547 
ALA 'L-peptide linking' y ALANINE                                                                          ? 'C3 H7 N O2'     
89.093  
ARG 'L-peptide linking' y ARGININE                                                                         ? 'C6 H15 N4 O2 1' 
175.209 
ASN 'L-peptide linking' y ASPARAGINE                                                                       ? 'C4 H8 N2 O3'    
132.118 
ASP 'L-peptide linking' y 'ASPARTIC ACID'                                                                  ? 'C4 H7 N O4'     
133.103 
CA  non-polymer         . 'CALCIUM ION'                                                                    ? 'Ca 2'           
40.078  
CYS 'L-peptide linking' y CYSTEINE                                                                         ? 'C3 H7 N O2 S'   
121.158 
GLN 'L-peptide linking' y GLUTAMINE                                                                        ? 'C5 H10 N2 O3'   
146.144 
GLU 'L-peptide linking' y 'GLUTAMIC ACID'                                                                  ? 'C5 H9 N O4'     
147.129 
GLY 'peptide linking'   y GLYCINE                                                                          ? 'C2 H5 N O2'     
75.067  
HIS 'L-peptide linking' y HISTIDINE                                                                        ? 'C6 H10 N3 O2 1' 
156.162 
HOH non-polymer         . WATER                                                                            ? 'H2 O'           
18.015  
ILE 'L-peptide linking' y ISOLEUCINE                                                                       ? 'C6 H13 N O2'    
131.173 
LEU 'L-peptide linking' y LEUCINE                                                                          ? 'C6 H13 N O2'    
131.173 
LYS 'L-peptide linking' y LYSINE                                                                           ? 'C6 H15 N2 O2 1' 
147.195 
MET 'L-peptide linking' y METHIONINE                                                                       ? 'C5 H11 N O2 S'  
149.211 
PHE 'L-peptide linking' y PHENYLALANINE                                                                    ? 'C9 H11 N O2'    
165.189 
SER 'L-peptide linking' y SERINE                                                                           ? 'C3 H7 N O3'     
105.093 
THR 'L-peptide linking' y THREONINE                                                                        ? 'C4 H9 N O3'     
119.119 
TYR 'L-peptide linking' y TYROSINE                                                                         ? 'C9 H11 N O3'    
181.189 
VAL 'L-peptide linking' y VALINE                                                                           ? 'C5 H11 N O2'    
117.146 
# 
_exptl.absorpt_coefficient_mu     ? 
_exptl.absorpt_correction_T_max   ? 
_exptl.absorpt_correction_T_min   ? 
_exptl.absorpt_correction_type    ? 
_exptl.absorpt_process_details    ? 
_exptl.entry_id                   5DKQ 
_exptl.crystals_number            1 
_exptl.details                    ? 
_exptl.method                     'X-RAY DIFFRACTION' 
_exptl.method_details             ? 
# 
_exptl_crystal.colour                      ? 
_exptl_crystal.density_diffrn              ? 
_exptl_crystal.density_Matthews            2.28 
_exptl_crystal.density_method              ? 
_exptl_crystal.density_percent_sol         45.98 
_exptl_crystal.description                 ? 
_exptl_crystal.F_000                       ? 
_exptl_crystal.id                          1 
_exptl_crystal.preparation                 ? 
_exptl_crystal.size_max                    ? 
_exptl_crystal.size_mid                    ? 
_exptl_crystal.size_min                    ? 
_exptl_crystal.size_rad                    ? 
_exptl_crystal.colour_lustre               ? 
_exptl_crystal.colour_modifier             ? 
_exptl_crystal.colour_primary              ? 
_exptl_crystal.density_meas                ? 
_exptl_crystal.density_meas_esd            ? 
_exptl_crystal.density_meas_gt             ? 
_exptl_crystal.density_meas_lt             ? 
_exptl_crystal.density_meas_temp           ? 
_exptl_crystal.density_meas_temp_esd       ? 
_exptl_crystal.density_meas_temp_gt        ? 
_exptl_crystal.density_meas_temp_lt        ? 
_exptl_crystal.pdbx_crystal_image_url      ? 
_exptl_crystal.pdbx_crystal_image_format   ? 
_exptl_crystal.pdbx_mosaicity              ? 
_exptl_crystal.pdbx_mosaicity_esd          ? 
# 
_exptl_crystal_grow.apparatus       ? 
_exptl_crystal_grow.atmosphere      ? 
_exptl_crystal_grow.crystal_id      1 
_exptl_crystal_grow.details         ? 
_exptl_crystal_grow.method          'VAPOR DIFFUSION, SITTING DROP' 
_exptl_crystal_grow.method_ref      ? 
_exptl_crystal_grow.pH              7.5 
_exptl_crystal_grow.pressure        ? 
_exptl_crystal_grow.pressure_esd    ? 
_exptl_crystal_grow.seeding         ? 
_exptl_crystal_grow.seeding_ref     ? 
_exptl_crystal_grow.temp            295 
_exptl_crystal_grow.temp_details    ? 
_exptl_crystal_grow.temp_esd        ? 
_exptl_crystal_grow.time            ? 
_exptl_crystal_grow.pdbx_details    '25% Peg 3,350; 0.1M Bis-Tris, pH 7.5; 7.5mM CaCl2; 5% glycerol' 
_exptl_crystal_grow.pdbx_pH_range   ? 
# 
_diffrn.ambient_environment    ? 
_diffrn.ambient_temp           100 
_diffrn.ambient_temp_details   ? 
_diffrn.ambient_temp_esd       ? 
_diffrn.crystal_id             1 
_diffrn.crystal_support        ? 
_diffrn.crystal_treatment      ? 
_diffrn.details                ? 
_diffrn.id                     1 
_diffrn.ambient_pressure       ? 
_diffrn.ambient_pressure_esd   ? 
_diffrn.ambient_pressure_gt    ? 
_diffrn.ambient_pressure_lt    ? 
_diffrn.ambient_temp_gt        ? 
_diffrn.ambient_temp_lt        ? 
# 
_diffrn_detector.details                      ? 
_diffrn_detector.detector                     CCD 
_diffrn_detector.diffrn_id                    1 
_diffrn_detector.type                         'ADSC QUANTUM 315r' 
_diffrn_detector.area_resol_mean              ? 
_diffrn_detector.dtime                        ? 
_diffrn_detector.pdbx_frames_total            ? 
_diffrn_detector.pdbx_collection_time_total   ? 
_diffrn_detector.pdbx_collection_date         2013-12-14 
# 
_diffrn_radiation.collimation                      ? 
_diffrn_radiation.diffrn_id                        1 
_diffrn_radiation.filter_edge                      ? 
_diffrn_radiation.inhomogeneity                    ? 
_diffrn_radiation.monochromator                    ? 
_diffrn_radiation.polarisn_norm                    ? 
_diffrn_radiation.polarisn_ratio                   ? 
_diffrn_radiation.probe                            ? 
_diffrn_radiation.type                             ? 
_diffrn_radiation.xray_symbol                      ? 
_diffrn_radiation.wavelength_id                    1 
_diffrn_radiation.pdbx_monochromatic_or_laue_m_l   M 
_diffrn_radiation.pdbx_wavelength_list             ? 
_diffrn_radiation.pdbx_wavelength                  ? 
_diffrn_radiation.pdbx_diffrn_protocol             'SINGLE WAVELENGTH' 
_diffrn_radiation.pdbx_analyzer                    ? 
_diffrn_radiation.pdbx_scattering_type             x-ray 
# 
_diffrn_radiation_wavelength.id           1 
_diffrn_radiation_wavelength.wavelength   1.127092 
_diffrn_radiation_wavelength.wt           1.0 
# 
_diffrn_source.current                     ? 
_diffrn_source.details                     ? 
_diffrn_source.diffrn_id                   1 
_diffrn_source.power                       ? 
_diffrn_source.size                        ? 
_diffrn_source.source                      SYNCHROTRON 
_diffrn_source.target                      ? 
_diffrn_source.type                        'SSRL BEAMLINE BL7-1' 
_diffrn_source.voltage                     ? 
_diffrn_source.take-off_angle              ? 
_diffrn_source.pdbx_wavelength_list        1.127092 
_diffrn_source.pdbx_wavelength             ? 
_diffrn_source.pdbx_synchrotron_beamline   BL7-1 
_diffrn_source.pdbx_synchrotron_site       SSRL 
# 
_reflns.B_iso_Wilson_estimate            22.750 
_reflns.entry_id                         5DKQ 
_reflns.data_reduction_details           ? 
_reflns.data_reduction_method            ? 
_reflns.d_resolution_high                1.590 
_reflns.d_resolution_low                 38.430 
_reflns.details                          ? 
_reflns.limit_h_max                      ? 
_reflns.limit_h_min                      ? 
_reflns.limit_k_max                      ? 
_reflns.limit_k_min                      ? 
_reflns.limit_l_max                      ? 
_reflns.limit_l_min                      ? 
_reflns.number_all                       ? 
_reflns.number_obs                       13794 
_reflns.observed_criterion               ? 
_reflns.observed_criterion_F_max         ? 
_reflns.observed_criterion_F_min         ? 
_reflns.observed_criterion_I_max         ? 
_reflns.observed_criterion_I_min         ? 
_reflns.observed_criterion_sigma_F       ? 
_reflns.observed_criterion_sigma_I       ? 
_reflns.percent_possible_obs             99.900 
_reflns.R_free_details                   ? 
_reflns.Rmerge_F_all                     ? 
_reflns.Rmerge_F_obs                     ? 
_reflns.Friedel_coverage                 ? 
_reflns.number_gt                        ? 
_reflns.threshold_expression             ? 
_reflns.pdbx_redundancy                  7.100 
_reflns.pdbx_Rmerge_I_obs                0.049 
_reflns.pdbx_Rmerge_I_all                ? 
_reflns.pdbx_Rsym_value                  ? 
_reflns.pdbx_netI_over_av_sigmaI         ? 
_reflns.pdbx_netI_over_sigmaI            23.300 
_reflns.pdbx_res_netI_over_av_sigmaI_2   ? 
_reflns.pdbx_res_netI_over_sigmaI_2      ? 
_reflns.pdbx_chi_squared                 ? 
_reflns.pdbx_scaling_rejects             ? 
_reflns.pdbx_d_res_high_opt              ? 
_reflns.pdbx_d_res_low_opt               ? 
_reflns.pdbx_d_res_opt_method            ? 
_reflns.phase_calculation_details        ? 
_reflns.pdbx_Rrim_I_all                  ? 
_reflns.pdbx_Rpim_I_all                  0.020 
_reflns.pdbx_d_opt                       ? 
_reflns.pdbx_number_measured_all         97324 
_reflns.pdbx_diffrn_id                   1 
_reflns.pdbx_ordinal                     1 
_reflns.pdbx_CC_half                     0.999 
_reflns.pdbx_R_split                     ? 
# 
loop_
_reflns_shell.d_res_high 
_reflns_shell.d_res_low 
_reflns_shell.meanI_over_sigI_all 
_reflns_shell.meanI_over_sigI_obs 
_reflns_shell.number_measured_all 
_reflns_shell.number_measured_obs 
_reflns_shell.number_possible 
_reflns_shell.number_unique_all 
_reflns_shell.number_unique_obs 
_reflns_shell.percent_possible_all 
_reflns_shell.percent_possible_obs 
_reflns_shell.Rmerge_F_all 
_reflns_shell.Rmerge_F_obs 
_reflns_shell.Rmerge_I_all 
_reflns_shell.Rmerge_I_obs 
_reflns_shell.meanI_over_sigI_gt 
_reflns_shell.meanI_over_uI_all 
_reflns_shell.meanI_over_uI_gt 
_reflns_shell.number_measured_gt 
_reflns_shell.number_unique_gt 
_reflns_shell.percent_possible_gt 
_reflns_shell.Rmerge_F_gt 
_reflns_shell.Rmerge_I_gt 
_reflns_shell.pdbx_redundancy 
_reflns_shell.pdbx_Rsym_value 
_reflns_shell.pdbx_chi_squared 
_reflns_shell.pdbx_netI_over_sigmaI_all 
_reflns_shell.pdbx_netI_over_sigmaI_obs 
_reflns_shell.pdbx_Rrim_I_all 
_reflns_shell.pdbx_Rpim_I_all 
_reflns_shell.pdbx_rejects 
_reflns_shell.pdbx_ordinal 
_reflns_shell.pdbx_diffrn_id 
_reflns_shell.pdbx_CC_half 
_reflns_shell.pdbx_R_split 
1.590 1.620  ? 1.500  4162 ? ? 663 ? 99.300 ? ? ? ? 1.414 ? ? ? ? ? ? ? ? 6.300 ? ? ? ? ? 0.609 0 1 1 0.517 ? 
8.710 38.430 ? 65.000 532  ? ? 109 ? 96.100 ? ? ? ? 0.030 ? ? ? ? ? ? ? ? 4.900 ? ? ? ? ? 0.015 0 2 1 0.997 ? 
# 
_refine.aniso_B[1][1]                            ? 
_refine.aniso_B[1][2]                            ? 
_refine.aniso_B[1][3]                            ? 
_refine.aniso_B[2][2]                            ? 
_refine.aniso_B[2][3]                            ? 
_refine.aniso_B[3][3]                            ? 
_refine.B_iso_max                                67.340 
_refine.B_iso_mean                               31.6900 
_refine.B_iso_min                                17.530 
_refine.correlation_coeff_Fo_to_Fc               ? 
_refine.correlation_coeff_Fo_to_Fc_free          ? 
_refine.details                                  ? 
_refine.diff_density_max                         ? 
_refine.diff_density_max_esd                     ? 
_refine.diff_density_min                         ? 
_refine.diff_density_min_esd                     ? 
_refine.diff_density_rms                         ? 
_refine.diff_density_rms_esd                     ? 
_refine.entry_id                                 5DKQ 
_refine.pdbx_refine_id                           'X-RAY DIFFRACTION' 
_refine.ls_abs_structure_details                 ? 
_refine.ls_abs_structure_Flack                   ? 
_refine.ls_abs_structure_Flack_esd               ? 
_refine.ls_abs_structure_Rogers                  ? 
_refine.ls_abs_structure_Rogers_esd              ? 
_refine.ls_d_res_high                            1.5910 
_refine.ls_d_res_low                             38.4270 
_refine.ls_extinction_coef                       ? 
_refine.ls_extinction_coef_esd                   ? 
_refine.ls_extinction_expression                 ? 
_refine.ls_extinction_method                     ? 
_refine.ls_goodness_of_fit_all                   ? 
_refine.ls_goodness_of_fit_all_esd               ? 
_refine.ls_goodness_of_fit_obs                   ? 
_refine.ls_goodness_of_fit_obs_esd               ? 
_refine.ls_hydrogen_treatment                    ? 
_refine.ls_matrix_type                           ? 
_refine.ls_number_constraints                    ? 
_refine.ls_number_parameters                     ? 
_refine.ls_number_reflns_all                     ? 
_refine.ls_number_reflns_obs                     13753 
_refine.ls_number_reflns_R_free                  1376 
_refine.ls_number_reflns_R_work                  12377 
_refine.ls_number_restraints                     ? 
_refine.ls_percent_reflns_obs                    99.8900 
_refine.ls_percent_reflns_R_free                 10.0100 
_refine.ls_R_factor_all                          ? 
_refine.ls_R_factor_obs                          0.2066 
_refine.ls_R_factor_R_free                       0.2298 
_refine.ls_R_factor_R_free_error                 ? 
_refine.ls_R_factor_R_free_error_details         ? 
_refine.ls_R_factor_R_work                       0.2040 
_refine.ls_R_Fsqd_factor_obs                     ? 
_refine.ls_R_I_factor_obs                        ? 
_refine.ls_redundancy_reflns_all                 ? 
_refine.ls_redundancy_reflns_obs                 ? 
_refine.ls_restrained_S_all                      ? 
_refine.ls_restrained_S_obs                      ? 
_refine.ls_shift_over_esd_max                    ? 
_refine.ls_shift_over_esd_mean                   ? 
_refine.ls_structure_factor_coef                 ? 
_refine.ls_weighting_details                     ? 
_refine.ls_weighting_scheme                      ? 
_refine.ls_wR_factor_all                         ? 
_refine.ls_wR_factor_obs                         ? 
_refine.ls_wR_factor_R_free                      ? 
_refine.ls_wR_factor_R_work                      ? 
_refine.occupancy_max                            ? 
_refine.occupancy_min                            ? 
_refine.solvent_model_details                    'FLAT BULK SOLVENT MODEL' 
_refine.solvent_model_param_bsol                 ? 
_refine.solvent_model_param_ksol                 ? 
_refine.ls_R_factor_gt                           ? 
_refine.ls_goodness_of_fit_gt                    ? 
_refine.ls_goodness_of_fit_ref                   ? 
_refine.ls_shift_over_su_max                     ? 
_refine.ls_shift_over_su_max_lt                  ? 
_refine.ls_shift_over_su_mean                    ? 
_refine.ls_shift_over_su_mean_lt                 ? 
_refine.pdbx_ls_sigma_I                          ? 
_refine.pdbx_ls_sigma_F                          1.340 
_refine.pdbx_ls_sigma_Fsqd                       ? 
_refine.pdbx_data_cutoff_high_absF               ? 
_refine.pdbx_data_cutoff_high_rms_absF           ? 
_refine.pdbx_data_cutoff_low_absF                ? 
_refine.pdbx_isotropic_thermal_model             ? 
_refine.pdbx_ls_cross_valid_method               'FREE R-VALUE' 
_refine.pdbx_method_to_determine_struct          'MOLECULAR REPLACEMENT' 
_refine.pdbx_starting_model                      1MHO 
_refine.pdbx_stereochemistry_target_values       ML 
_refine.pdbx_R_Free_selection_details            ? 
_refine.pdbx_stereochem_target_val_spec_case     ? 
_refine.pdbx_overall_ESU_R                       ? 
_refine.pdbx_overall_ESU_R_Free                  ? 
_refine.pdbx_solvent_vdw_probe_radii             1.1100 
_refine.pdbx_solvent_ion_probe_radii             ? 
_refine.pdbx_solvent_shrinkage_radii             0.9000 
_refine.pdbx_real_space_R                        ? 
_refine.pdbx_density_correlation                 ? 
_refine.pdbx_pd_number_of_powder_patterns        ? 
_refine.pdbx_pd_number_of_points                 ? 
_refine.pdbx_pd_meas_number_of_points            ? 
_refine.pdbx_pd_proc_ls_prof_R_factor            ? 
_refine.pdbx_pd_proc_ls_prof_wR_factor           ? 
_refine.pdbx_pd_Marquardt_correlation_coeff      ? 
_refine.pdbx_pd_Fsqrd_R_factor                   ? 
_refine.pdbx_pd_ls_matrix_band_width             ? 
_refine.pdbx_overall_phase_error                 24.5300 
_refine.pdbx_overall_SU_R_free_Cruickshank_DPI   ? 
_refine.pdbx_overall_SU_R_free_Blow_DPI          ? 
_refine.pdbx_overall_SU_R_Blow_DPI               ? 
_refine.pdbx_TLS_residual_ADP_flag               ? 
_refine.pdbx_diffrn_id                           1 
_refine.overall_SU_B                             ? 
_refine.overall_SU_ML                            0.1500 
_refine.overall_SU_R_Cruickshank_DPI             ? 
_refine.overall_SU_R_free                        ? 
_refine.overall_FOM_free_R_set                   ? 
_refine.overall_FOM_work_R_set                   0.8163 
_refine.pdbx_average_fsc_overall                 ? 
_refine.pdbx_average_fsc_work                    ? 
_refine.pdbx_average_fsc_free                    ? 
# 
_refine_hist.cycle_id                         final 
_refine_hist.pdbx_refine_id                   'X-RAY DIFFRACTION' 
_refine_hist.d_res_high                       1.5910 
_refine_hist.d_res_low                        38.4270 
_refine_hist.pdbx_number_atoms_ligand         33 
_refine_hist.number_atoms_solvent             108 
_refine_hist.number_atoms_total               878 
_refine_hist.pdbx_number_residues_total       91 
_refine_hist.pdbx_B_iso_mean_ligand           37.80 
_refine_hist.pdbx_B_iso_mean_solvent          39.05 
_refine_hist.pdbx_number_atoms_protein        737 
_refine_hist.pdbx_number_atoms_nucleic_acid   0 
# 
loop_
_refine_ls_restr.pdbx_refine_id 
_refine_ls_restr.criterion 
_refine_ls_restr.dev_ideal 
_refine_ls_restr.dev_ideal_target 
_refine_ls_restr.number 
_refine_ls_restr.rejects 
_refine_ls_restr.type 
_refine_ls_restr.weight 
_refine_ls_restr.pdbx_restraint_function 
'X-RAY DIFFRACTION' ? 0.006  ? 790  ? f_bond_d           ? ? 
'X-RAY DIFFRACTION' ? 0.971  ? 1056 ? f_angle_d          ? ? 
'X-RAY DIFFRACTION' ? 0.070  ? 110  ? f_chiral_restr     ? ? 
'X-RAY DIFFRACTION' ? 0.003  ? 137  ? f_plane_restr      ? ? 
'X-RAY DIFFRACTION' ? 16.276 ? 304  ? f_dihedral_angle_d ? ? 
# 
loop_
_refine_ls_shell.pdbx_refine_id 
_refine_ls_shell.d_res_high 
_refine_ls_shell.d_res_low 
_refine_ls_shell.number_reflns_all 
_refine_ls_shell.number_reflns_obs 
_refine_ls_shell.number_reflns_R_free 
_refine_ls_shell.number_reflns_R_work 
_refine_ls_shell.percent_reflns_obs 
_refine_ls_shell.percent_reflns_R_free 
_refine_ls_shell.R_factor_all 
_refine_ls_shell.R_factor_obs 
_refine_ls_shell.R_factor_R_free 
_refine_ls_shell.R_factor_R_free_error 
_refine_ls_shell.R_factor_R_work 
_refine_ls_shell.redundancy_reflns_all 
_refine_ls_shell.redundancy_reflns_obs 
_refine_ls_shell.wR_factor_all 
_refine_ls_shell.wR_factor_obs 
_refine_ls_shell.wR_factor_R_free 
_refine_ls_shell.wR_factor_R_work 
_refine_ls_shell.pdbx_total_number_of_bins_used 
_refine_ls_shell.pdbx_phase_error 
_refine_ls_shell.pdbx_fsc_work 
_refine_ls_shell.pdbx_fsc_free 
'X-RAY DIFFRACTION' 1.5906 1.6475  1339 . 134 1205 99.0000  . . . 0.3077 . 0.2839 . . . . . . 10 . . . 
'X-RAY DIFFRACTION' 1.6475 1.7135  1338 . 134 1204 100.0000 . . . 0.3322 . 0.2552 . . . . . . 10 . . . 
'X-RAY DIFFRACTION' 1.7135 1.7914  1350 . 135 1215 100.0000 . . . 0.2865 . 0.2471 . . . . . . 10 . . . 
'X-RAY DIFFRACTION' 1.7914 1.8859  1351 . 135 1216 100.0000 . . . 0.3033 . 0.2289 . . . . . . 10 . . . 
'X-RAY DIFFRACTION' 1.8859 2.0040  1366 . 136 1230 100.0000 . . . 0.2524 . 0.2227 . . . . . . 10 . . . 
'X-RAY DIFFRACTION' 2.0040 2.1588  1356 . 136 1220 100.0000 . . . 0.2488 . 0.2099 . . . . . . 10 . . . 
'X-RAY DIFFRACTION' 2.1588 2.3760  1368 . 137 1231 100.0000 . . . 0.2212 . 0.1996 . . . . . . 10 . . . 
'X-RAY DIFFRACTION' 2.3760 2.7197  1385 . 138 1247 100.0000 . . . 0.2134 . 0.1980 . . . . . . 10 . . . 
'X-RAY DIFFRACTION' 2.7197 3.4262  1403 . 141 1262 100.0000 . . . 0.2375 . 0.2031 . . . . . . 10 . . . 
'X-RAY DIFFRACTION' 3.4262 38.4382 1497 . 150 1347 100.0000 . . . 0.1990 . 0.1864 . . . . . . 10 . . . 
# 
_struct.entry_id                     5DKQ 
_struct.title                        'Crystal Structure of Calcium-loaded S100B bound to SBi4214' 
_struct.pdbx_model_details           ? 
_struct.pdbx_formula_weight          ? 
_struct.pdbx_formula_weight_method   ? 
_struct.pdbx_model_type_details      ? 
_struct.pdbx_CASP_flag               ? 
# 
_struct_keywords.entry_id        5DKQ 
_struct_keywords.text            'malignant melanoma, calcium binding, covalent inhibitor, METAL BINDING PROTEIN-INHIBITOR complex' 
_struct_keywords.pdbx_keywords   'METAL BINDING PROTEIN/INHIBITOR' 
# 
loop_
_struct_asym.id 
_struct_asym.pdbx_blank_PDB_chainid_flag 
_struct_asym.pdbx_modified 
_struct_asym.entity_id 
_struct_asym.details 
A N N 1 ? 
B N N 2 ? 
C N N 2 ? 
D N N 3 ? 
E N N 4 ? 
# 
loop_
_struct_conf.conf_type_id 
_struct_conf.id 
_struct_conf.pdbx_PDB_helix_id 
_struct_conf.beg_label_comp_id 
_struct_conf.beg_label_asym_id 
_struct_conf.beg_label_seq_id 
_struct_conf.pdbx_beg_PDB_ins_code 
_struct_conf.end_label_comp_id 
_struct_conf.end_label_asym_id 
_struct_conf.end_label_seq_id 
_struct_conf.pdbx_end_PDB_ins_code 
_struct_conf.beg_auth_comp_id 
_struct_conf.beg_auth_asym_id 
_struct_conf.beg_auth_seq_id 
_struct_conf.end_auth_comp_id 
_struct_conf.end_auth_asym_id 
_struct_conf.end_auth_seq_id 
_struct_conf.pdbx_PDB_helix_class 
_struct_conf.details 
_struct_conf.pdbx_PDB_helix_length 
HELX_P HELX_P1 AA1 SER A 2  ? GLY A 20 ? SER A 1  GLY A 19 1 ? 19 
HELX_P HELX_P2 AA2 LYS A 29 ? LEU A 41 ? LYS A 28 LEU A 40 1 ? 13 
HELX_P HELX_P3 AA3 GLU A 50 ? ASP A 62 ? GLU A 49 ASP A 61 1 ? 13 
HELX_P HELX_P4 AA4 ASP A 70 ? GLU A 87 ? ASP A 69 GLU A 86 1 ? 18 
# 
_struct_conf_type.id          HELX_P 
_struct_conf_type.criteria    ? 
_struct_conf_type.reference   ? 
# 
loop_
_struct_conn.id 
_struct_conn.conn_type_id 
_struct_conn.pdbx_leaving_atom_flag 
_struct_conn.pdbx_PDB_id 
_struct_conn.ptnr1_label_asym_id 
_struct_conn.ptnr1_label_comp_id 
_struct_conn.ptnr1_label_seq_id 
_struct_conn.ptnr1_label_atom_id 
_struct_conn.pdbx_ptnr1_label_alt_id 
_struct_conn.pdbx_ptnr1_PDB_ins_code 
_struct_conn.pdbx_ptnr1_standard_comp_id 
_struct_conn.ptnr1_symmetry 
_struct_conn.ptnr2_label_asym_id 
_struct_conn.ptnr2_label_comp_id 
_struct_conn.ptnr2_label_seq_id 
_struct_conn.ptnr2_label_atom_id 
_struct_conn.pdbx_ptnr2_label_alt_id 
_struct_conn.pdbx_ptnr2_PDB_ins_code 
_struct_conn.ptnr1_auth_asym_id 
_struct_conn.ptnr1_auth_comp_id 
_struct_conn.ptnr1_auth_seq_id 
_struct_conn.ptnr2_auth_asym_id 
_struct_conn.ptnr2_auth_comp_id 
_struct_conn.ptnr2_auth_seq_id 
_struct_conn.ptnr2_symmetry 
_struct_conn.pdbx_ptnr3_label_atom_id 
_struct_conn.pdbx_ptnr3_label_seq_id 
_struct_conn.pdbx_ptnr3_label_comp_id 
_struct_conn.pdbx_ptnr3_label_asym_id 
_struct_conn.pdbx_ptnr3_label_alt_id 
_struct_conn.pdbx_ptnr3_PDB_ins_code 
_struct_conn.details 
_struct_conn.pdbx_dist_value 
_struct_conn.pdbx_value_order 
_struct_conn.pdbx_role 
metalc1  metalc ? ? A SER 19 O   ? ? ? 1_555 B CA  . CA ? ? A SER 18  A CA  101 1_555 ? ? ? ? ? ? ? 2.351 ? ? 
metalc2  metalc ? ? A GLU 22 O   ? ? ? 1_555 B CA  . CA ? ? A GLU 21  A CA  101 1_555 ? ? ? ? ? ? ? 2.424 ? ? 
metalc3  metalc ? ? A ASP 24 O   ? ? ? 1_555 B CA  . CA ? ? A ASP 23  A CA  101 1_555 ? ? ? ? ? ? ? 2.217 ? ? 
metalc4  metalc ? ? A LYS 27 O   ? ? ? 1_555 B CA  . CA ? ? A LYS 26  A CA  101 1_555 ? ? ? ? ? ? ? 2.362 ? ? 
metalc5  metalc ? ? A GLU 32 OE1 ? ? ? 1_555 B CA  . CA ? ? A GLU 31  A CA  101 1_555 ? ? ? ? ? ? ? 2.495 ? ? 
metalc6  metalc ? ? A GLU 32 OE2 ? ? ? 1_555 B CA  . CA ? ? A GLU 31  A CA  101 1_555 ? ? ? ? ? ? ? 2.611 ? ? 
metalc7  metalc ? ? A ASP 62 OD1 ? ? ? 1_555 C CA  . CA ? ? A ASP 61  A CA  102 1_555 ? ? ? ? ? ? ? 2.272 ? ? 
metalc8  metalc ? ? A ASP 64 OD1 ? ? ? 1_555 C CA  . CA ? ? A ASP 63  A CA  102 1_555 ? ? ? ? ? ? ? 2.323 ? ? 
metalc9  metalc ? ? A ASP 66 OD1 ? ? ? 1_555 C CA  . CA ? ? A ASP 65  A CA  102 1_555 ? ? ? ? ? ? ? 2.366 ? ? 
metalc10 metalc ? ? A GLU 68 O   ? ? ? 1_555 C CA  . CA ? ? A GLU 67  A CA  102 1_555 ? ? ? ? ? ? ? 2.428 ? ? 
metalc11 metalc ? ? A GLU 73 OE1 ? ? ? 1_555 C CA  . CA ? ? A GLU 72  A CA  102 1_555 ? ? ? ? ? ? ? 2.445 ? ? 
metalc12 metalc ? ? A GLU 73 OE2 ? ? ? 1_555 C CA  . CA ? ? A GLU 72  A CA  102 1_555 ? ? ? ? ? ? ? 2.563 ? ? 
metalc13 metalc ? ? B CA  .  CA  ? ? ? 1_555 E HOH . O  ? ? A CA  101 A HOH 250 1_555 ? ? ? ? ? ? ? 2.316 ? ? 
metalc14 metalc ? ? C CA  .  CA  ? ? ? 1_555 E HOH . O  ? ? A CA  102 A HOH 219 1_555 ? ? ? ? ? ? ? 2.421 ? ? 
# 
_struct_conn_type.id          metalc 
_struct_conn_type.criteria    ? 
_struct_conn_type.reference   ? 
# 
loop_
_struct_site.id 
_struct_site.pdbx_evidence_code 
_struct_site.pdbx_auth_asym_id 
_struct_site.pdbx_auth_comp_id 
_struct_site.pdbx_auth_seq_id 
_struct_site.pdbx_auth_ins_code 
_struct_site.pdbx_num_residues 
_struct_site.details 
AC1 Software A CA  101 ? 6  'binding site for residue CA A 101'  
AC2 Software A CA  102 ? 6  'binding site for residue CA A 102'  
AC3 Software A 5D0 103 ? 10 'binding site for residue 5D0 A 103' 
# 
loop_
_struct_site_gen.id 
_struct_site_gen.site_id 
_struct_site_gen.pdbx_num_res 
_struct_site_gen.label_comp_id 
_struct_site_gen.label_asym_id 
_struct_site_gen.label_seq_id 
_struct_site_gen.pdbx_auth_ins_code 
_struct_site_gen.auth_comp_id 
_struct_site_gen.auth_asym_id 
_struct_site_gen.auth_seq_id 
_struct_site_gen.label_atom_id 
_struct_site_gen.label_alt_id 
_struct_site_gen.symmetry 
_struct_site_gen.details 
1  AC1 6  SER A 19 ? SER A 18  . ? 1_555 ? 
2  AC1 6  GLU A 22 ? GLU A 21  . ? 1_555 ? 
3  AC1 6  ASP A 24 ? ASP A 23  . ? 1_555 ? 
4  AC1 6  LYS A 27 ? LYS A 26  . ? 1_555 ? 
5  AC1 6  GLU A 32 ? GLU A 31  . ? 1_555 ? 
6  AC1 6  HOH E .  ? HOH A 250 . ? 1_555 ? 
7  AC2 6  ASP A 62 ? ASP A 61  . ? 1_555 ? 
8  AC2 6  ASP A 64 ? ASP A 63  . ? 1_555 ? 
9  AC2 6  ASP A 66 ? ASP A 65  . ? 1_555 ? 
10 AC2 6  GLU A 68 ? GLU A 67  . ? 1_555 ? 
11 AC2 6  GLU A 73 ? GLU A 72  . ? 1_555 ? 
12 AC2 6  HOH E .  ? HOH A 219 . ? 1_555 ? 
13 AC3 10 VAL A 9  ? VAL A 8   . ? 2_554 ? 
14 AC3 10 ILE A 12 ? ILE A 11  . ? 8_554 ? 
15 AC3 10 ASP A 13 ? ASP A 12  . ? 2_554 ? 
16 AC3 10 HIS A 16 ? HIS A 15  . ? 8_554 ? 
17 AC3 10 HIS A 43 ? HIS A 42  . ? 7_554 ? 
18 AC3 10 HIS A 43 ? HIS A 42  . ? 1_555 ? 
19 AC3 10 CYS A 85 ? CYS A 84  . ? 1_555 ? 
20 AC3 10 HIS A 86 ? HIS A 85  . ? 1_555 ? 
21 AC3 10 PHE A 88 ? PHE A 87  . ? 1_555 ? 
22 AC3 10 PHE A 89 ? PHE A 88  . ? 1_555 ? 
# 
_atom_sites.entry_id                    5DKQ 
_atom_sites.fract_transf_matrix[1][1]   0.01228574 
_atom_sites.fract_transf_matrix[1][2]   0.00016529 
_atom_sites.fract_transf_matrix[1][3]   -0.00985692 
_atom_sites.fract_transf_matrix[2][1]   -0.00453870 
_atom_sites.fract_transf_matrix[2][2]   0.01407616 
_atom_sites.fract_transf_matrix[2][3]   -0.00542102 
_atom_sites.fract_transf_matrix[3][1]   0.01150867 
_atom_sites.fract_transf_matrix[3][2]   0.00929523 
_atom_sites.fract_transf_matrix[3][3]   0.01450036 
_atom_sites.fract_transf_vector[1]      -0.013118 
_atom_sites.fract_transf_vector[2]      -0.221272 
_atom_sites.fract_transf_vector[3]      -0.200986 
# 
loop_
_atom_type.symbol 
C  
CA 
N  
O  
S  
# 
loop_
_atom_site.group_PDB 
_atom_site.id 
_atom_site.type_symbol 
_atom_site.label_atom_id 
_atom_site.label_alt_id 
_atom_site.label_comp_id 
_atom_site.label_asym_id 
_atom_site.label_entity_id 
_atom_site.label_seq_id 
_atom_site.pdbx_PDB_ins_code 
_atom_site.Cartn_x 
_atom_site.Cartn_y 
_atom_site.Cartn_z 
_atom_site.occupancy 
_atom_site.B_iso_or_equiv 
_atom_site.pdbx_formal_charge 
_atom_site.auth_seq_id 
_atom_site.auth_comp_id 
_atom_site.auth_asym_id 
_atom_site.auth_atom_id 
_atom_site.pdbx_PDB_model_num 
ATOM   1   N  N   . MET A 1 1  ? -2.693  23.417  -8.782  1.00 44.11 ? 0   MET A N   1 
ATOM   2   C  CA  . MET A 1 1  ? -2.040  22.145  -9.108  1.00 35.35 ? 0   MET A CA  1 
ATOM   3   C  C   . MET A 1 1  ? -2.935  21.295  -10.009 1.00 33.21 ? 0   MET A C   1 
ATOM   4   O  O   . MET A 1 1  ? -4.162  21.304  -9.870  1.00 38.46 ? 0   MET A O   1 
ATOM   5   C  CB  . MET A 1 1  ? -1.668  21.374  -7.827  1.00 36.39 ? 0   MET A CB  1 
ATOM   6   C  CG  . MET A 1 1  ? -0.484  21.965  -7.041  1.00 40.90 ? 0   MET A CG  1 
ATOM   7   S  SD  . MET A 1 1  ? -0.282  21.288  -5.365  1.00 45.41 ? 0   MET A SD  1 
ATOM   8   C  CE  . MET A 1 1  ? 0.188   19.597  -5.733  1.00 35.74 ? 0   MET A CE  1 
ATOM   9   N  N   . SER A 1 2  ? -2.322  20.575  -10.944 1.00 25.31 ? 1   SER A N   1 
ATOM   10  C  CA  . SER A 1 2  ? -3.078  19.733  -11.857 1.00 27.16 ? 1   SER A CA  1 
ATOM   11  C  C   . SER A 1 2  ? -3.594  18.524  -11.100 1.00 26.11 ? 1   SER A C   1 
ATOM   12  O  O   . SER A 1 2  ? -3.177  18.268  -9.964  1.00 25.24 ? 1   SER A O   1 
ATOM   13  C  CB  . SER A 1 2  ? -2.190  19.256  -12.994 1.00 24.97 ? 1   SER A CB  1 
ATOM   14  O  OG  . SER A 1 2  ? -1.255  18.299  -12.516 1.00 25.52 ? 1   SER A OG  1 
ATOM   15  N  N   . GLU A 1 3  ? -4.498  17.775  -11.722 1.00 24.41 ? 2   GLU A N   1 
ATOM   16  C  CA  . GLU A 1 3  ? -4.970  16.531  -11.126 1.00 24.89 ? 2   GLU A CA  1 
ATOM   17  C  C   . GLU A 1 3  ? -3.825  15.547  -10.920 1.00 24.40 ? 2   GLU A C   1 
ATOM   18  O  O   . GLU A 1 3  ? -3.833  14.784  -9.959  1.00 24.10 ? 2   GLU A O   1 
ATOM   19  C  CB  . GLU A 1 3  ? -6.085  15.893  -11.962 1.00 29.55 ? 2   GLU A CB  1 
ATOM   20  C  CG  . GLU A 1 3  ? -7.402  16.654  -11.901 1.00 28.13 ? 2   GLU A CG  1 
ATOM   21  C  CD  . GLU A 1 3  ? -7.892  16.869  -10.475 1.00 33.57 ? 2   GLU A CD  1 
ATOM   22  O  OE1 . GLU A 1 3  ? -8.136  15.873  -9.761  1.00 36.13 ? 2   GLU A OE1 1 
ATOM   23  O  OE2 . GLU A 1 3  ? -8.033  18.042  -10.065 1.00 41.87 ? 2   GLU A OE2 1 
ATOM   24  N  N   . LEU A 1 4  ? -2.844  15.556  -11.822 1.00 22.88 ? 3   LEU A N   1 
ATOM   25  C  CA  . LEU A 1 4  ? -1.692  14.670  -11.668 1.00 20.76 ? 3   LEU A CA  1 
ATOM   26  C  C   . LEU A 1 4  ? -0.834  15.079  -10.481 1.00 22.94 ? 3   LEU A C   1 
ATOM   27  O  O   . LEU A 1 4  ? -0.393  14.233  -9.714  1.00 20.66 ? 3   LEU A O   1 
ATOM   28  C  CB  . LEU A 1 4  ? -0.846  14.628  -12.943 1.00 22.47 ? 3   LEU A CB  1 
ATOM   29  C  CG  . LEU A 1 4  ? 0.445   13.803  -12.868 1.00 21.51 ? 3   LEU A CG  1 
ATOM   30  C  CD1 . LEU A 1 4  ? 0.208   12.359  -12.384 1.00 21.17 ? 3   LEU A CD1 1 
ATOM   31  C  CD2 . LEU A 1 4  ? 1.125   13.802  -14.237 1.00 21.99 ? 3   LEU A CD2 1 
ATOM   32  N  N   . GLU A 1 5  ? -0.609  16.373  -10.317 1.00 24.17 ? 4   GLU A N   1 
ATOM   33  C  CA  . GLU A 1 5  ? 0.165   16.849  -9.180  1.00 22.28 ? 4   GLU A CA  1 
ATOM   34  C  C   . GLU A 1 5  ? -0.547  16.533  -7.869  1.00 23.48 ? 4   GLU A C   1 
ATOM   35  O  O   . GLU A 1 5  ? 0.093   16.130  -6.894  1.00 23.14 ? 4   GLU A O   1 
ATOM   36  C  CB  . GLU A 1 5  ? 0.475   18.345  -9.327  1.00 23.73 ? 4   GLU A CB  1 
ATOM   37  C  CG  . GLU A 1 5  ? 1.560   18.588  -10.363 1.00 21.99 ? 4   GLU A CG  1 
ATOM   38  C  CD  . GLU A 1 5  ? 1.610   20.012  -10.848 1.00 30.43 ? 4   GLU A CD  1 
ATOM   39  O  OE1 . GLU A 1 5  ? 0.605   20.731  -10.683 1.00 28.64 ? 4   GLU A OE1 1 
ATOM   40  O  OE2 . GLU A 1 5  ? 2.662   20.407  -11.397 1.00 28.71 ? 4   GLU A OE2 1 
ATOM   41  N  N   . LYS A 1 6  ? -1.869  16.680  -7.849  1.00 22.35 ? 5   LYS A N   1 
ATOM   42  C  CA  . LYS A 1 6  ? -2.626  16.371  -6.632  1.00 20.38 ? 5   LYS A CA  1 
ATOM   43  C  C   . LYS A 1 6  ? -2.603  14.874  -6.345  1.00 22.35 ? 5   LYS A C   1 
ATOM   44  O  O   . LYS A 1 6  ? -2.569  14.453  -5.178  1.00 20.66 ? 5   LYS A O   1 
ATOM   45  C  CB  . LYS A 1 6  ? -4.068  16.873  -6.738  1.00 24.63 ? 5   LYS A CB  1 
ATOM   46  C  CG  . LYS A 1 6  ? -4.167  18.392  -6.847  1.00 32.15 ? 5   LYS A CG  1 
ATOM   47  C  CD  . LYS A 1 6  ? -5.601  18.865  -7.004  1.00 35.83 ? 5   LYS A CD  1 
ATOM   48  C  CE  . LYS A 1 6  ? -6.410  18.638  -5.737  1.00 43.91 ? 5   LYS A CE  1 
ATOM   49  N  NZ  . LYS A 1 6  ? -7.780  19.239  -5.832  1.00 53.47 ? 5   LYS A NZ  1 
ATOM   50  N  N   . ALA A 1 7  ? -2.623  14.074  -7.412  1.00 19.74 ? 6   ALA A N   1 
ATOM   51  C  CA  . ALA A 1 7  ? -2.535  12.611  -7.274  1.00 20.31 ? 6   ALA A CA  1 
ATOM   52  C  C   . ALA A 1 7  ? -1.222  12.173  -6.633  1.00 22.21 ? 6   ALA A C   1 
ATOM   53  O  O   . ALA A 1 7  ? -1.211  11.333  -5.718  1.00 20.60 ? 6   ALA A O   1 
ATOM   54  C  CB  . ALA A 1 7  ? -2.702  11.938  -8.636  1.00 21.96 ? 6   ALA A CB  1 
ATOM   55  N  N   . VAL A 1 8  ? -0.118  12.712  -7.150  1.00 19.20 ? 7   VAL A N   1 
ATOM   56  C  CA  . VAL A 1 8  ? 1.209   12.491  -6.586  1.00 20.07 ? 7   VAL A CA  1 
ATOM   57  C  C   . VAL A 1 8  ? 1.219   12.816  -5.098  1.00 21.27 ? 7   VAL A C   1 
ATOM   58  O  O   . VAL A 1 8  ? 1.682   12.019  -4.286  1.00 22.47 ? 7   VAL A O   1 
ATOM   59  C  CB  . VAL A 1 8  ? 2.266   13.344  -7.320  1.00 23.60 ? 7   VAL A CB  1 
ATOM   60  C  CG1 . VAL A 1 8  ? 3.575   13.368  -6.546  1.00 22.72 ? 7   VAL A CG1 1 
ATOM   61  C  CG2 . VAL A 1 8  ? 2.484   12.795  -8.721  1.00 23.60 ? 7   VAL A CG2 1 
ATOM   62  N  N   . VAL A 1 9  ? 0.672   13.966  -4.727  1.00 21.94 ? 8   VAL A N   1 
ATOM   63  C  CA  . VAL A 1 9  ? 0.636   14.323  -3.313  1.00 23.23 ? 8   VAL A CA  1 
ATOM   64  C  C   . VAL A 1 9  ? -0.210  13.344  -2.505  1.00 21.75 ? 8   VAL A C   1 
ATOM   65  O  O   . VAL A 1 9  ? 0.168   12.969  -1.392  1.00 22.61 ? 8   VAL A O   1 
ATOM   66  C  CB  . VAL A 1 9  ? 0.183   15.777  -3.127  1.00 22.59 ? 8   VAL A CB  1 
ATOM   67  C  CG1 . VAL A 1 9  ? -0.074  16.080  -1.658  1.00 27.28 ? 8   VAL A CG1 1 
ATOM   68  C  CG2 . VAL A 1 9  ? 1.252   16.700  -3.677  1.00 24.25 ? 8   VAL A CG2 1 
ATOM   69  N  N   . ALA A 1 10 ? -1.328  12.897  -3.076  1.00 20.14 ? 9   ALA A N   1 
ATOM   70  C  CA  . ALA A 1 10 ? -2.201  11.938  -2.400  1.00 18.37 ? 9   ALA A CA  1 
ATOM   71  C  C   . ALA A 1 10 ? -1.478  10.634  -2.087  1.00 21.13 ? 9   ALA A C   1 
ATOM   72  O  O   . ALA A 1 10 ? -1.730  10.007  -1.044  1.00 19.85 ? 9   ALA A O   1 
ATOM   73  C  CB  . ALA A 1 10 ? -3.432  11.663  -3.245  1.00 20.02 ? 9   ALA A CB  1 
ATOM   74  N  N   . LEU A 1 11 ? -0.608  10.198  -2.995  1.00 19.61 ? 10  LEU A N   1 
ATOM   75  C  CA  . LEU A 1 11 ? 0.141   8.955   -2.757  1.00 20.02 ? 10  LEU A CA  1 
ATOM   76  C  C   . LEU A 1 11 ? 1.036   9.084   -1.542  1.00 23.49 ? 10  LEU A C   1 
ATOM   77  O  O   . LEU A 1 11 ? 1.087   8.193   -0.695  1.00 22.86 ? 10  LEU A O   1 
ATOM   78  C  CB  . LEU A 1 11 ? 0.993   8.580   -3.969  1.00 20.38 ? 10  LEU A CB  1 
ATOM   79  C  CG  . LEU A 1 11 ? 0.269   8.373   -5.300  1.00 19.90 ? 10  LEU A CG  1 
ATOM   80  C  CD1 . LEU A 1 11 ? 1.288   7.978   -6.367  1.00 19.10 ? 10  LEU A CD1 1 
ATOM   81  C  CD2 . LEU A 1 11 ? -0.839  7.326   -5.160  1.00 23.95 ? 10  LEU A CD2 1 
ATOM   82  N  N   . ILE A 1 12 ? 1.731   10.213  -1.456  1.00 21.42 ? 11  ILE A N   1 
ATOM   83  C  CA  . ILE A 1 12 ? 2.581   10.518  -0.307  1.00 25.12 ? 11  ILE A CA  1 
ATOM   84  C  C   . ILE A 1 12 ? 1.762   10.622  0.982   1.00 21.61 ? 11  ILE A C   1 
ATOM   85  O  O   . ILE A 1 12 ? 2.134   10.058  2.028   1.00 24.02 ? 11  ILE A O   1 
ATOM   86  C  CB  . ILE A 1 12 ? 3.349   11.827  -0.563  1.00 24.18 ? 11  ILE A CB  1 
ATOM   87  C  CG1 . ILE A 1 12 ? 4.340   11.629  -1.711  1.00 21.03 ? 11  ILE A CG1 1 
ATOM   88  C  CG2 . ILE A 1 12 ? 4.079   12.295  0.686   1.00 26.70 ? 11  ILE A CG2 1 
ATOM   89  C  CD1 . ILE A 1 12 ? 4.862   12.919  -2.248  1.00 22.23 ? 11  ILE A CD1 1 
ATOM   90  N  N   . ASP A 1 13 ? 0.640   11.331  0.919   1.00 21.00 ? 12  ASP A N   1 
ATOM   91  C  CA  . ASP A 1 13 ? -0.221  11.514  2.079   1.00 22.28 ? 12  ASP A CA  1 
ATOM   92  C  C   . ASP A 1 13 ? -0.715  10.197  2.665   1.00 24.52 ? 12  ASP A C   1 
ATOM   93  O  O   . ASP A 1 13 ? -0.648  9.996   3.876   1.00 24.84 ? 12  ASP A O   1 
ATOM   94  C  CB  . ASP A 1 13 ? -1.423  12.394  1.731   1.00 24.30 ? 12  ASP A CB  1 
ATOM   95  C  CG  . ASP A 1 13 ? -1.044  13.835  1.455   1.00 34.32 ? 12  ASP A CG  1 
ATOM   96  O  OD1 . ASP A 1 13 ? 0.042   14.277  1.885   1.00 33.98 ? 12  ASP A OD1 1 
ATOM   97  O  OD2 . ASP A 1 13 ? -1.851  14.522  0.795   1.00 38.47 ? 12  ASP A OD2 1 
ATOM   98  N  N   . VAL A 1 14 ? -1.214  9.300   1.816   1.00 21.06 ? 13  VAL A N   1 
ATOM   99  C  CA  . VAL A 1 14 ? -1.776  8.054   2.335   1.00 21.23 ? 13  VAL A CA  1 
ATOM   100 C  C   . VAL A 1 14 ? -0.681  7.174   2.916   1.00 21.69 ? 13  VAL A C   1 
ATOM   101 O  O   . VAL A 1 14 ? -0.909  6.507   3.930   1.00 21.39 ? 13  VAL A O   1 
ATOM   102 C  CB  . VAL A 1 14 ? -2.633  7.292   1.286   1.00 23.81 ? 13  VAL A CB  1 
ATOM   103 C  CG1 . VAL A 1 14 ? -1.748  6.666   0.225   1.00 22.92 ? 13  VAL A CG1 1 
ATOM   104 C  CG2 . VAL A 1 14 ? -3.505  6.223   1.960   1.00 24.79 ? 13  VAL A CG2 1 
ATOM   105 N  N   . PHE A 1 15 ? 0.503   7.175   2.302   1.00 21.43 ? 14  PHE A N   1 
ATOM   106 C  CA  . PHE A 1 15 ? 1.620   6.397   2.836   1.00 22.87 ? 14  PHE A CA  1 
ATOM   107 C  C   . PHE A 1 15 ? 1.927   6.815   4.267   1.00 24.12 ? 14  PHE A C   1 
ATOM   108 O  O   . PHE A 1 15 ? 2.008   5.977   5.177   1.00 22.46 ? 14  PHE A O   1 
ATOM   109 C  CB  . PHE A 1 15 ? 2.881   6.546   1.983   1.00 21.99 ? 14  PHE A CB  1 
ATOM   110 C  CG  . PHE A 1 15 ? 4.052   5.767   2.521   1.00 21.16 ? 14  PHE A CG  1 
ATOM   111 C  CD1 . PHE A 1 15 ? 4.153   4.393   2.294   1.00 23.84 ? 14  PHE A CD1 1 
ATOM   112 C  CD2 . PHE A 1 15 ? 5.036   6.393   3.264   1.00 22.56 ? 14  PHE A CD2 1 
ATOM   113 C  CE1 . PHE A 1 15 ? 5.215   3.668   2.815   1.00 22.92 ? 14  PHE A CE1 1 
ATOM   114 C  CE2 . PHE A 1 15 ? 6.111   5.660   3.779   1.00 25.99 ? 14  PHE A CE2 1 
ATOM   115 C  CZ  . PHE A 1 15 ? 6.198   4.308   3.543   1.00 24.75 ? 14  PHE A CZ  1 
ATOM   116 N  N   . HIS A 1 16 ? 2.077   8.120   4.471   1.00 25.75 ? 15  HIS A N   1 
ATOM   117 C  CA  . HIS A 1 16 ? 2.488   8.620   5.781   1.00 26.89 ? 15  HIS A CA  1 
ATOM   118 C  C   . HIS A 1 16 ? 1.362   8.604   6.797   1.00 27.85 ? 15  HIS A C   1 
ATOM   119 O  O   . HIS A 1 16 ? 1.608   8.595   7.996   1.00 29.52 ? 15  HIS A O   1 
ATOM   120 C  CB  . HIS A 1 16 ? 3.158   9.985   5.665   1.00 29.03 ? 15  HIS A CB  1 
ATOM   121 C  CG  . HIS A 1 16 ? 4.562   9.899   5.169   1.00 30.86 ? 15  HIS A CG  1 
ATOM   122 N  ND1 . HIS A 1 16 ? 5.603   9.456   5.960   1.00 34.28 ? 15  HIS A ND1 1 
ATOM   123 C  CD2 . HIS A 1 16 ? 5.098   10.164  3.954   1.00 28.55 ? 15  HIS A CD2 1 
ATOM   124 C  CE1 . HIS A 1 16 ? 6.720   9.462   5.254   1.00 35.17 ? 15  HIS A CE1 1 
ATOM   125 N  NE2 . HIS A 1 16 ? 6.440   9.891   4.040   1.00 35.25 ? 15  HIS A NE2 1 
ATOM   126 N  N   . GLN A 1 17 ? 0.131   8.574   6.300   1.00 23.79 ? 16  GLN A N   1 
ATOM   127 C  CA  A GLN A 1 17 ? -1.020  8.442   7.179   0.60 24.04 ? 16  GLN A CA  1 
ATOM   128 C  CA  B GLN A 1 17 ? -1.072  8.406   7.102   0.40 24.08 ? 16  GLN A CA  1 
ATOM   129 C  C   . GLN A 1 17 ? -1.026  7.093   7.877   1.00 26.97 ? 16  GLN A C   1 
ATOM   130 O  O   . GLN A 1 17 ? -1.536  6.975   8.999   1.00 27.13 ? 16  GLN A O   1 
ATOM   131 C  CB  A GLN A 1 17 ? -2.325  8.654   6.410   0.60 27.28 ? 16  GLN A CB  1 
ATOM   132 C  CB  B GLN A 1 17 ? -2.270  8.393   6.149   0.40 26.77 ? 16  GLN A CB  1 
ATOM   133 C  CG  A GLN A 1 17 ? -2.668  10.121  6.212   0.60 25.59 ? 16  GLN A CG  1 
ATOM   134 C  CG  B GLN A 1 17 ? -3.624  8.292   6.794   0.40 27.92 ? 16  GLN A CG  1 
ATOM   135 C  CD  A GLN A 1 17 ? -3.587  10.350  5.026   0.60 28.93 ? 16  GLN A CD  1 
ATOM   136 C  CD  B GLN A 1 17 ? -4.709  8.913   5.930   0.40 31.54 ? 16  GLN A CD  1 
ATOM   137 O  OE1 A GLN A 1 17 ? -4.113  9.403   4.438   0.60 28.59 ? 16  GLN A OE1 1 
ATOM   138 O  OE1 B GLN A 1 17 ? -4.426  9.483   4.873   0.40 29.96 ? 16  GLN A OE1 1 
ATOM   139 N  NE2 A GLN A 1 17 ? -3.775  11.612  4.661   0.60 25.84 ? 16  GLN A NE2 1 
ATOM   140 N  NE2 B GLN A 1 17 ? -5.954  8.804   6.373   0.40 28.76 ? 16  GLN A NE2 1 
ATOM   141 N  N   . TYR A 1 18 ? -0.437  6.086   7.242   1.00 26.87 ? 17  TYR A N   1 
ATOM   142 C  CA  . TYR A 1 18 ? -0.391  4.752   7.832   1.00 28.72 ? 17  TYR A CA  1 
ATOM   143 C  C   . TYR A 1 18 ? 0.980   4.372   8.366   1.00 26.91 ? 17  TYR A C   1 
ATOM   144 O  O   . TYR A 1 18 ? 1.071   3.713   9.396   1.00 24.40 ? 17  TYR A O   1 
ATOM   145 C  CB  . TYR A 1 18 ? -0.947  3.708   6.847   1.00 26.25 ? 17  TYR A CB  1 
ATOM   146 C  CG  . TYR A 1 18 ? -2.438  3.837   6.732   1.00 25.02 ? 17  TYR A CG  1 
ATOM   147 C  CD1 . TYR A 1 18 ? -3.011  4.734   5.848   1.00 25.68 ? 17  TYR A CD1 1 
ATOM   148 C  CD2 . TYR A 1 18 ? -3.280  3.111   7.564   1.00 25.10 ? 17  TYR A CD2 1 
ATOM   149 C  CE1 . TYR A 1 18 ? -4.374  4.888   5.772   1.00 24.77 ? 17  TYR A CE1 1 
ATOM   150 C  CE2 . TYR A 1 18 ? -4.644  3.252   7.497   1.00 25.63 ? 17  TYR A CE2 1 
ATOM   151 C  CZ  . TYR A 1 18 ? -5.190  4.147   6.599   1.00 23.56 ? 17  TYR A CZ  1 
ATOM   152 O  OH  . TYR A 1 18 ? -6.552  4.307   6.530   1.00 26.20 ? 17  TYR A OH  1 
ATOM   153 N  N   . SER A 1 19 ? 2.036   4.823   7.701   1.00 25.58 ? 18  SER A N   1 
ATOM   154 C  CA  . SER A 1 19 ? 3.400   4.446   8.072   1.00 24.51 ? 18  SER A CA  1 
ATOM   155 C  C   . SER A 1 19 ? 3.813   4.990   9.437   1.00 27.87 ? 18  SER A C   1 
ATOM   156 O  O   . SER A 1 19 ? 4.641   4.393   10.125  1.00 28.10 ? 18  SER A O   1 
ATOM   157 C  CB  . SER A 1 19 ? 4.407   4.891   7.010   1.00 26.68 ? 18  SER A CB  1 
ATOM   158 O  OG  . SER A 1 19 ? 4.601   6.297   7.040   1.00 26.08 ? 18  SER A OG  1 
ATOM   159 N  N   . GLY A 1 20 ? 3.229   6.118   9.834   1.00 26.37 ? 19  GLY A N   1 
ATOM   160 C  CA  . GLY A 1 20 ? 3.634   6.780   11.063  1.00 33.04 ? 19  GLY A CA  1 
ATOM   161 C  C   . GLY A 1 20 ? 2.909   6.324   12.322  1.00 35.05 ? 19  GLY A C   1 
ATOM   162 O  O   . GLY A 1 20 ? 3.134   6.874   13.407  1.00 39.02 ? 19  GLY A O   1 
ATOM   163 N  N   . ARG A 1 21 ? 2.050   5.318   12.199  1.00 27.73 ? 20  ARG A N   1 
ATOM   164 C  CA  . ARG A 1 21 ? 1.250   4.885   13.339  1.00 26.26 ? 20  ARG A CA  1 
ATOM   165 C  C   . ARG A 1 21 ? 2.057   4.089   14.355  1.00 33.79 ? 20  ARG A C   1 
ATOM   166 O  O   . ARG A 1 21 ? 1.858   4.234   15.565  1.00 33.66 ? 20  ARG A O   1 
ATOM   167 C  CB  . ARG A 1 21 ? 0.046   4.059   12.871  1.00 27.80 ? 20  ARG A CB  1 
ATOM   168 C  CG  . ARG A 1 21 ? -0.879  4.828   11.958  1.00 28.32 ? 20  ARG A CG  1 
ATOM   169 C  CD  . ARG A 1 21 ? -2.155  4.104   11.664  1.00 34.27 ? 20  ARG A CD  1 
ATOM   170 N  NE  . ARG A 1 21 ? -3.089  4.993   10.969  1.00 34.63 ? 20  ARG A NE  1 
ATOM   171 C  CZ  . ARG A 1 21 ? -4.360  4.702   10.716  1.00 34.62 ? 20  ARG A CZ  1 
ATOM   172 N  NH1 . ARG A 1 21 ? -4.871  3.537   11.095  1.00 36.78 ? 20  ARG A NH1 1 
ATOM   173 N  NH2 . ARG A 1 21 ? -5.122  5.579   10.083  1.00 38.99 ? 20  ARG A NH2 1 
ATOM   174 N  N   . GLU A 1 22 ? 2.961   3.249   13.855  1.00 26.93 ? 21  GLU A N   1 
ATOM   175 C  CA  . GLU A 1 22 ? 3.708   2.294   14.682  1.00 30.96 ? 21  GLU A CA  1 
ATOM   176 C  C   . GLU A 1 22 ? 5.156   2.213   14.258  1.00 32.34 ? 21  GLU A C   1 
ATOM   177 O  O   . GLU A 1 22 ? 5.469   2.378   13.072  1.00 26.21 ? 21  GLU A O   1 
ATOM   178 C  CB  . GLU A 1 22 ? 3.146   0.886   14.511  1.00 28.49 ? 21  GLU A CB  1 
ATOM   179 C  CG  . GLU A 1 22 ? 1.680   0.705   14.796  1.00 29.07 ? 21  GLU A CG  1 
ATOM   180 C  CD  . GLU A 1 22 ? 1.251   -0.717  14.525  1.00 33.73 ? 21  GLU A CD  1 
ATOM   181 O  OE1 . GLU A 1 22 ? 1.594   -1.611  15.333  1.00 35.08 ? 21  GLU A OE1 1 
ATOM   182 O  OE2 . GLU A 1 22 ? 0.598   -0.948  13.487  1.00 31.97 ? 21  GLU A OE2 1 
ATOM   183 N  N   . GLY A 1 23 ? 6.028   1.902   15.217  1.00 32.55 ? 22  GLY A N   1 
ATOM   184 C  CA  . GLY A 1 23 ? 7.425   1.610   14.941  1.00 30.10 ? 22  GLY A CA  1 
ATOM   185 C  C   . GLY A 1 23 ? 8.123   2.601   14.033  1.00 28.00 ? 22  GLY A C   1 
ATOM   186 O  O   . GLY A 1 23 ? 8.054   3.814   14.255  1.00 29.14 ? 22  GLY A O   1 
ATOM   187 N  N   . ASP A 1 24 ? 8.801   2.070   13.017  1.00 30.64 ? 23  ASP A N   1 
ATOM   188 C  CA  . ASP A 1 24 ? 9.463   2.889   12.013  1.00 28.16 ? 23  ASP A CA  1 
ATOM   189 C  C   . ASP A 1 24 ? 8.412   3.787   11.385  1.00 27.14 ? 23  ASP A C   1 
ATOM   190 O  O   . ASP A 1 24 ? 7.436   3.303   10.815  1.00 27.51 ? 23  ASP A O   1 
ATOM   191 C  CB  . ASP A 1 24 ? 10.088  1.993   10.945  1.00 29.61 ? 23  ASP A CB  1 
ATOM   192 C  CG  . ASP A 1 24 ? 11.104  2.718   10.092  1.00 31.35 ? 23  ASP A CG  1 
ATOM   193 O  OD1 . ASP A 1 24 ? 10.906  3.913   9.805   1.00 31.21 ? 23  ASP A OD1 1 
ATOM   194 O  OD2 . ASP A 1 24 ? 12.112  2.089   9.709   1.00 35.38 ? 23  ASP A OD2 1 
ATOM   195 N  N   . LYS A 1 25 ? 8.597   5.095   11.512  1.00 30.12 ? 24  LYS A N   1 
ATOM   196 C  CA  . LYS A 1 25 ? 7.597   6.035   11.027  1.00 28.30 ? 24  LYS A CA  1 
ATOM   197 C  C   . LYS A 1 25 ? 7.621   6.149   9.508   1.00 27.48 ? 24  LYS A C   1 
ATOM   198 O  O   . LYS A 1 25 ? 6.733   6.761   8.919   1.00 30.73 ? 24  LYS A O   1 
ATOM   199 C  CB  . LYS A 1 25 ? 7.815   7.417   11.645  1.00 34.94 ? 24  LYS A CB  1 
ATOM   200 C  CG  . LYS A 1 25 ? 7.624   7.445   13.146  1.00 38.07 ? 24  LYS A CG  1 
ATOM   201 C  CD  . LYS A 1 25 ? 7.507   8.869   13.656  1.00 42.65 ? 24  LYS A CD  1 
ATOM   202 C  CE  . LYS A 1 25 ? 6.403   8.974   14.703  1.00 44.31 ? 24  LYS A CE  1 
ATOM   203 N  NZ  . LYS A 1 25 ? 5.049   8.717   14.127  1.00 41.44 ? 24  LYS A NZ  1 
ATOM   204 N  N   . HIS A 1 26 ? 8.637   5.567   8.886   1.00 29.23 ? 25  HIS A N   1 
ATOM   205 C  CA  . HIS A 1 26 ? 8.849   5.741   7.452   1.00 28.25 ? 25  HIS A CA  1 
ATOM   206 C  C   . HIS A 1 26 ? 8.576   4.461   6.681   1.00 29.70 ? 25  HIS A C   1 
ATOM   207 O  O   . HIS A 1 26 ? 8.827   4.386   5.475   1.00 27.07 ? 25  HIS A O   1 
ATOM   208 C  CB  . HIS A 1 26 ? 10.274  6.218   7.194   1.00 33.21 ? 25  HIS A CB  1 
ATOM   209 C  CG  . HIS A 1 26 ? 10.608  7.485   7.907   1.00 37.67 ? 25  HIS A CG  1 
ATOM   210 N  ND1 . HIS A 1 26 ? 10.016  8.690   7.589   1.00 35.34 ? 25  HIS A ND1 1 
ATOM   211 C  CD2 . HIS A 1 26 ? 11.452  7.742   8.933   1.00 38.63 ? 25  HIS A CD2 1 
ATOM   212 C  CE1 . HIS A 1 26 ? 10.486  9.633   8.386   1.00 40.55 ? 25  HIS A CE1 1 
ATOM   213 N  NE2 . HIS A 1 26 ? 11.361  9.084   9.209   1.00 42.70 ? 25  HIS A NE2 1 
ATOM   214 N  N   . LYS A 1 27 ? 8.076   3.451   7.385   1.00 25.20 ? 26  LYS A N   1 
ATOM   215 C  CA  . LYS A 1 27 ? 7.782   2.166   6.775   1.00 24.71 ? 26  LYS A CA  1 
ATOM   216 C  C   . LYS A 1 27 ? 6.436   1.643   7.243   1.00 25.08 ? 26  LYS A C   1 
ATOM   217 O  O   . LYS A 1 27 ? 5.991   1.927   8.368   1.00 24.82 ? 26  LYS A O   1 
ATOM   218 C  CB  . LYS A 1 27 ? 8.894   1.144   7.078   1.00 24.00 ? 26  LYS A CB  1 
ATOM   219 C  CG  . LYS A 1 27 ? 10.285  1.527   6.596   1.00 27.70 ? 26  LYS A CG  1 
ATOM   220 C  CD  . LYS A 1 27 ? 11.290  0.423   6.920   1.00 29.00 ? 26  LYS A CD  1 
ATOM   221 C  CE  . LYS A 1 27 ? 12.691  0.808   6.512   1.00 29.58 ? 26  LYS A CE  1 
ATOM   222 N  NZ  . LYS A 1 27 ? 13.136  2.090   7.127   1.00 35.42 ? 26  LYS A NZ  1 
ATOM   223 N  N   . LEU A 1 28 ? 5.771   0.888   6.373   1.00 24.16 ? 27  LEU A N   1 
ATOM   224 C  CA  . LEU A 1 28 ? 4.559   0.191   6.760   1.00 20.46 ? 27  LEU A CA  1 
ATOM   225 C  C   . LEU A 1 28 ? 4.941   -1.211  7.256   1.00 25.17 ? 27  LEU A C   1 
ATOM   226 O  O   . LEU A 1 28 ? 5.460   -2.029  6.487   1.00 25.55 ? 27  LEU A O   1 
ATOM   227 C  CB  . LEU A 1 28 ? 3.613   0.039   5.572   1.00 23.83 ? 27  LEU A CB  1 
ATOM   228 C  CG  . LEU A 1 28 ? 3.101   1.306   4.885   1.00 22.57 ? 27  LEU A CG  1 
ATOM   229 C  CD1 . LEU A 1 28 ? 2.674   0.970   3.453   1.00 25.28 ? 27  LEU A CD1 1 
ATOM   230 C  CD2 . LEU A 1 28 ? 1.927   1.893   5.665   1.00 22.73 ? 27  LEU A CD2 1 
ATOM   231 N  N   . LYS A 1 29 ? 4.692   -1.495  8.529   1.00 25.74 ? 28  LYS A N   1 
ATOM   232 C  CA  . LYS A 1 29 ? 4.794   -2.868  8.994   1.00 27.59 ? 28  LYS A CA  1 
ATOM   233 C  C   . LYS A 1 29 ? 3.493   -3.543  8.594   1.00 25.56 ? 28  LYS A C   1 
ATOM   234 O  O   . LYS A 1 29 ? 2.567   -2.868  8.133   1.00 24.57 ? 28  LYS A O   1 
ATOM   235 C  CB  . LYS A 1 29 ? 5.035   -2.938  10.506  1.00 26.62 ? 28  LYS A CB  1 
ATOM   236 C  CG  . LYS A 1 29 ? 3.941   -2.306  11.360  1.00 26.35 ? 28  LYS A CG  1 
ATOM   237 C  CD  . LYS A 1 29 ? 4.399   -2.229  12.810  1.00 30.62 ? 28  LYS A CD  1 
ATOM   238 C  CE  . LYS A 1 29 ? 4.592   -3.609  13.415  1.00 28.93 ? 28  LYS A CE  1 
ATOM   239 N  NZ  . LYS A 1 29 ? 3.368   -4.077  14.126  1.00 28.48 ? 28  LYS A NZ  1 
ATOM   240 N  N   . LYS A 1 30 ? 3.411   -4.861  8.734   1.00 25.23 ? 29  LYS A N   1 
ATOM   241 C  CA  . LYS A 1 30 ? 2.250   -5.590  8.224   1.00 20.98 ? 29  LYS A CA  1 
ATOM   242 C  C   . LYS A 1 30 ? 0.919   -5.090  8.786   1.00 23.09 ? 29  LYS A C   1 
ATOM   243 O  O   . LYS A 1 30 ? -0.091  -5.056  8.081   1.00 23.55 ? 29  LYS A O   1 
ATOM   244 C  CB  . LYS A 1 30 ? 2.402   -7.104  8.451   1.00 22.61 ? 29  LYS A CB  1 
ATOM   245 C  CG  . LYS A 1 30 ? 3.374   -7.774  7.501   1.00 25.81 ? 29  LYS A CG  1 
ATOM   246 C  CD  . LYS A 1 30 ? 3.361   -9.286  7.683   1.00 29.61 ? 29  LYS A CD  1 
ATOM   247 C  CE  . LYS A 1 30 ? 3.858   -9.668  9.062   1.00 38.43 ? 29  LYS A CE  1 
ATOM   248 N  NZ  . LYS A 1 30 ? 5.246   -9.175  9.280   1.00 40.68 ? 29  LYS A NZ  1 
ATOM   249 N  N   . SER A 1 31 ? 0.916   -4.679  10.052  1.00 26.75 ? 30  SER A N   1 
ATOM   250 C  CA  . SER A 1 31 ? -0.317  -4.202  10.661  1.00 25.85 ? 30  SER A CA  1 
ATOM   251 C  C   . SER A 1 31 ? -0.812  -2.905  10.020  1.00 27.55 ? 30  SER A C   1 
ATOM   252 O  O   . SER A 1 31 ? -2.025  -2.722  9.823   1.00 26.94 ? 30  SER A O   1 
ATOM   253 C  CB  . SER A 1 31 ? -0.170  -4.072  12.187  1.00 22.77 ? 30  SER A CB  1 
ATOM   254 O  OG  . SER A 1 31 ? 0.996   -3.357  12.552  1.00 26.78 ? 30  SER A OG  1 
ATOM   255 N  N   . GLU A 1 32 ? 0.130   -2.030  9.677   1.00 23.93 ? 31  GLU A N   1 
ATOM   256 C  CA  . GLU A 1 32 ? -0.193  -0.760  9.021   1.00 20.82 ? 31  GLU A CA  1 
ATOM   257 C  C   . GLU A 1 32 ? -0.664  -0.996  7.593   1.00 26.01 ? 31  GLU A C   1 
ATOM   258 O  O   . GLU A 1 32 ? -1.658  -0.413  7.150   1.00 24.60 ? 31  GLU A O   1 
ATOM   259 C  CB  . GLU A 1 32 ? 1.027   0.158   9.044   1.00 24.90 ? 31  GLU A CB  1 
ATOM   260 C  CG  . GLU A 1 32 ? 1.431   0.582   10.455  1.00 24.18 ? 31  GLU A CG  1 
ATOM   261 C  CD  . GLU A 1 32 ? 2.772   1.252   10.498  1.00 30.89 ? 31  GLU A CD  1 
ATOM   262 O  OE1 . GLU A 1 32 ? 3.645   0.877   9.691   1.00 26.63 ? 31  GLU A OE1 1 
ATOM   263 O  OE2 . GLU A 1 32 ? 2.971   2.148   11.346  1.00 27.72 ? 31  GLU A OE2 1 
ATOM   264 N  N   . LEU A 1 33 ? 0.055   -1.858  6.882   1.00 24.38 ? 32  LEU A N   1 
ATOM   265 C  CA  . LEU A 1 33 ? -0.319  -2.240  5.523   1.00 26.51 ? 32  LEU A CA  1 
ATOM   266 C  C   . LEU A 1 33 ? -1.716  -2.846  5.464   1.00 24.06 ? 32  LEU A C   1 
ATOM   267 O  O   . LEU A 1 33 ? -2.492  -2.564  4.555   1.00 23.17 ? 32  LEU A O   1 
ATOM   268 C  CB  . LEU A 1 33 ? 0.720   -3.217  4.957   1.00 21.92 ? 32  LEU A CB  1 
ATOM   269 C  CG  . LEU A 1 33 ? 0.479   -3.735  3.534   1.00 25.37 ? 32  LEU A CG  1 
ATOM   270 C  CD1 . LEU A 1 33 ? 0.519   -2.582  2.533   1.00 24.18 ? 32  LEU A CD1 1 
ATOM   271 C  CD2 . LEU A 1 33 ? 1.511   -4.797  3.169   1.00 27.34 ? 32  LEU A CD2 1 
ATOM   272 N  N   . LYS A 1 34 ? -2.050  -3.676  6.446   1.00 23.05 ? 33  LYS A N   1 
ATOM   273 C  CA  . LYS A 1 34 ? -3.381  -4.248  6.503   1.00 24.53 ? 33  LYS A CA  1 
ATOM   274 C  C   . LYS A 1 34 ? -4.437  -3.152  6.624   1.00 26.34 ? 33  LYS A C   1 
ATOM   275 O  O   . LYS A 1 34 ? -5.455  -3.180  5.936   1.00 24.36 ? 33  LYS A O   1 
ATOM   276 C  CB  . LYS A 1 34 ? -3.503  -5.217  7.685   1.00 25.91 ? 33  LYS A CB  1 
ATOM   277 C  CG  . LYS A 1 34 ? -4.892  -5.809  7.856   1.00 28.31 ? 33  LYS A CG  1 
ATOM   278 C  CD  . LYS A 1 34 ? -4.902  -6.847  8.990   1.00 27.13 ? 33  LYS A CD  1 
ATOM   279 C  CE  . LYS A 1 34 ? -6.311  -7.321  9.291   1.00 36.89 ? 33  LYS A CE  1 
ATOM   280 N  NZ  . LYS A 1 34 ? -6.357  -8.106  10.561  1.00 33.34 ? 33  LYS A NZ  1 
ATOM   281 N  N   . GLU A 1 35 ? -4.188  -2.182  7.501   1.00 22.17 ? 34  GLU A N   1 
ATOM   282 C  CA  . GLU A 1 35 ? -5.131  -1.084  7.692   1.00 26.56 ? 34  GLU A CA  1 
ATOM   283 C  C   . GLU A 1 35 ? -5.305  -0.226  6.439   1.00 22.96 ? 34  GLU A C   1 
ATOM   284 O  O   . GLU A 1 35 ? -6.418  0.169   6.092   1.00 24.55 ? 34  GLU A O   1 
ATOM   285 C  CB  . GLU A 1 35 ? -4.694  -0.220  8.873   1.00 23.95 ? 34  GLU A CB  1 
ATOM   286 C  CG  . GLU A 1 35 ? -4.801  -0.942  10.223  1.00 27.65 ? 34  GLU A CG  1 
ATOM   287 C  CD  . GLU A 1 35 ? -6.215  -0.945  10.778  1.00 41.01 ? 34  GLU A CD  1 
ATOM   288 O  OE1 . GLU A 1 35 ? -7.171  -1.200  10.013  1.00 46.63 ? 34  GLU A OE1 1 
ATOM   289 O  OE2 . GLU A 1 35 ? -6.374  -0.685  11.992  1.00 52.57 ? 34  GLU A OE2 1 
ATOM   290 N  N   . LEU A 1 36 ? -4.203  0.055   5.759   1.00 23.79 ? 35  LEU A N   1 
ATOM   291 C  CA  . LEU A 1 36 ? -4.268  0.874   4.559   1.00 22.23 ? 35  LEU A CA  1 
ATOM   292 C  C   . LEU A 1 36 ? -5.110  0.195   3.485   1.00 22.54 ? 35  LEU A C   1 
ATOM   293 O  O   . LEU A 1 36 ? -5.958  0.824   2.854   1.00 22.44 ? 35  LEU A O   1 
ATOM   294 C  CB  . LEU A 1 36 ? -2.849  1.132   4.046   1.00 17.53 ? 35  LEU A CB  1 
ATOM   295 C  CG  . LEU A 1 36 ? -2.607  2.065   2.848   1.00 20.56 ? 35  LEU A CG  1 
ATOM   296 C  CD1 . LEU A 1 36 ? -1.210  2.634   2.936   1.00 20.64 ? 35  LEU A CD1 1 
ATOM   297 C  CD2 . LEU A 1 36 ? -2.765  1.320   1.537   1.00 19.05 ? 35  LEU A CD2 1 
ATOM   298 N  N   . ILE A 1 37 ? -4.837  -1.083  3.247   1.00 21.90 ? 36  ILE A N   1 
ATOM   299 C  CA  . ILE A 1 37 ? -5.588  -1.853  2.270   1.00 21.92 ? 36  ILE A CA  1 
ATOM   300 C  C   . ILE A 1 37 ? -7.078  -1.888  2.619   1.00 23.53 ? 36  ILE A C   1 
ATOM   301 O  O   . ILE A 1 37 ? -7.928  -1.635  1.762   1.00 23.93 ? 36  ILE A O   1 
ATOM   302 C  CB  . ILE A 1 37 ? -4.997  -3.288  2.126   1.00 23.93 ? 36  ILE A CB  1 
ATOM   303 C  CG1 . ILE A 1 37 ? -3.636  -3.211  1.431   1.00 24.00 ? 36  ILE A CG1 1 
ATOM   304 C  CG2 . ILE A 1 37 ? -5.928  -4.185  1.345   1.00 24.44 ? 36  ILE A CG2 1 
ATOM   305 C  CD1 . ILE A 1 37 ? -2.849  -4.519  1.447   1.00 25.97 ? 36  ILE A CD1 1 
ATOM   306 N  N   . ASN A 1 38 ? -7.402  -2.192  3.873   1.00 25.85 ? 37  ASN A N   1 
ATOM   307 C  CA  . ASN A 1 38 ? -8.798  -2.295  4.294   1.00 27.79 ? 37  ASN A CA  1 
ATOM   308 C  C   . ASN A 1 38 ? -9.563  -0.971  4.297   1.00 27.36 ? 37  ASN A C   1 
ATOM   309 O  O   . ASN A 1 38 ? -10.754 -0.945  4.013   1.00 29.93 ? 37  ASN A O   1 
ATOM   310 C  CB  . ASN A 1 38 ? -8.906  -2.992  5.658   1.00 26.32 ? 37  ASN A CB  1 
ATOM   311 C  CG  . ASN A 1 38 ? -8.565  -4.473  5.582   1.00 31.08 ? 37  ASN A CG  1 
ATOM   312 O  OD1 . ASN A 1 38 ? -8.397  -5.025  4.489   1.00 28.89 ? 37  ASN A OD1 1 
ATOM   313 N  ND2 . ASN A 1 38 ? -8.464  -5.128  6.742   1.00 28.91 ? 37  ASN A ND2 1 
ATOM   314 N  N   . ASN A 1 39 ? -8.873  0.123   4.603   1.00 25.66 ? 38  ASN A N   1 
ATOM   315 C  CA  . ASN A 1 39 ? -9.513  1.436   4.715   1.00 25.30 ? 38  ASN A CA  1 
ATOM   316 C  C   . ASN A 1 39 ? -9.463  2.274   3.449   1.00 27.32 ? 38  ASN A C   1 
ATOM   317 O  O   . ASN A 1 39 ? -10.364 3.064   3.195   1.00 29.88 ? 38  ASN A O   1 
ATOM   318 C  CB  . ASN A 1 39 ? -8.861  2.245   5.834   1.00 26.49 ? 38  ASN A CB  1 
ATOM   319 C  CG  . ASN A 1 39 ? -9.005  1.588   7.179   1.00 32.30 ? 38  ASN A CG  1 
ATOM   320 O  OD1 . ASN A 1 39 ? -9.844  0.711   7.358   1.00 33.93 ? 38  ASN A OD1 1 
ATOM   321 N  ND2 . ASN A 1 39 ? -8.191  2.011   8.140   1.00 35.33 ? 38  ASN A ND2 1 
ATOM   322 N  N   . GLU A 1 40 ? -8.393  2.115   2.676   1.00 24.46 ? 39  GLU A N   1 
ATOM   323 C  CA  . GLU A 1 40 ? -8.153  2.982   1.522   1.00 23.18 ? 39  GLU A CA  1 
ATOM   324 C  C   . GLU A 1 40 ? -8.225  2.267   0.177   1.00 24.79 ? 39  GLU A C   1 
ATOM   325 O  O   . GLU A 1 40 ? -8.189  2.910   -0.870  1.00 24.55 ? 39  GLU A O   1 
ATOM   326 C  CB  . GLU A 1 40 ? -6.804  3.701   1.654   1.00 23.55 ? 39  GLU A CB  1 
ATOM   327 C  CG  . GLU A 1 40 ? -6.501  4.257   3.042   1.00 24.04 ? 39  GLU A CG  1 
ATOM   328 C  CD  . GLU A 1 40 ? -7.479  5.337   3.477   1.00 27.15 ? 39  GLU A CD  1 
ATOM   329 O  OE1 . GLU A 1 40 ? -8.165  5.923   2.603   1.00 27.71 ? 39  GLU A OE1 1 
ATOM   330 O  OE2 . GLU A 1 40 ? -7.557  5.611   4.702   1.00 29.32 ? 39  GLU A OE2 1 
ATOM   331 N  N   . LEU A 1 41 ? -8.307  0.941   0.196   1.00 25.29 ? 40  LEU A N   1 
ATOM   332 C  CA  . LEU A 1 41 ? -8.454  0.184   -1.051  1.00 25.58 ? 40  LEU A CA  1 
ATOM   333 C  C   . LEU A 1 41 ? -9.657  -0.746  -1.003  1.00 28.58 ? 40  LEU A C   1 
ATOM   334 O  O   . LEU A 1 41 ? -9.670  -1.789  -1.650  1.00 31.04 ? 40  LEU A O   1 
ATOM   335 C  CB  . LEU A 1 41 ? -7.172  -0.601  -1.369  1.00 23.35 ? 40  LEU A CB  1 
ATOM   336 C  CG  . LEU A 1 41 ? -6.038  0.330   -1.791  1.00 23.09 ? 40  LEU A CG  1 
ATOM   337 C  CD1 . LEU A 1 41 ? -4.730  -0.414  -1.788  1.00 24.23 ? 40  LEU A CD1 1 
ATOM   338 C  CD2 . LEU A 1 41 ? -6.329  0.950   -3.155  1.00 27.10 ? 40  LEU A CD2 1 
ATOM   339 N  N   . SER A 1 42 ? -10.675 -0.350  -0.241  1.00 28.86 ? 41  SER A N   1 
ATOM   340 C  CA  . SER A 1 42 ? -11.842 -1.199  -0.018  1.00 30.63 ? 41  SER A CA  1 
ATOM   341 C  C   . SER A 1 42 ? -12.664 -1.390  -1.284  1.00 30.78 ? 41  SER A C   1 
ATOM   342 O  O   . SER A 1 42 ? -13.511 -2.281  -1.356  1.00 35.57 ? 41  SER A O   1 
ATOM   343 C  CB  . SER A 1 42 ? -12.726 -0.611  1.085   1.00 27.32 ? 41  SER A CB  1 
ATOM   344 O  OG  . SER A 1 42 ? -13.329 0.585   0.637   1.00 29.99 ? 41  SER A OG  1 
ATOM   345 N  N   . HIS A 1 43 ? -12.435 -0.552  -2.288  1.00 31.06 ? 42  HIS A N   1 
ATOM   346 C  CA  . HIS A 1 43 ? -13.159 -0.708  -3.539  1.00 32.29 ? 42  HIS A CA  1 
ATOM   347 C  C   . HIS A 1 43 ? -12.358 -1.474  -4.589  1.00 32.21 ? 42  HIS A C   1 
ATOM   348 O  O   . HIS A 1 43 ? -12.940 -2.015  -5.521  1.00 38.79 ? 42  HIS A O   1 
ATOM   349 C  CB  . HIS A 1 43 ? -13.603 0.651   -4.079  1.00 33.01 ? 42  HIS A CB  1 
ATOM   350 C  CG  . HIS A 1 43 ? -14.472 1.416   -3.133  1.00 34.63 ? 42  HIS A CG  1 
ATOM   351 N  ND1 . HIS A 1 43 ? -14.088 2.614   -2.567  1.00 34.14 ? 42  HIS A ND1 1 
ATOM   352 C  CD2 . HIS A 1 43 ? -15.703 1.143   -2.634  1.00 36.10 ? 42  HIS A CD2 1 
ATOM   353 C  CE1 . HIS A 1 43 ? -15.052 3.052   -1.777  1.00 39.71 ? 42  HIS A CE1 1 
ATOM   354 N  NE2 . HIS A 1 43 ? -16.039 2.178   -1.797  1.00 40.09 ? 42  HIS A NE2 1 
ATOM   355 N  N   . PHE A 1 44 ? -11.035 -1.534  -4.425  1.00 31.08 ? 43  PHE A N   1 
ATOM   356 C  CA  . PHE A 1 44 ? -10.154 -2.160  -5.416  1.00 30.75 ? 43  PHE A CA  1 
ATOM   357 C  C   . PHE A 1 44 ? -9.643  -3.524  -4.968  1.00 36.69 ? 43  PHE A C   1 
ATOM   358 O  O   . PHE A 1 44 ? -9.296  -4.368  -5.799  1.00 41.66 ? 43  PHE A O   1 
ATOM   359 C  CB  . PHE A 1 44 ? -8.929  -1.273  -5.708  1.00 30.53 ? 43  PHE A CB  1 
ATOM   360 C  CG  . PHE A 1 44 ? -9.235  -0.002  -6.462  1.00 30.90 ? 43  PHE A CG  1 
ATOM   361 C  CD1 . PHE A 1 44 ? -10.528 0.325   -6.849  1.00 29.82 ? 43  PHE A CD1 1 
ATOM   362 C  CD2 . PHE A 1 44 ? -8.202  0.866   -6.803  1.00 31.40 ? 43  PHE A CD2 1 
ATOM   363 C  CE1 . PHE A 1 44 ? -10.787 1.500   -7.544  1.00 32.98 ? 43  PHE A CE1 1 
ATOM   364 C  CE2 . PHE A 1 44 ? -8.454  2.033   -7.495  1.00 26.48 ? 43  PHE A CE2 1 
ATOM   365 C  CZ  . PHE A 1 44 ? -9.746  2.354   -7.873  1.00 31.03 ? 43  PHE A CZ  1 
ATOM   366 N  N   . LEU A 1 45 ? -9.563  -3.731  -3.658  1.00 32.15 ? 44  LEU A N   1 
ATOM   367 C  CA  . LEU A 1 45 ? -9.033  -4.976  -3.119  1.00 32.91 ? 44  LEU A CA  1 
ATOM   368 C  C   . LEU A 1 45 ? -9.990  -5.575  -2.098  1.00 36.03 ? 44  LEU A C   1 
ATOM   369 O  O   . LEU A 1 45 ? -10.650 -4.851  -1.352  1.00 34.16 ? 44  LEU A O   1 
ATOM   370 C  CB  . LEU A 1 45 ? -7.671  -4.750  -2.457  1.00 33.62 ? 44  LEU A CB  1 
ATOM   371 C  CG  . LEU A 1 45 ? -6.483  -4.420  -3.360  1.00 31.58 ? 44  LEU A CG  1 
ATOM   372 C  CD1 . LEU A 1 45 ? -5.190  -4.346  -2.554  1.00 31.36 ? 44  LEU A CD1 1 
ATOM   373 C  CD2 . LEU A 1 45 ? -6.365  -5.456  -4.451  1.00 38.70 ? 44  LEU A CD2 1 
ATOM   374 N  N   . GLU A 1 46 ? -10.058 -6.899  -2.063  1.00 41.25 ? 45  GLU A N   1 
ATOM   375 C  CA  . GLU A 1 46 ? -10.864 -7.570  -1.057  1.00 39.40 ? 45  GLU A CA  1 
ATOM   376 C  C   . GLU A 1 46 ? -10.262 -7.322  0.315   1.00 40.40 ? 45  GLU A C   1 
ATOM   377 O  O   . GLU A 1 46 ? -9.036  -7.331  0.471   1.00 36.60 ? 45  GLU A O   1 
ATOM   378 C  CB  . GLU A 1 46 ? -10.943 -9.070  -1.347  1.00 44.59 ? 45  GLU A CB  1 
ATOM   379 C  CG  . GLU A 1 46 ? -11.764 -9.404  -2.586  1.00 44.93 ? 45  GLU A CG  1 
ATOM   380 C  CD  . GLU A 1 46 ? -13.142 -8.753  -2.568  1.00 51.97 ? 45  GLU A CD  1 
ATOM   381 O  OE1 . GLU A 1 46 ? -13.935 -9.042  -1.643  1.00 58.57 ? 45  GLU A OE1 1 
ATOM   382 O  OE2 . GLU A 1 46 ? -13.431 -7.942  -3.476  1.00 54.48 ? 45  GLU A OE2 1 
ATOM   383 N  N   . GLU A 1 47 ? -11.127 -7.079  1.295   1.00 34.07 ? 46  GLU A N   1 
ATOM   384 C  CA  . GLU A 1 47 ? -10.704 -6.883  2.676   1.00 33.34 ? 46  GLU A CA  1 
ATOM   385 C  C   . GLU A 1 47 ? -9.804  -8.020  3.147   1.00 35.74 ? 46  GLU A C   1 
ATOM   386 O  O   . GLU A 1 47 ? -10.070 -9.192  2.874   1.00 38.27 ? 46  GLU A O   1 
ATOM   387 C  CB  . GLU A 1 47 ? -11.933 -6.784  3.585   1.00 36.17 ? 46  GLU A CB  1 
ATOM   388 C  CG  . GLU A 1 47 ? -11.613 -6.570  5.054   1.00 33.74 ? 46  GLU A CG  1 
ATOM   389 C  CD  . GLU A 1 47 ? -12.865 -6.435  5.909   1.00 41.50 ? 46  GLU A CD  1 
ATOM   390 O  OE1 . GLU A 1 47 ? -13.978 -6.361  5.345   1.00 46.32 ? 46  GLU A OE1 1 
ATOM   391 O  OE2 . GLU A 1 47 ? -12.732 -6.400  7.148   1.00 40.05 ? 46  GLU A OE2 1 
ATOM   392 N  N   . ILE A 1 48 ? -8.724  -7.673  3.839   1.00 34.18 ? 47  ILE A N   1 
ATOM   393 C  CA  . ILE A 1 48 ? -7.861  -8.676  4.437   1.00 36.04 ? 47  ILE A CA  1 
ATOM   394 C  C   . ILE A 1 48 ? -8.360  -8.996  5.846   1.00 36.24 ? 47  ILE A C   1 
ATOM   395 O  O   . ILE A 1 48 ? -8.418  -8.112  6.708   1.00 35.29 ? 47  ILE A O   1 
ATOM   396 C  CB  . ILE A 1 48 ? -6.407  -8.189  4.501   1.00 34.92 ? 47  ILE A CB  1 
ATOM   397 C  CG1 . ILE A 1 48 ? -5.882  -7.881  3.094   1.00 32.78 ? 47  ILE A CG1 1 
ATOM   398 C  CG2 . ILE A 1 48 ? -5.528  -9.224  5.187   1.00 39.29 ? 47  ILE A CG2 1 
ATOM   399 C  CD1 . ILE A 1 48 ? -4.478  -7.316  3.096   1.00 32.82 ? 47  ILE A CD1 1 
ATOM   400 N  N   . LYS A 1 49 ? -8.720  -10.256 6.070   1.00 37.47 ? 48  LYS A N   1 
ATOM   401 C  CA  . LYS A 1 49 ? -9.238  -10.702 7.360   1.00 42.65 ? 48  LYS A CA  1 
ATOM   402 C  C   . LYS A 1 49 ? -8.282  -11.684 8.028   1.00 43.67 ? 48  LYS A C   1 
ATOM   403 O  O   . LYS A 1 49 ? -8.271  -11.815 9.253   1.00 48.01 ? 48  LYS A O   1 
ATOM   404 C  CB  . LYS A 1 49 ? -10.609 -11.354 7.183   1.00 38.16 ? 48  LYS A CB  1 
ATOM   405 C  CG  . LYS A 1 49 ? -11.677 -10.427 6.618   1.00 41.78 ? 48  LYS A CG  1 
ATOM   406 C  CD  . LYS A 1 49 ? -13.007 -11.159 6.449   1.00 49.86 ? 48  LYS A CD  1 
ATOM   407 C  CE  . LYS A 1 49 ? -14.077 -10.252 5.848   1.00 52.12 ? 48  LYS A CE  1 
ATOM   408 N  NZ  . LYS A 1 49 ? -15.396 -10.942 5.710   1.00 58.68 ? 48  LYS A NZ  1 
ATOM   409 N  N   . GLU A 1 50 ? -7.474  -12.364 7.217   1.00 36.67 ? 49  GLU A N   1 
ATOM   410 C  CA  . GLU A 1 50 ? -6.547  -13.374 7.724   1.00 36.51 ? 49  GLU A CA  1 
ATOM   411 C  C   . GLU A 1 50 ? -5.091  -12.921 7.641   1.00 40.41 ? 49  GLU A C   1 
ATOM   412 O  O   . GLU A 1 50 ? -4.683  -12.290 6.662   1.00 40.12 ? 49  GLU A O   1 
ATOM   413 C  CB  . GLU A 1 50 ? -6.717  -14.692 6.964   1.00 43.02 ? 49  GLU A CB  1 
ATOM   414 C  CG  . GLU A 1 50 ? -8.159  -15.126 6.773   1.00 46.34 ? 49  GLU A CG  1 
ATOM   415 C  CD  . GLU A 1 50 ? -8.580  -15.122 5.315   1.00 50.96 ? 49  GLU A CD  1 
ATOM   416 O  OE1 . GLU A 1 50 ? -7.949  -15.844 4.512   1.00 57.50 ? 49  GLU A OE1 1 
ATOM   417 O  OE2 . GLU A 1 50 ? -9.541  -14.397 4.968   1.00 50.91 ? 49  GLU A OE2 1 
ATOM   418 N  N   . GLN A 1 51 ? -4.311  -13.265 8.661   1.00 38.60 ? 50  GLN A N   1 
ATOM   419 C  CA  . GLN A 1 51 ? -2.911  -12.861 8.743   1.00 38.71 ? 50  GLN A CA  1 
ATOM   420 C  C   . GLN A 1 51 ? -2.100  -13.435 7.582   1.00 40.11 ? 50  GLN A C   1 
ATOM   421 O  O   . GLN A 1 51 ? -1.163  -12.801 7.094   1.00 38.97 ? 50  GLN A O   1 
ATOM   422 C  CB  . GLN A 1 51 ? -2.315  -13.301 10.083  1.00 37.74 ? 50  GLN A CB  1 
ATOM   423 C  CG  . GLN A 1 51 ? -0.928  -12.753 10.369  1.00 39.92 ? 50  GLN A CG  1 
ATOM   424 C  CD  . GLN A 1 51 ? -0.902  -11.236 10.496  1.00 43.40 ? 50  GLN A CD  1 
ATOM   425 O  OE1 . GLN A 1 51 ? -1.808  -10.628 11.072  1.00 49.15 ? 50  GLN A OE1 1 
ATOM   426 N  NE2 . GLN A 1 51 ? 0.143   -10.617 9.955   1.00 41.59 ? 50  GLN A NE2 1 
ATOM   427 N  N   . GLU A 1 52 ? -2.473  -14.635 7.151   1.00 39.05 ? 51  GLU A N   1 
ATOM   428 C  CA  . GLU A 1 52 ? -1.859  -15.287 5.999   1.00 40.82 ? 51  GLU A CA  1 
ATOM   429 C  C   . GLU A 1 52 ? -1.935  -14.400 4.759   1.00 38.07 ? 51  GLU A C   1 
ATOM   430 O  O   . GLU A 1 52 ? -0.996  -14.349 3.959   1.00 39.88 ? 51  GLU A O   1 
ATOM   431 C  CB  . GLU A 1 52 ? -2.575  -16.611 5.727   1.00 48.05 ? 51  GLU A CB  1 
ATOM   432 C  CG  . GLU A 1 52 ? -1.907  -17.506 4.702   1.00 51.66 ? 51  GLU A CG  1 
ATOM   433 C  CD  . GLU A 1 52 ? -2.679  -18.795 4.472   1.00 60.96 ? 51  GLU A CD  1 
ATOM   434 O  OE1 . GLU A 1 52 ? -2.286  -19.835 5.047   1.00 63.93 ? 51  GLU A OE1 1 
ATOM   435 O  OE2 . GLU A 1 52 ? -3.680  -18.771 3.721   1.00 67.34 ? 51  GLU A OE2 1 
ATOM   436 N  N   . VAL A 1 53 ? -3.053  -13.690 4.615   1.00 35.65 ? 52  VAL A N   1 
ATOM   437 C  CA  . VAL A 1 53 ? -3.290  -12.841 3.451   1.00 37.69 ? 52  VAL A CA  1 
ATOM   438 C  C   . VAL A 1 53 ? -2.380  -11.604 3.430   1.00 36.99 ? 52  VAL A C   1 
ATOM   439 O  O   . VAL A 1 53 ? -1.819  -11.269 2.384   1.00 34.06 ? 52  VAL A O   1 
ATOM   440 C  CB  . VAL A 1 53 ? -4.783  -12.446 3.338   1.00 39.16 ? 52  VAL A CB  1 
ATOM   441 C  CG1 . VAL A 1 53 ? -5.025  -11.570 2.127   1.00 38.50 ? 52  VAL A CG1 1 
ATOM   442 C  CG2 . VAL A 1 53 ? -5.659  -13.697 3.266   1.00 42.18 ? 52  VAL A CG2 1 
ATOM   443 N  N   . VAL A 1 54 ? -2.211  -10.940 4.574   1.00 32.80 ? 53  VAL A N   1 
ATOM   444 C  CA  . VAL A 1 54 ? -1.299  -9.795  4.617   1.00 32.13 ? 53  VAL A CA  1 
ATOM   445 C  C   . VAL A 1 54 ? 0.161   -10.239 4.598   1.00 32.06 ? 53  VAL A C   1 
ATOM   446 O  O   . VAL A 1 54 ? 1.018   -9.522  4.074   1.00 32.36 ? 53  VAL A O   1 
ATOM   447 C  CB  . VAL A 1 54 ? -1.575  -8.815  5.792   1.00 34.07 ? 53  VAL A CB  1 
ATOM   448 C  CG1 . VAL A 1 54 ? -1.182  -9.429  7.118   1.00 33.88 ? 53  VAL A CG1 1 
ATOM   449 C  CG2 . VAL A 1 54 ? -0.833  -7.496  5.573   1.00 35.86 ? 53  VAL A CG2 1 
ATOM   450 N  N   . ASP A 1 55 ? 0.449   -11.422 5.144   1.00 32.04 ? 54  ASP A N   1 
ATOM   451 C  CA  . ASP A 1 55 ? 1.803   -11.965 5.047   1.00 32.03 ? 54  ASP A CA  1 
ATOM   452 C  C   . ASP A 1 55 ? 2.185   -12.113 3.582   1.00 30.87 ? 54  ASP A C   1 
ATOM   453 O  O   . ASP A 1 55 ? 3.305   -11.810 3.193   1.00 30.69 ? 54  ASP A O   1 
ATOM   454 C  CB  . ASP A 1 55 ? 1.911   -13.336 5.721   1.00 35.40 ? 54  ASP A CB  1 
ATOM   455 C  CG  . ASP A 1 55 ? 1.736   -13.271 7.225   1.00 36.80 ? 54  ASP A CG  1 
ATOM   456 O  OD1 . ASP A 1 55 ? 1.983   -12.200 7.822   1.00 36.23 ? 54  ASP A OD1 1 
ATOM   457 O  OD2 . ASP A 1 55 ? 1.352   -14.306 7.803   1.00 38.71 ? 54  ASP A OD2 1 
ATOM   458 N  N   . LYS A 1 56 ? 1.228   -12.576 2.785   1.00 30.08 ? 55  LYS A N   1 
ATOM   459 C  CA  . LYS A 1 56 ? 1.433   -12.865 1.368   1.00 32.16 ? 55  LYS A CA  1 
ATOM   460 C  C   . LYS A 1 56 ? 1.621   -11.574 0.573   1.00 32.30 ? 55  LYS A C   1 
ATOM   461 O  O   . LYS A 1 56 ? 2.453   -11.509 -0.333  1.00 31.24 ? 55  LYS A O   1 
ATOM   462 C  CB  . LYS A 1 56 ? 0.224   -13.650 0.859   1.00 32.68 ? 55  LYS A CB  1 
ATOM   463 C  CG  . LYS A 1 56 ? 0.142   -13.922 -0.628  1.00 39.09 ? 55  LYS A CG  1 
ATOM   464 C  CD  . LYS A 1 56 ? -1.245  -14.491 -0.948  1.00 44.18 ? 55  LYS A CD  1 
ATOM   465 C  CE  . LYS A 1 56 ? -1.183  -15.689 -1.873  1.00 47.21 ? 55  LYS A CE  1 
ATOM   466 N  NZ  . LYS A 1 56 ? -0.619  -15.324 -3.199  1.00 49.24 ? 55  LYS A NZ  1 
ATOM   467 N  N   . VAL A 1 57 ? 0.857   -10.541 0.920   1.00 28.76 ? 56  VAL A N   1 
ATOM   468 C  CA  . VAL A 1 57 ? 1.029   -9.253  0.265   1.00 26.87 ? 56  VAL A CA  1 
ATOM   469 C  C   . VAL A 1 57 ? 2.366   -8.638  0.639   1.00 26.97 ? 56  VAL A C   1 
ATOM   470 O  O   . VAL A 1 57 ? 3.078   -8.143  -0.229  1.00 26.97 ? 56  VAL A O   1 
ATOM   471 C  CB  . VAL A 1 57 ? -0.116  -8.271  0.592   1.00 29.70 ? 56  VAL A CB  1 
ATOM   472 C  CG1 . VAL A 1 57 ? 0.081   -6.976  -0.177  1.00 30.38 ? 56  VAL A CG1 1 
ATOM   473 C  CG2 . VAL A 1 57 ? -1.444  -8.890  0.222   1.00 31.95 ? 56  VAL A CG2 1 
ATOM   474 N  N   . MET A 1 58 ? 2.720   -8.679  1.919   1.00 26.06 ? 57  MET A N   1 
ATOM   475 C  CA  . MET A 1 58 ? 4.010   -8.143  2.338   1.00 26.83 ? 57  MET A CA  1 
ATOM   476 C  C   . MET A 1 58 ? 5.194   -8.886  1.711   1.00 24.83 ? 57  MET A C   1 
ATOM   477 O  O   . MET A 1 58 ? 6.195   -8.263  1.356   1.00 27.63 ? 57  MET A O   1 
ATOM   478 C  CB  . MET A 1 58 ? 4.146   -8.121  3.863   1.00 27.38 ? 57  MET A CB  1 
ATOM   479 C  CG  . MET A 1 58 ? 5.450   -7.481  4.335   1.00 23.90 ? 57  MET A CG  1 
ATOM   480 S  SD  . MET A 1 58 ? 5.577   -5.699  3.953   1.00 25.44 ? 57  MET A SD  1 
ATOM   481 C  CE  . MET A 1 58 ? 4.589   -5.010  5.276   1.00 24.39 ? 57  MET A CE  1 
ATOM   482 N  N   . GLU A 1 59 ? 5.086   -10.208 1.581   1.00 28.98 ? 58  GLU A N   1 
ATOM   483 C  CA  . GLU A 1 59 ? 6.142   -10.993 0.931   1.00 25.86 ? 58  GLU A CA  1 
ATOM   484 C  C   . GLU A 1 59 ? 6.382   -10.490 -0.485  1.00 25.93 ? 58  GLU A C   1 
ATOM   485 O  O   . GLU A 1 59 ? 7.529   -10.341 -0.924  1.00 29.66 ? 58  GLU A O   1 
ATOM   486 C  CB  . GLU A 1 59 ? 5.773   -12.482 0.886   1.00 28.87 ? 58  GLU A CB  1 
ATOM   487 C  CG  . GLU A 1 59 ? 6.939   -13.423 0.509   1.00 31.45 ? 58  GLU A CG  1 
ATOM   488 C  CD  . GLU A 1 59 ? 7.160   -13.604 -1.000  1.00 30.24 ? 58  GLU A CD  1 
ATOM   489 O  OE1 . GLU A 1 59 ? 6.257   -13.308 -1.814  1.00 32.51 ? 58  GLU A OE1 1 
ATOM   490 O  OE2 . GLU A 1 59 ? 8.253   -14.070 -1.375  1.00 32.15 ? 58  GLU A OE2 1 
ATOM   491 N  N   . THR A 1 60 ? 5.291   -10.244 -1.198  1.00 26.26 ? 59  THR A N   1 
ATOM   492 C  CA  . THR A 1 60 ? 5.370   -9.715  -2.549  1.00 27.12 ? 59  THR A CA  1 
ATOM   493 C  C   . THR A 1 60 ? 6.035   -8.343  -2.556  1.00 29.06 ? 59  THR A C   1 
ATOM   494 O  O   . THR A 1 60 ? 6.932   -8.087  -3.361  1.00 28.45 ? 59  THR A O   1 
ATOM   495 C  CB  . THR A 1 60 ? 3.978   -9.611  -3.197  1.00 27.03 ? 59  THR A CB  1 
ATOM   496 O  OG1 . THR A 1 60 ? 3.400   -10.917 -3.328  1.00 32.39 ? 59  THR A OG1 1 
ATOM   497 C  CG2 . THR A 1 60 ? 4.074   -8.959  -4.576  1.00 30.59 ? 59  THR A CG2 1 
ATOM   498 N  N   . LEU A 1 61 ? 5.607   -7.468  -1.646  1.00 28.53 ? 60  LEU A N   1 
ATOM   499 C  CA  . LEU A 1 61 ? 6.068   -6.075  -1.646  1.00 27.52 ? 60  LEU A CA  1 
ATOM   500 C  C   . LEU A 1 61 ? 7.465   -5.828  -1.085  1.00 25.23 ? 60  LEU A C   1 
ATOM   501 O  O   . LEU A 1 61 ? 8.136   -4.875  -1.486  1.00 25.67 ? 60  LEU A O   1 
ATOM   502 C  CB  . LEU A 1 61 ? 5.078   -5.182  -0.888  1.00 26.10 ? 60  LEU A CB  1 
ATOM   503 C  CG  . LEU A 1 61 ? 3.653   -5.108  -1.404  1.00 30.41 ? 60  LEU A CG  1 
ATOM   504 C  CD1 . LEU A 1 61 ? 2.907   -4.037  -0.637  1.00 27.89 ? 60  LEU A CD1 1 
ATOM   505 C  CD2 . LEU A 1 61 ? 3.634   -4.816  -2.902  1.00 31.57 ? 60  LEU A CD2 1 
ATOM   506 N  N   . ASP A 1 62 ? 7.895   -6.666  -0.142  1.00 26.69 ? 61  ASP A N   1 
ATOM   507 C  CA  . ASP A 1 62 ? 9.132   -6.418  0.601   1.00 29.78 ? 61  ASP A CA  1 
ATOM   508 C  C   . ASP A 1 62 ? 10.364  -6.888  -0.167  1.00 31.05 ? 61  ASP A C   1 
ATOM   509 O  O   . ASP A 1 62 ? 10.805  -8.018  -0.002  1.00 33.20 ? 61  ASP A O   1 
ATOM   510 C  CB  . ASP A 1 62 ? 9.049   -7.108  1.971   1.00 25.71 ? 61  ASP A CB  1 
ATOM   511 C  CG  . ASP A 1 62 ? 10.304  -6.938  2.793   1.00 31.01 ? 61  ASP A CG  1 
ATOM   512 O  OD1 . ASP A 1 62 ? 11.029  -5.949  2.578   1.00 26.38 ? 61  ASP A OD1 1 
ATOM   513 O  OD2 . ASP A 1 62 ? 10.568  -7.794  3.671   1.00 30.45 ? 61  ASP A OD2 1 
ATOM   514 N  N   . SER A 1 63 ? 10.947  -6.012  -0.979  1.00 25.75 ? 62  SER A N   1 
ATOM   515 C  CA  . SER A 1 63 ? 12.077  -6.406  -1.829  1.00 29.31 ? 62  SER A CA  1 
ATOM   516 C  C   . SER A 1 63 ? 13.447  -6.410  -1.143  1.00 29.29 ? 62  SER A C   1 
ATOM   517 O  O   . SER A 1 63 ? 14.427  -6.867  -1.732  1.00 33.99 ? 62  SER A O   1 
ATOM   518 C  CB  . SER A 1 63 ? 12.134  -5.533  -3.082  1.00 31.13 ? 62  SER A CB  1 
ATOM   519 O  OG  . SER A 1 63 ? 10.968  -5.679  -3.871  1.00 30.72 ? 62  SER A OG  1 
ATOM   520 N  N   . ASP A 1 64 ? 13.542  -5.897  0.081   1.00 27.26 ? 63  ASP A N   1 
ATOM   521 C  CA  . ASP A 1 64 ? 14.839  -5.902  0.768   1.00 28.19 ? 63  ASP A CA  1 
ATOM   522 C  C   . ASP A 1 64 ? 14.853  -6.736  2.047   1.00 33.20 ? 63  ASP A C   1 
ATOM   523 O  O   . ASP A 1 64 ? 15.785  -6.639  2.848   1.00 33.93 ? 63  ASP A O   1 
ATOM   524 C  CB  . ASP A 1 64 ? 15.344  -4.476  1.039   1.00 25.88 ? 63  ASP A CB  1 
ATOM   525 C  CG  . ASP A 1 64 ? 14.456  -3.706  2.010   1.00 30.79 ? 63  ASP A CG  1 
ATOM   526 O  OD1 . ASP A 1 64 ? 13.414  -4.242  2.438   1.00 25.97 ? 63  ASP A OD1 1 
ATOM   527 O  OD2 . ASP A 1 64 ? 14.806  -2.553  2.350   1.00 32.68 ? 63  ASP A OD2 1 
ATOM   528 N  N   . GLY A 1 65 ? 13.806  -7.534  2.234   1.00 31.81 ? 64  GLY A N   1 
ATOM   529 C  CA  . GLY A 1 65 ? 13.754  -8.534  3.288   1.00 34.52 ? 64  GLY A CA  1 
ATOM   530 C  C   . GLY A 1 65 ? 13.640  -8.068  4.728   1.00 33.80 ? 64  GLY A C   1 
ATOM   531 O  O   . GLY A 1 65 ? 13.874  -8.854  5.646   1.00 35.27 ? 64  GLY A O   1 
ATOM   532 N  N   . ASP A 1 66 ? 13.263  -6.811  4.945   1.00 31.87 ? 65  ASP A N   1 
ATOM   533 C  CA  . ASP A 1 66 ? 13.187  -6.285  6.309   1.00 32.78 ? 65  ASP A CA  1 
ATOM   534 C  C   . ASP A 1 66 ? 11.802  -6.462  6.947   1.00 30.92 ? 65  ASP A C   1 
ATOM   535 O  O   . ASP A 1 66 ? 11.568  -6.059  8.092   1.00 33.50 ? 65  ASP A O   1 
ATOM   536 C  CB  . ASP A 1 66 ? 13.646  -4.827  6.356   1.00 29.21 ? 65  ASP A CB  1 
ATOM   537 C  CG  . ASP A 1 66 ? 12.646  -3.872  5.738   1.00 27.87 ? 65  ASP A CG  1 
ATOM   538 O  OD1 . ASP A 1 66 ? 11.690  -4.329  5.069   1.00 27.33 ? 65  ASP A OD1 1 
ATOM   539 O  OD2 . ASP A 1 66 ? 12.826  -2.654  5.929   1.00 32.00 ? 65  ASP A OD2 1 
ATOM   540 N  N   . GLY A 1 67 ? 10.893  -7.078  6.199   1.00 27.10 ? 66  GLY A N   1 
ATOM   541 C  CA  . GLY A 1 67 ? 9.582   -7.429  6.711   1.00 26.95 ? 66  GLY A CA  1 
ATOM   542 C  C   . GLY A 1 67 ? 8.584   -6.288  6.683   1.00 29.94 ? 66  GLY A C   1 
ATOM   543 O  O   . GLY A 1 67 ? 7.455   -6.420  7.178   1.00 27.14 ? 66  GLY A O   1 
ATOM   544 N  N   . GLU A 1 68 ? 8.997   -5.167  6.098   1.00 27.59 ? 67  GLU A N   1 
ATOM   545 C  CA  . GLU A 1 68 ? 8.172   -3.964  6.076   1.00 27.56 ? 67  GLU A CA  1 
ATOM   546 C  C   . GLU A 1 68 ? 8.143   -3.390  4.674   1.00 28.66 ? 67  GLU A C   1 
ATOM   547 O  O   . GLU A 1 68 ? 8.976   -3.723  3.834   1.00 25.54 ? 67  GLU A O   1 
ATOM   548 C  CB  . GLU A 1 68 ? 8.732   -2.927  7.057   1.00 27.28 ? 67  GLU A CB  1 
ATOM   549 C  CG  . GLU A 1 68 ? 8.774   -3.419  8.517   1.00 27.09 ? 67  GLU A CG  1 
ATOM   550 C  CD  . GLU A 1 68 ? 8.596   -2.306  9.532   1.00 31.66 ? 67  GLU A CD  1 
ATOM   551 O  OE1 . GLU A 1 68 ? 8.065   -1.228  9.172   1.00 29.11 ? 67  GLU A OE1 1 
ATOM   552 O  OE2 . GLU A 1 68 ? 8.974   -2.514  10.712  1.00 31.11 ? 67  GLU A OE2 1 
ATOM   553 N  N   . CYS A 1 69 ? 7.183   -2.512  4.418   1.00 23.88 ? 68  CYS A N   1 
ATOM   554 C  CA  . CYS A 1 69 ? 7.102   -1.872  3.113   1.00 21.22 ? 68  CYS A CA  1 
ATOM   555 C  C   . CYS A 1 69 ? 7.556   -0.407  3.219   1.00 23.19 ? 68  CYS A C   1 
ATOM   556 O  O   . CYS A 1 69 ? 6.875   0.401   3.859   1.00 24.57 ? 68  CYS A O   1 
ATOM   557 C  CB  . CYS A 1 69 ? 5.659   -1.947  2.610   1.00 22.90 ? 68  CYS A CB  1 
ATOM   558 S  SG  . CYS A 1 69 ? 5.387   -1.191  0.987   1.00 24.28 ? 68  CYS A SG  1 
ATOM   559 N  N   . ASP A 1 70 ? 8.698   -0.069  2.609   1.00 23.84 ? 69  ASP A N   1 
ATOM   560 C  CA  . ASP A 1 70 ? 9.191   1.318   2.628   1.00 22.53 ? 69  ASP A CA  1 
ATOM   561 C  C   . ASP A 1 70 ? 8.554   2.141   1.503   1.00 22.12 ? 69  ASP A C   1 
ATOM   562 O  O   . ASP A 1 70 ? 7.667   1.644   0.804   1.00 21.64 ? 69  ASP A O   1 
ATOM   563 C  CB  . ASP A 1 70 ? 10.733  1.413   2.662   1.00 25.08 ? 69  ASP A CB  1 
ATOM   564 C  CG  . ASP A 1 70 ? 11.405  0.950   1.374   1.00 26.54 ? 69  ASP A CG  1 
ATOM   565 O  OD1 . ASP A 1 70 ? 10.717  0.775   0.347   1.00 26.47 ? 69  ASP A OD1 1 
ATOM   566 O  OD2 . ASP A 1 70 ? 12.649  0.793   1.386   1.00 30.04 ? 69  ASP A OD2 1 
ATOM   567 N  N   . PHE A 1 71 ? 8.954   3.401   1.351   1.00 24.48 ? 70  PHE A N   1 
ATOM   568 C  CA  . PHE A 1 71 ? 8.299   4.243   0.348   1.00 22.30 ? 70  PHE A CA  1 
ATOM   569 C  C   . PHE A 1 71 ? 8.484   3.721   -1.071  1.00 22.54 ? 70  PHE A C   1 
ATOM   570 O  O   . PHE A 1 71 ? 7.536   3.683   -1.847  1.00 22.99 ? 70  PHE A O   1 
ATOM   571 C  CB  . PHE A 1 71 ? 8.750   5.699   0.427   1.00 23.60 ? 70  PHE A CB  1 
ATOM   572 C  CG  . PHE A 1 71 ? 7.907   6.617   -0.408  1.00 24.90 ? 70  PHE A CG  1 
ATOM   573 C  CD1 . PHE A 1 71 ? 6.661   7.027   0.047   1.00 28.37 ? 70  PHE A CD1 1 
ATOM   574 C  CD2 . PHE A 1 71 ? 8.340   7.045   -1.655  1.00 27.00 ? 70  PHE A CD2 1 
ATOM   575 C  CE1 . PHE A 1 71 ? 5.864   7.864   -0.720  1.00 27.95 ? 70  PHE A CE1 1 
ATOM   576 C  CE2 . PHE A 1 71 ? 7.541   7.888   -2.425  1.00 28.59 ? 70  PHE A CE2 1 
ATOM   577 C  CZ  . PHE A 1 71 ? 6.310   8.290   -1.957  1.00 28.56 ? 70  PHE A CZ  1 
ATOM   578 N  N   . GLN A 1 72 ? 9.698   3.312   -1.409  1.00 22.36 ? 71  GLN A N   1 
ATOM   579 C  CA  . GLN A 1 72 ? 9.977   2.795   -2.747  1.00 25.62 ? 71  GLN A CA  1 
ATOM   580 C  C   . GLN A 1 72 ? 9.149   1.546   -3.031  1.00 24.71 ? 71  GLN A C   1 
ATOM   581 O  O   . GLN A 1 72 ? 8.596   1.359   -4.134  1.00 22.00 ? 71  GLN A O   1 
ATOM   582 C  CB  . GLN A 1 72 ? 11.466  2.475   -2.848  1.00 28.58 ? 71  GLN A CB  1 
ATOM   583 C  CG  . GLN A 1 72 ? 11.912  1.887   -4.158  1.00 30.49 ? 71  GLN A CG  1 
ATOM   584 C  CD  . GLN A 1 72 ? 13.410  1.619   -4.175  1.00 37.35 ? 71  GLN A CD  1 
ATOM   585 O  OE1 . GLN A 1 72 ? 14.001  1.242   -3.156  1.00 39.72 ? 71  GLN A OE1 1 
ATOM   586 N  NE2 . GLN A 1 72 ? 14.034  1.813   -5.334  1.00 46.57 ? 71  GLN A NE2 1 
ATOM   587 N  N   . GLU A 1 73 ? 9.053   0.682   -2.026  1.00 24.02 ? 72  GLU A N   1 
ATOM   588 C  CA  . GLU A 1 73 ? 8.259   -0.527  -2.156  1.00 21.76 ? 72  GLU A CA  1 
ATOM   589 C  C   . GLU A 1 73 ? 6.768   -0.204  -2.266  1.00 18.84 ? 72  GLU A C   1 
ATOM   590 O  O   . GLU A 1 73 ? 6.010   -0.892  -2.953  1.00 22.67 ? 72  GLU A O   1 
ATOM   591 C  CB  . GLU A 1 73 ? 8.568   -1.477  -0.988  1.00 21.90 ? 72  GLU A CB  1 
ATOM   592 C  CG  . GLU A 1 73 ? 10.006  -2.048  -1.041  1.00 24.79 ? 72  GLU A CG  1 
ATOM   593 C  CD  . GLU A 1 73 ? 10.480  -2.623  0.290   1.00 27.88 ? 72  GLU A CD  1 
ATOM   594 O  OE1 . GLU A 1 73 ? 9.882   -2.294  1.332   1.00 22.54 ? 72  GLU A OE1 1 
ATOM   595 O  OE2 . GLU A 1 73 ? 11.462  -3.399  0.312   1.00 25.40 ? 72  GLU A OE2 1 
ATOM   596 N  N   . PHE A 1 74 ? 6.340   0.875   -1.618  1.00 21.61 ? 73  PHE A N   1 
ATOM   597 C  CA  . PHE A 1 74 ? 4.951   1.286   -1.719  1.00 19.52 ? 73  PHE A CA  1 
ATOM   598 C  C   . PHE A 1 74 ? 4.640   1.805   -3.121  1.00 20.59 ? 73  PHE A C   1 
ATOM   599 O  O   . PHE A 1 74 ? 3.553   1.574   -3.653  1.00 21.86 ? 73  PHE A O   1 
ATOM   600 C  CB  . PHE A 1 74 ? 4.651   2.384   -0.697  1.00 22.03 ? 73  PHE A CB  1 
ATOM   601 C  CG  . PHE A 1 74 ? 3.232   2.858   -0.729  1.00 21.38 ? 73  PHE A CG  1 
ATOM   602 C  CD1 . PHE A 1 74 ? 2.193   2.014   -0.342  1.00 21.47 ? 73  PHE A CD1 1 
ATOM   603 C  CD2 . PHE A 1 74 ? 2.929   4.156   -1.135  1.00 20.97 ? 73  PHE A CD2 1 
ATOM   604 C  CE1 . PHE A 1 74 ? 0.879   2.449   -0.361  1.00 23.55 ? 73  PHE A CE1 1 
ATOM   605 C  CE2 . PHE A 1 74 ? 1.617   4.596   -1.150  1.00 22.40 ? 73  PHE A CE2 1 
ATOM   606 C  CZ  . PHE A 1 74 ? 0.596   3.743   -0.773  1.00 23.08 ? 73  PHE A CZ  1 
ATOM   607 N  N   . MET A 1 75 ? 5.595   2.502   -3.722  1.00 22.99 ? 74  MET A N   1 
ATOM   608 C  CA  . MET A 1 75 ? 5.414   2.948   -5.100  1.00 25.05 ? 74  MET A CA  1 
ATOM   609 C  C   . MET A 1 75 ? 5.192   1.778   -6.046  1.00 23.06 ? 74  MET A C   1 
ATOM   610 O  O   . MET A 1 75 ? 4.377   1.869   -6.968  1.00 23.03 ? 74  MET A O   1 
ATOM   611 C  CB  . MET A 1 75 ? 6.593   3.797   -5.558  1.00 26.66 ? 74  MET A CB  1 
ATOM   612 C  CG  . MET A 1 75 ? 6.734   5.092   -4.803  1.00 28.40 ? 74  MET A CG  1 
ATOM   613 S  SD  . MET A 1 75 ? 5.534   6.295   -5.360  1.00 33.46 ? 74  MET A SD  1 
ATOM   614 C  CE  . MET A 1 75 ? 4.185   6.012   -4.259  1.00 26.73 ? 74  MET A CE  1 
ATOM   615 N  N   . ALA A 1 76 ? 5.909   0.680   -5.808  1.00 20.48 ? 75  ALA A N   1 
ATOM   616 C  CA  . ALA A 1 76 ? 5.735   -0.523  -6.614  1.00 18.97 ? 75  ALA A CA  1 
ATOM   617 C  C   . ALA A 1 76 ? 4.347   -1.106  -6.387  1.00 23.16 ? 75  ALA A C   1 
ATOM   618 O  O   . ALA A 1 76 ? 3.702   -1.574  -7.324  1.00 23.79 ? 75  ALA A O   1 
ATOM   619 C  CB  . ALA A 1 76 ? 6.817   -1.533  -6.313  1.00 23.88 ? 75  ALA A CB  1 
ATOM   620 N  N   . PHE A 1 77 ? 3.865   -1.044  -5.146  1.00 21.68 ? 76  PHE A N   1 
ATOM   621 C  CA  . PHE A 1 77 ? 2.498   -1.453  -4.842  1.00 22.41 ? 76  PHE A CA  1 
ATOM   622 C  C   . PHE A 1 77 ? 1.486   -0.583  -5.585  1.00 22.87 ? 76  PHE A C   1 
ATOM   623 O  O   . PHE A 1 77 ? 0.567   -1.100  -6.219  1.00 21.13 ? 76  PHE A O   1 
ATOM   624 C  CB  . PHE A 1 77 ? 2.280   -1.397  -3.325  1.00 21.19 ? 76  PHE A CB  1 
ATOM   625 C  CG  . PHE A 1 77 ? 0.948   -1.916  -2.859  1.00 22.16 ? 76  PHE A CG  1 
ATOM   626 C  CD1 . PHE A 1 77 ? 0.412   -3.098  -3.357  1.00 24.81 ? 76  PHE A CD1 1 
ATOM   627 C  CD2 . PHE A 1 77 ? 0.257   -1.243  -1.867  1.00 26.47 ? 76  PHE A CD2 1 
ATOM   628 C  CE1 . PHE A 1 77 ? -0.812  -3.570  -2.889  1.00 27.46 ? 76  PHE A CE1 1 
ATOM   629 C  CE2 . PHE A 1 77 ? -0.962  -1.719  -1.387  1.00 27.64 ? 76  PHE A CE2 1 
ATOM   630 C  CZ  . PHE A 1 77 ? -1.491  -2.877  -1.902  1.00 25.22 ? 76  PHE A CZ  1 
ATOM   631 N  N   . VAL A 1 78 ? 1.673   0.734   -5.545  1.00 20.49 ? 77  VAL A N   1 
ATOM   632 C  CA  . VAL A 1 78 ? 0.820   1.651   -6.306  1.00 21.52 ? 77  VAL A CA  1 
ATOM   633 C  C   . VAL A 1 78 ? 0.808   1.318   -7.806  1.00 21.53 ? 77  VAL A C   1 
ATOM   634 O  O   . VAL A 1 78 ? -0.245  1.319   -8.433  1.00 22.21 ? 77  VAL A O   1 
ATOM   635 C  CB  . VAL A 1 78 ? 1.223   3.110   -6.054  1.00 23.97 ? 77  VAL A CB  1 
ATOM   636 C  CG1 . VAL A 1 78 ? 0.452   4.048   -6.973  1.00 23.28 ? 77  VAL A CG1 1 
ATOM   637 C  CG2 . VAL A 1 78 ? 0.941   3.472   -4.590  1.00 24.21 ? 77  VAL A CG2 1 
ATOM   638 N  N   . ALA A 1 79 ? 1.965   0.985   -8.368  1.00 21.67 ? 78  ALA A N   1 
ATOM   639 C  CA  . ALA A 1 79 ? 2.036   0.640   -9.790  1.00 21.85 ? 78  ALA A CA  1 
ATOM   640 C  C   . ALA A 1 79 ? 1.245   -0.634  -10.074 1.00 24.07 ? 78  ALA A C   1 
ATOM   641 O  O   . ALA A 1 79 ? 0.544   -0.722  -11.087 1.00 24.73 ? 78  ALA A O   1 
ATOM   642 C  CB  . ALA A 1 79 ? 3.491   0.484   -10.235 1.00 22.75 ? 78  ALA A CB  1 
ATOM   643 N  N   . MET A 1 80 ? 1.349   -1.613  -9.174  1.00 21.95 ? 79  MET A N   1 
ATOM   644 C  CA  . MET A 1 80 ? 0.576   -2.855  -9.282  1.00 24.37 ? 79  MET A CA  1 
ATOM   645 C  C   . MET A 1 80 ? -0.928  -2.583  -9.281  1.00 26.32 ? 79  MET A C   1 
ATOM   646 O  O   . MET A 1 80 ? -1.655  -3.076  -10.143 1.00 25.43 ? 79  MET A O   1 
ATOM   647 C  CB  . MET A 1 80 ? 0.916   -3.801  -8.124  1.00 24.50 ? 79  MET A CB  1 
ATOM   648 C  CG  . MET A 1 80 ? 2.300   -4.409  -8.187  1.00 30.35 ? 79  MET A CG  1 
ATOM   649 S  SD  . MET A 1 80 ? 2.748   -5.177  -6.608  1.00 39.86 ? 79  MET A SD  1 
ATOM   650 C  CE  . MET A 1 80 ? 1.250   -6.091  -6.227  1.00 40.64 ? 79  MET A CE  1 
ATOM   651 N  N   . ILE A 1 81 ? -1.389  -1.794  -8.311  1.00 23.18 ? 80  ILE A N   1 
ATOM   652 C  CA  . ILE A 1 81 ? -2.809  -1.481  -8.177  1.00 23.86 ? 80  ILE A CA  1 
ATOM   653 C  C   . ILE A 1 81 ? -3.319  -0.687  -9.375  1.00 24.97 ? 80  ILE A C   1 
ATOM   654 O  O   . ILE A 1 81 ? -4.413  -0.944  -9.890  1.00 25.67 ? 80  ILE A O   1 
ATOM   655 C  CB  . ILE A 1 81 ? -3.068  -0.687  -6.876  1.00 25.95 ? 80  ILE A CB  1 
ATOM   656 C  CG1 . ILE A 1 81 ? -2.715  -1.539  -5.663  1.00 25.77 ? 80  ILE A CG1 1 
ATOM   657 C  CG2 . ILE A 1 81 ? -4.511  -0.195  -6.787  1.00 25.38 ? 80  ILE A CG2 1 
ATOM   658 C  CD1 . ILE A 1 81 ? -2.395  -0.680  -4.467  1.00 30.03 ? 80  ILE A CD1 1 
ATOM   659 N  N   . THR A 1 82 ? -2.524  0.275   -9.833  1.00 22.65 ? 81  THR A N   1 
ATOM   660 C  CA  . THR A 1 82 ? -2.934  1.120   -10.944 1.00 22.93 ? 81  THR A CA  1 
ATOM   661 C  C   . THR A 1 82 ? -3.003  0.319   -12.247 1.00 24.75 ? 81  THR A C   1 
ATOM   662 O  O   . THR A 1 82 ? -3.902  0.528   -13.073 1.00 26.61 ? 81  THR A O   1 
ATOM   663 C  CB  . THR A 1 82 ? -1.975  2.315   -11.098 1.00 21.67 ? 81  THR A CB  1 
ATOM   664 O  OG1 . THR A 1 82 ? -1.922  3.026   -9.855  1.00 22.01 ? 81  THR A OG1 1 
ATOM   665 C  CG2 . THR A 1 82 ? -2.471  3.276   -12.169 1.00 21.23 ? 81  THR A CG2 1 
ATOM   666 N  N   . THR A 1 83 ? -2.047  -0.582  -12.421 1.00 26.11 ? 82  THR A N   1 
ATOM   667 C  CA  . THR A 1 83 ? -2.013  -1.463  -13.582 1.00 27.12 ? 82  THR A CA  1 
ATOM   668 C  C   . THR A 1 83 ? -3.247  -2.353  -13.585 1.00 27.06 ? 82  THR A C   1 
ATOM   669 O  O   . THR A 1 83 ? -3.878  -2.554  -14.622 1.00 31.81 ? 82  THR A O   1 
ATOM   670 C  CB  . THR A 1 83 ? -0.733  -2.305  -13.570 1.00 29.32 ? 82  THR A CB  1 
ATOM   671 O  OG1 . THR A 1 83 ? 0.384   -1.427  -13.747 1.00 27.89 ? 82  THR A OG1 1 
ATOM   672 C  CG2 . THR A 1 83 ? -0.745  -3.349  -14.686 1.00 33.05 ? 82  THR A CG2 1 
ATOM   673 N  N   . ALA A 1 84 ? -3.612  -2.857  -12.415 1.00 27.66 ? 83  ALA A N   1 
ATOM   674 C  CA  . ALA A 1 84 ? -4.809  -3.690  -12.304 1.00 27.43 ? 83  ALA A CA  1 
ATOM   675 C  C   . ALA A 1 84 ? -6.069  -2.909  -12.676 1.00 33.55 ? 83  ALA A C   1 
ATOM   676 O  O   . ALA A 1 84 ? -6.917  -3.396  -13.428 1.00 34.16 ? 83  ALA A O   1 
ATOM   677 C  CB  . ALA A 1 84 ? -4.930  -4.247  -10.907 1.00 32.41 ? 83  ALA A CB  1 
ATOM   678 N  N   . CYS A 1 85 ? -6.187  -1.700  -12.138 1.00 29.55 ? 84  CYS A N   1 
ATOM   679 C  CA  . CYS A 1 85 ? -7.320  -0.833  -12.420 1.00 28.07 ? 84  CYS A CA  1 
ATOM   680 C  C   . CYS A 1 85 ? -7.386  -0.501  -13.903 1.00 30.78 ? 84  CYS A C   1 
ATOM   681 O  O   . CYS A 1 85 ? -8.463  -0.452  -14.497 1.00 31.57 ? 84  CYS A O   1 
ATOM   682 C  CB  . CYS A 1 85 ? -7.188  0.458   -11.612 1.00 27.42 ? 84  CYS A CB  1 
ATOM   683 S  SG  . CYS A 1 85 ? -8.607  1.558   -11.730 1.00 31.08 ? 84  CYS A SG  1 
ATOM   684 N  N   . HIS A 1 86 ? -6.216  -0.271  -14.491 1.00 27.30 ? 85  HIS A N   1 
ATOM   685 C  CA  . HIS A 1 86 ? -6.095  0.127   -15.885 1.00 30.03 ? 85  HIS A CA  1 
ATOM   686 C  C   . HIS A 1 86 ? -6.625  -0.955  -16.806 1.00 33.02 ? 85  HIS A C   1 
ATOM   687 O  O   . HIS A 1 86 ? -7.227  -0.673  -17.847 1.00 31.37 ? 85  HIS A O   1 
ATOM   688 C  CB  . HIS A 1 86 ? -4.621  0.373   -16.207 1.00 25.69 ? 85  HIS A CB  1 
ATOM   689 C  CG  . HIS A 1 86 ? -4.373  0.892   -17.586 1.00 28.74 ? 85  HIS A CG  1 
ATOM   690 N  ND1 . HIS A 1 86 ? -3.454  0.316   -18.439 1.00 30.13 ? 85  HIS A ND1 1 
ATOM   691 C  CD2 . HIS A 1 86 ? -4.897  1.949   -18.251 1.00 29.63 ? 85  HIS A CD2 1 
ATOM   692 C  CE1 . HIS A 1 86 ? -3.431  0.991   -19.572 1.00 30.57 ? 85  HIS A CE1 1 
ATOM   693 N  NE2 . HIS A 1 86 ? -4.290  1.984   -19.488 1.00 32.04 ? 85  HIS A NE2 1 
ATOM   694 N  N   . GLU A 1 87 ? -6.382  -2.198  -16.418 1.00 32.19 ? 86  GLU A N   1 
ATOM   695 C  CA  . GLU A 1 87 ? -6.771  -3.345  -17.220 1.00 37.62 ? 86  GLU A CA  1 
ATOM   696 C  C   . GLU A 1 87 ? -8.127  -3.848  -16.761 1.00 37.08 ? 86  GLU A C   1 
ATOM   697 O  O   . GLU A 1 87 ? -8.465  -5.016  -16.947 1.00 42.18 ? 86  GLU A O   1 
ATOM   698 C  CB  . GLU A 1 87 ? -5.697  -4.429  -17.137 1.00 36.32 ? 86  GLU A CB  1 
ATOM   699 C  CG  . GLU A 1 87 ? -4.341  -3.932  -17.639 1.00 42.02 ? 86  GLU A CG  1 
ATOM   700 C  CD  . GLU A 1 87 ? -3.202  -4.908  -17.387 1.00 46.78 ? 86  GLU A CD  1 
ATOM   701 O  OE1 . GLU A 1 87 ? -3.397  -5.890  -16.631 1.00 51.08 ? 86  GLU A OE1 1 
ATOM   702 O  OE2 . GLU A 1 87 ? -2.107  -4.683  -17.948 1.00 47.52 ? 86  GLU A OE2 1 
ATOM   703 N  N   . PHE A 1 88 ? -8.889  -2.939  -16.154 1.00 39.61 ? 87  PHE A N   1 
ATOM   704 C  CA  . PHE A 1 88 ? -10.285 -3.179  -15.814 1.00 40.77 ? 87  PHE A CA  1 
ATOM   705 C  C   . PHE A 1 88 ? -10.462 -4.361  -14.865 1.00 40.16 ? 87  PHE A C   1 
ATOM   706 O  O   . PHE A 1 88 ? -11.499 -5.029  -14.888 1.00 39.28 ? 87  PHE A O   1 
ATOM   707 C  CB  . PHE A 1 88 ? -11.113 -3.384  -17.087 1.00 39.91 ? 87  PHE A CB  1 
ATOM   708 C  CG  . PHE A 1 88 ? -11.125 -2.190  -18.014 1.00 42.92 ? 87  PHE A CG  1 
ATOM   709 C  CD1 . PHE A 1 88 ? -12.018 -1.142  -17.811 1.00 40.14 ? 87  PHE A CD1 1 
ATOM   710 C  CD2 . PHE A 1 88 ? -10.253 -2.123  -19.096 1.00 42.05 ? 87  PHE A CD2 1 
ATOM   711 C  CE1 . PHE A 1 88 ? -12.043 -0.048  -18.672 1.00 37.55 ? 87  PHE A CE1 1 
ATOM   712 C  CE2 . PHE A 1 88 ? -10.267 -1.033  -19.959 1.00 40.22 ? 87  PHE A CE2 1 
ATOM   713 C  CZ  . PHE A 1 88 ? -11.160 0.005   -19.748 1.00 37.73 ? 87  PHE A CZ  1 
ATOM   714 N  N   . PHE A 1 89 ? -9.450  -4.612  -14.033 1.00 39.21 ? 88  PHE A N   1 
ATOM   715 C  CA  . PHE A 1 89 ? -9.510  -5.671  -13.025 1.00 43.52 ? 88  PHE A CA  1 
ATOM   716 C  C   . PHE A 1 89 ? -9.865  -7.015  -13.655 1.00 46.92 ? 88  PHE A C   1 
ATOM   717 O  O   . PHE A 1 89 ? -10.759 -7.728  -13.194 1.00 51.23 ? 88  PHE A O   1 
ATOM   718 C  CB  . PHE A 1 89 ? -10.509 -5.300  -11.929 1.00 44.39 ? 88  PHE A CB  1 
ATOM   719 C  CG  . PHE A 1 89 ? -10.114 -4.079  -11.145 1.00 41.96 ? 88  PHE A CG  1 
ATOM   720 C  CD1 . PHE A 1 89 ? -9.094  -4.148  -10.207 1.00 42.13 ? 88  PHE A CD1 1 
ATOM   721 C  CD2 . PHE A 1 89 ? -10.759 -2.868  -11.345 1.00 44.01 ? 88  PHE A CD2 1 
ATOM   722 C  CE1 . PHE A 1 89 ? -8.721  -3.031  -9.478  1.00 41.99 ? 88  PHE A CE1 1 
ATOM   723 C  CE2 . PHE A 1 89 ? -10.392 -1.741  -10.620 1.00 40.59 ? 88  PHE A CE2 1 
ATOM   724 C  CZ  . PHE A 1 89 ? -9.375  -1.825  -9.682  1.00 39.58 ? 88  PHE A CZ  1 
ATOM   725 N  N   . GLU A 1 90 ? -9.141  -7.341  -14.716 1.00 47.65 ? 89  GLU A N   1 
ATOM   726 C  CA  . GLU A 1 90 ? -9.436  -8.486  -15.562 1.00 46.79 ? 89  GLU A CA  1 
ATOM   727 C  C   . GLU A 1 90 ? -8.613  -9.690  -15.133 1.00 48.32 ? 89  GLU A C   1 
ATOM   728 O  O   . GLU A 1 90 ? -8.992  -10.839 -15.381 1.00 49.70 ? 89  GLU A O   1 
ATOM   729 C  CB  . GLU A 1 90 ? -9.101  -8.108  -17.005 1.00 48.74 ? 89  GLU A CB  1 
ATOM   730 C  CG  . GLU A 1 90 ? -9.536  -9.080  -18.078 1.00 52.89 ? 89  GLU A CG  1 
ATOM   731 C  CD  . GLU A 1 90 ? -9.481  -8.442  -19.455 1.00 57.70 ? 89  GLU A CD  1 
ATOM   732 O  OE1 . GLU A 1 90 ? -8.666  -8.886  -20.293 1.00 62.17 ? 89  GLU A OE1 1 
ATOM   733 O  OE2 . GLU A 1 90 ? -10.253 -7.486  -19.693 1.00 60.97 ? 89  GLU A OE2 1 
ATOM   734 N  N   . HIS A 1 91 ? -7.484  -9.419  -14.484 1.00 50.26 ? 90  HIS A N   1 
ATOM   735 C  CA  . HIS A 1 91 ? -6.527  -10.460 -14.120 1.00 49.56 ? 90  HIS A CA  1 
ATOM   736 C  C   . HIS A 1 91 ? -6.247  -10.477 -12.620 1.00 51.20 ? 90  HIS A C   1 
ATOM   737 O  O   . HIS A 1 91 ? -5.655  -11.429 -12.104 1.00 53.01 ? 90  HIS A O   1 
ATOM   738 C  CB  . HIS A 1 91 ? -5.224  -10.268 -14.900 1.00 49.19 ? 90  HIS A CB  1 
ATOM   739 C  CG  . HIS A 1 91 ? -5.409  -10.254 -16.386 1.00 50.94 ? 90  HIS A CG  1 
ATOM   740 N  ND1 . HIS A 1 91 ? -5.959  -11.315 -17.076 1.00 51.34 ? 90  HIS A ND1 1 
ATOM   741 C  CD2 . HIS A 1 91 ? -5.121  -9.312  -17.315 1.00 50.01 ? 90  HIS A CD2 1 
ATOM   742 C  CE1 . HIS A 1 91 ? -6.006  -11.023 -18.363 1.00 55.09 ? 90  HIS A CE1 1 
ATOM   743 N  NE2 . HIS A 1 91 ? -5.503  -9.813  -18.536 1.00 51.47 ? 90  HIS A NE2 1 
HETATM 744 CA CA  . CA  B 2 .  ? 5.484   2.263   10.650  1.00 25.43 ? 101 CA  A CA  1 
HETATM 745 CA CA  . CA  C 2 .  ? 11.193  -3.699  2.844   1.00 25.59 ? 102 CA  A CA  1 
HETATM 746 C  C1  . 5D0 D 3 .  ? -13.581 -0.158  -10.412 0.66 41.98 ? 103 5D0 A C1  1 
HETATM 747 C  C2  . 5D0 D 3 .  ? -14.204 1.226   -10.238 0.33 46.19 ? 103 5D0 A C2  1 
HETATM 748 C  C3  . 5D0 D 3 .  ? -14.097 2.067   -11.509 0.66 42.24 ? 103 5D0 A C3  1 
HETATM 749 C  C8  . 5D0 D 3 .  ? -10.847 2.718   -14.611 0.66 33.40 ? 103 5D0 A C8  1 
HETATM 750 C  C9  . 5D0 D 3 .  ? -10.595 1.571   -15.350 0.66 33.33 ? 103 5D0 A C9  1 
HETATM 751 C  C10 . 5D0 D 3 .  ? -10.040 1.677   -16.617 0.66 33.98 ? 103 5D0 A C10 1 
HETATM 752 C  C11 . 5D0 D 3 .  ? -9.741  2.919   -17.159 0.66 32.60 ? 103 5D0 A C11 1 
HETATM 753 C  C12 . 5D0 D 3 .  ? -9.985  4.074   -16.417 0.66 31.61 ? 103 5D0 A C12 1 
HETATM 754 C  C13 . 5D0 D 3 .  ? -10.537 3.971   -15.144 0.66 32.71 ? 103 5D0 A C13 1 
HETATM 755 C  C14 . 5D0 D 3 .  ? -13.571 -2.290  -9.225  0.66 40.41 ? 103 5D0 A C14 1 
HETATM 756 C  C15 . 5D0 D 3 .  ? -12.655 -2.712  -8.274  0.66 42.83 ? 103 5D0 A C15 1 
HETATM 757 C  C16 . 5D0 D 3 .  ? -12.288 -4.047  -8.189  0.66 42.65 ? 103 5D0 A C16 1 
HETATM 758 C  C19 . 5D0 D 3 .  ? -14.121 -3.209  -10.105 0.66 39.25 ? 103 5D0 A C19 1 
HETATM 759 C  C20 . 5D0 D 3 .  ? -9.138  2.982   -18.533 0.66 33.64 ? 103 5D0 A C20 1 
HETATM 760 C  C21 . 5D0 D 3 .  ? -12.440 -6.411  -8.990  0.66 42.06 ? 103 5D0 A C21 1 
HETATM 761 N  N23 . 5D0 D 3 .  ? -11.771 -6.871  -7.938  0.66 45.41 ? 103 5D0 A N23 1 
HETATM 762 N  N25 . 5D0 D 3 .  ? -9.312  3.989   -19.266 0.66 35.18 ? 103 5D0 A N25 1 
HETATM 763 C  C27 . 5D0 D 3 .  ? -11.601 -9.090  -9.058  0.66 45.75 ? 103 5D0 A C27 1 
HETATM 764 C  C30 . 5D0 D 3 .  ? -8.629  2.922   -21.238 0.66 33.38 ? 103 5D0 A C30 1 
HETATM 765 C  C31 . 5D0 D 3 .  ? -8.652  4.273   -20.534 0.66 32.35 ? 103 5D0 A C31 1 
HETATM 766 C  C4  . 5D0 D 3 .  ? -12.864 2.966   -11.491 0.66 40.96 ? 103 5D0 A C4  1 
HETATM 767 C  C5  . 5D0 D 3 .  ? -12.470 3.390   -12.903 0.66 41.86 ? 103 5D0 A C5  1 
HETATM 768 O  O6  . 5D0 D 3 .  ? -11.386 2.581   -13.354 0.66 38.70 ? 103 5D0 A O6  1 
HETATM 769 O  O7  . 5D0 D 3 .  ? -13.924 -0.966  -9.285  0.66 46.94 ? 103 5D0 A O7  1 
HETATM 770 C  C17 . 5D0 D 3 .  ? -12.840 -4.967  -9.067  0.66 42.83 ? 103 5D0 A C17 1 
HETATM 771 C  C18 . 5D0 D 3 .  ? -13.748 -4.545  -10.028 0.66 40.76 ? 103 5D0 A C18 1 
HETATM 772 N  N22 . 5D0 D 3 .  ? -12.715 -7.192  -9.938  0.66 43.40 ? 103 5D0 A N22 1 
HETATM 773 N  N24 . 5D0 D 3 .  ? -8.416  1.960   -18.984 0.66 30.55 ? 103 5D0 A N24 1 
HETATM 774 C  C26 . 5D0 D 3 .  ? -11.961 -8.365  -10.349 0.66 46.99 ? 103 5D0 A C26 1 
HETATM 775 C  C28 . 5D0 D 3 .  ? -11.068 -8.140  -7.988  0.66 43.91 ? 103 5D0 A C28 1 
HETATM 776 C  C29 . 5D0 D 3 .  ? -7.932  1.899   -20.349 0.66 34.81 ? 103 5D0 A C29 1 
HETATM 777 O  O   . HOH E 4 .  ? 6.714   -9.065  7.534   1.00 40.13 ? 201 HOH A O   1 
HETATM 778 O  O   . HOH E 4 .  ? -7.319  5.561   9.330   1.00 42.24 ? 202 HOH A O   1 
HETATM 779 O  O   . HOH E 4 .  ? 3.751   10.656  13.787  1.00 37.07 ? 203 HOH A O   1 
HETATM 780 O  O   . HOH E 4 .  ? -1.947  -1.544  -18.243 1.00 42.40 ? 204 HOH A O   1 
HETATM 781 O  O   . HOH E 4 .  ? 12.706  -9.512  0.130   1.00 38.46 ? 205 HOH A O   1 
HETATM 782 O  O   . HOH E 4 .  ? 0.336   -5.079  -17.972 1.00 47.12 ? 206 HOH A O   1 
HETATM 783 O  O   . HOH E 4 .  ? -6.957  -8.333  -0.463  1.00 45.29 ? 207 HOH A O   1 
HETATM 784 O  O   . HOH E 4 .  ? -8.618  -3.758  8.821   1.00 40.62 ? 208 HOH A O   1 
HETATM 785 O  O   . HOH E 4 .  ? -2.760  8.178   10.809  0.5  34.83 ? 209 HOH A O   1 
HETATM 786 O  O   . HOH E 4 .  ? -5.402  9.336   2.301   1.00 31.17 ? 210 HOH A O   1 
HETATM 787 O  O   . HOH E 4 .  ? 8.890   -4.826  11.666  1.00 35.86 ? 211 HOH A O   1 
HETATM 788 O  O   . HOH E 4 .  ? -5.226  7.987   9.382   1.00 37.33 ? 212 HOH A O   1 
HETATM 789 O  O   . HOH E 4 .  ? 13.917  -0.050  -0.614  1.00 33.60 ? 213 HOH A O   1 
HETATM 790 O  O   . HOH E 4 .  ? 13.242  -0.064  10.358  1.00 41.52 ? 214 HOH A O   1 
HETATM 791 O  O   . HOH E 4 .  ? -6.648  -12.024 11.186  1.00 46.40 ? 215 HOH A O   1 
HETATM 792 O  O   . HOH E 4 .  ? 14.026  1.740   3.312   1.00 38.00 ? 216 HOH A O   1 
HETATM 793 O  O   . HOH E 4 .  ? -8.621  -12.208 4.005   1.00 44.17 ? 217 HOH A O   1 
HETATM 794 O  O   . HOH E 4 .  ? 3.671   -13.553 -1.712  1.00 31.81 ? 218 HOH A O   1 
HETATM 795 O  O   . HOH E 4 .  ? 12.004  -1.584  3.701   1.00 27.81 ? 219 HOH A O   1 
HETATM 796 O  O   . HOH E 4 .  ? 8.640   -0.784  12.632  1.00 31.50 ? 220 HOH A O   1 
HETATM 797 O  O   . HOH E 4 .  ? -11.489 2.422   0.311   1.00 32.67 ? 221 HOH A O   1 
HETATM 798 O  O   . HOH E 4 .  ? -14.249 -7.149  0.166   1.00 49.61 ? 222 HOH A O   1 
HETATM 799 O  O   . HOH E 4 .  ? -9.226  13.644  -10.749 1.00 36.77 ? 223 HOH A O   1 
HETATM 800 O  O   . HOH E 4 .  ? 13.274  -2.449  -1.432  1.00 29.87 ? 224 HOH A O   1 
HETATM 801 O  O   . HOH E 4 .  ? -5.169  23.024  -7.811  1.00 46.87 ? 225 HOH A O   1 
HETATM 802 O  O   . HOH E 4 .  ? 9.310   1.939   -6.663  1.00 33.61 ? 226 HOH A O   1 
HETATM 803 O  O   . HOH E 4 .  ? 7.893   -16.049 -3.175  1.00 30.47 ? 227 HOH A O   1 
HETATM 804 O  O   . HOH E 4 .  ? 14.385  -11.482 5.261   1.00 45.81 ? 228 HOH A O   1 
HETATM 805 O  O   . HOH E 4 .  ? -11.902 -3.189  3.030   1.00 31.80 ? 229 HOH A O   1 
HETATM 806 O  O   . HOH E 4 .  ? 9.549   -10.286 3.368   1.00 36.86 ? 230 HOH A O   1 
HETATM 807 O  O   . HOH E 4 .  ? -6.684  7.264   0.745   1.00 26.35 ? 231 HOH A O   1 
HETATM 808 O  O   . HOH E 4 .  ? 15.832  -0.675  0.649   1.00 43.25 ? 232 HOH A O   1 
HETATM 809 O  O   . HOH E 4 .  ? -12.687 3.523   4.566   1.00 45.75 ? 233 HOH A O   1 
HETATM 810 O  O   . HOH E 4 .  ? 10.244  -6.855  10.369  1.00 37.86 ? 234 HOH A O   1 
HETATM 811 O  O   . HOH E 4 .  ? -0.955  -5.372  -11.490 1.00 36.29 ? 235 HOH A O   1 
HETATM 812 O  O   . HOH E 4 .  ? -5.364  -9.311  -21.241 1.00 53.79 ? 236 HOH A O   1 
HETATM 813 O  O   . HOH E 4 .  ? 5.308   -12.194 5.044   1.00 37.33 ? 237 HOH A O   1 
HETATM 814 O  O   . HOH E 4 .  ? 0.658   -10.791 -3.580  1.00 43.81 ? 238 HOH A O   1 
HETATM 815 O  O   . HOH E 4 .  ? 10.596  4.895   3.422   1.00 26.45 ? 239 HOH A O   1 
HETATM 816 O  O   . HOH E 4 .  ? 9.519   -3.450  -4.623  1.00 36.53 ? 240 HOH A O   1 
HETATM 817 O  O   . HOH E 4 .  ? 1.116   2.967   17.913  1.00 43.24 ? 241 HOH A O   1 
HETATM 818 O  O   . HOH E 4 .  ? 2.196   -1.389  -15.842 1.00 28.71 ? 242 HOH A O   1 
HETATM 819 O  O   . HOH E 4 .  ? -3.866  -4.053  11.409  1.00 33.29 ? 243 HOH A O   1 
HETATM 820 O  O   . HOH E 4 .  ? -9.844  16.943  -7.850  1.00 43.95 ? 244 HOH A O   1 
HETATM 821 O  O   . HOH E 4 .  ? -10.838 6.641   2.913   1.00 34.07 ? 245 HOH A O   1 
HETATM 822 O  O   . HOH E 4 .  ? -6.190  14.318  -8.513  1.00 31.36 ? 246 HOH A O   1 
HETATM 823 O  O   . HOH E 4 .  ? -5.352  -14.621 10.866  1.00 45.95 ? 247 HOH A O   1 
HETATM 824 O  O   . HOH E 4 .  ? 9.828   -10.645 0.627   1.00 35.60 ? 248 HOH A O   1 
HETATM 825 O  O   . HOH E 4 .  ? -5.296  13.166  2.913   1.00 34.34 ? 249 HOH A O   1 
HETATM 826 O  O   . HOH E 4 .  ? 6.507   0.215   11.005  1.00 26.81 ? 250 HOH A O   1 
HETATM 827 O  O   . HOH E 4 .  ? -9.825  -3.616  1.154   1.00 30.17 ? 251 HOH A O   1 
HETATM 828 O  O   . HOH E 4 .  ? -8.612  -11.345 1.808   1.00 42.39 ? 252 HOH A O   1 
HETATM 829 O  O   . HOH E 4 .  ? -12.424 -10.656 2.383   1.00 44.52 ? 253 HOH A O   1 
HETATM 830 O  O   . HOH E 4 .  ? -10.046 5.766   6.056   1.00 43.85 ? 254 HOH A O   1 
HETATM 831 O  O   . HOH E 4 .  ? 7.151   -12.508 -4.387  1.00 27.79 ? 255 HOH A O   1 
HETATM 832 O  O   . HOH E 4 .  ? 7.030   -3.493  -3.710  1.00 29.63 ? 256 HOH A O   1 
HETATM 833 O  O   . HOH E 4 .  ? 10.874  6.094   12.905  1.00 40.09 ? 257 HOH A O   1 
HETATM 834 O  O   . HOH E 4 .  ? -3.910  -16.651 8.580   1.00 41.18 ? 258 HOH A O   1 
HETATM 835 O  O   . HOH E 4 .  ? -2.848  -11.929 -0.213  1.00 47.60 ? 259 HOH A O   1 
HETATM 836 O  O   . HOH E 4 .  ? -14.501 -4.635  -0.033  1.00 50.19 ? 260 HOH A O   1 
HETATM 837 O  O   . HOH E 4 .  ? 16.011  1.993   7.202   1.00 52.69 ? 261 HOH A O   1 
HETATM 838 O  O   . HOH E 4 .  ? 12.933  3.827   4.835   1.00 34.36 ? 262 HOH A O   1 
HETATM 839 O  O   . HOH E 4 .  ? 5.033   -2.783  -9.589  1.00 30.19 ? 263 HOH A O   1 
HETATM 840 O  O   . HOH E 4 .  ? -4.373  10.362  0.077   1.00 30.02 ? 264 HOH A O   1 
HETATM 841 O  O   . HOH E 4 .  ? 11.879  -2.390  11.042  1.00 38.72 ? 265 HOH A O   1 
HETATM 842 O  O   . HOH E 4 .  ? -10.491 -7.068  8.935   1.00 42.30 ? 266 HOH A O   1 
HETATM 843 O  O   . HOH E 4 .  ? 5.081   9.200   8.989   1.00 36.16 ? 267 HOH A O   1 
HETATM 844 O  O   . HOH E 4 .  ? 4.651   -12.461 -5.519  1.00 33.59 ? 268 HOH A O   1 
HETATM 845 O  O   . HOH E 4 .  ? -5.770  19.148  -14.040 1.00 31.91 ? 269 HOH A O   1 
HETATM 846 O  O   . HOH E 4 .  ? -8.111  -8.523  -3.681  1.00 48.36 ? 270 HOH A O   1 
HETATM 847 O  O   . HOH E 4 .  ? -6.173  -6.823  -13.644 1.00 43.68 ? 271 HOH A O   1 
HETATM 848 O  O   . HOH E 4 .  ? -1.178  -7.636  11.282  1.00 33.33 ? 272 HOH A O   1 
HETATM 849 O  O   . HOH E 4 .  ? -1.353  -2.627  15.417  1.00 37.49 ? 273 HOH A O   1 
HETATM 850 O  O   . HOH E 4 .  ? 4.852   3.591   -9.534  0.5  33.07 ? 274 HOH A O   1 
HETATM 851 O  O   . HOH E 4 .  ? 6.833   -6.476  -6.043  1.00 46.69 ? 275 HOH A O   1 
HETATM 852 O  O   . HOH E 4 .  ? -2.930  23.455  -12.104 1.00 44.61 ? 276 HOH A O   1 
HETATM 853 O  O   . HOH E 4 .  ? 7.063   -10.752 11.349  1.00 39.83 ? 277 HOH A O   1 
HETATM 854 O  O   . HOH E 4 .  ? 5.100   -12.686 7.397   1.00 45.63 ? 278 HOH A O   1 
HETATM 855 O  O   . HOH E 4 .  ? -12.487 -3.111  6.924   1.00 42.78 ? 279 HOH A O   1 
HETATM 856 O  O   . HOH E 4 .  ? -4.701  12.921  0.042   1.00 30.68 ? 280 HOH A O   1 
HETATM 857 O  O   . HOH E 4 .  ? 15.451  -3.768  -2.532  1.00 42.31 ? 281 HOH A O   1 
HETATM 858 O  O   . HOH E 4 .  ? 12.423  4.096   0.575   1.00 33.42 ? 282 HOH A O   1 
HETATM 859 O  O   . HOH E 4 .  ? -12.755 4.809   1.473   1.00 37.44 ? 283 HOH A O   1 
HETATM 860 O  O   . HOH E 4 .  ? 3.238   -2.735  -11.855 1.00 34.27 ? 284 HOH A O   1 
HETATM 861 O  O   . HOH E 4 .  ? 10.945  1.762   15.763  1.00 44.76 ? 285 HOH A O   1 
HETATM 862 O  O   . HOH E 4 .  ? -14.303 -3.583  3.087   1.00 43.69 ? 286 HOH A O   1 
HETATM 863 O  O   . HOH E 4 .  ? 7.350   1.753   -9.015  1.00 39.57 ? 287 HOH A O   1 
HETATM 864 O  O   . HOH E 4 .  ? -3.345  -2.106  13.477  1.00 39.02 ? 288 HOH A O   1 
HETATM 865 O  O   . HOH E 4 .  ? -2.268  -6.739  -13.226 1.00 44.00 ? 289 HOH A O   1 
HETATM 866 O  O   . HOH E 4 .  ? 4.099   -1.105  -13.805 1.00 36.20 ? 290 HOH A O   1 
HETATM 867 O  O   . HOH E 4 .  ? 12.085  6.232   -1.704  1.00 34.07 ? 291 HOH A O   1 
HETATM 868 O  O   . HOH E 4 .  ? 8.961   -8.813  9.914   1.00 44.67 ? 292 HOH A O   1 
HETATM 869 O  O   . HOH E 4 .  ? 6.947   -10.573 4.919   1.00 42.80 ? 293 HOH A O   1 
HETATM 870 O  O   . HOH E 4 .  ? 10.836  -0.383  15.249  1.00 49.12 ? 294 HOH A O   1 
HETATM 871 O  O   . HOH E 4 .  ? -7.625  20.651  -13.091 1.00 41.67 ? 295 HOH A O   1 
HETATM 872 O  O   . HOH E 4 .  ? 10.492  -10.194 8.729   1.00 45.00 ? 296 HOH A O   1 
HETATM 873 O  O   . HOH E 4 .  ? -7.939  10.206  3.011   1.00 35.88 ? 297 HOH A O   1 
HETATM 874 O  O   . HOH E 4 .  ? 12.439  3.529   14.319  1.00 50.13 ? 298 HOH A O   1 
HETATM 875 O  O   . HOH E 4 .  ? 1.903   -4.989  -12.311 1.00 37.13 ? 299 HOH A O   1 
HETATM 876 O  O   . HOH E 4 .  ? -1.642  0.169   -22.171 1.00 39.58 ? 300 HOH A O   1 
HETATM 877 O  O   . HOH E 4 .  ? 9.334   -3.904  -7.488  1.00 41.54 ? 301 HOH A O   1 
HETATM 878 O  O   . HOH E 4 .  ? 9.351   -1.989  15.023  1.00 38.80 ? 302 HOH A O   1 
HETATM 879 O  O   . HOH E 4 .  ? 10.612  -5.184  13.818  1.00 49.07 ? 303 HOH A O   1 
HETATM 880 O  O   . HOH E 4 .  ? -0.124  -8.143  -3.693  1.00 47.65 ? 304 HOH A O   1 
HETATM 881 O  O   . HOH E 4 .  ? 6.798   11.432  9.865   1.00 40.36 ? 305 HOH A O   1 
HETATM 882 O  O   . HOH E 4 .  ? -4.079  -10.452 -1.470  1.00 47.62 ? 306 HOH A O   1 
HETATM 883 O  O   . HOH E 4 .  ? 7.185   -0.698  -10.116 1.00 36.60 ? 307 HOH A O   1 
HETATM 884 O  O   . HOH E 4 .  ? -2.995  -6.289  13.068  1.00 41.48 ? 308 HOH A O   1 
# 
loop_
_pdbx_poly_seq_scheme.asym_id 
_pdbx_poly_seq_scheme.entity_id 
_pdbx_poly_seq_scheme.seq_id 
_pdbx_poly_seq_scheme.mon_id 
_pdbx_poly_seq_scheme.ndb_seq_num 
_pdbx_poly_seq_scheme.pdb_seq_num 
_pdbx_poly_seq_scheme.auth_seq_num 
_pdbx_poly_seq_scheme.pdb_mon_id 
_pdbx_poly_seq_scheme.auth_mon_id 
_pdbx_poly_seq_scheme.pdb_strand_id 
_pdbx_poly_seq_scheme.pdb_ins_code 
_pdbx_poly_seq_scheme.hetero 
A 1 1  MET 1  0  0  MET MET A . n 
A 1 2  SER 2  1  1  SER SER A . n 
A 1 3  GLU 3  2  2  GLU GLU A . n 
A 1 4  LEU 4  3  3  LEU LEU A . n 
A 1 5  GLU 5  4  4  GLU GLU A . n 
A 1 6  LYS 6  5  5  LYS LYS A . n 
A 1 7  ALA 7  6  6  ALA ALA A . n 
A 1 8  VAL 8  7  7  VAL VAL A . n 
A 1 9  VAL 9  8  8  VAL VAL A . n 
A 1 10 ALA 10 9  9  ALA ALA A . n 
A 1 11 LEU 11 10 10 LEU LEU A . n 
A 1 12 ILE 12 11 11 ILE ILE A . n 
A 1 13 ASP 13 12 12 ASP ASP A . n 
A 1 14 VAL 14 13 13 VAL VAL A . n 
A 1 15 PHE 15 14 14 PHE PHE A . n 
A 1 16 HIS 16 15 15 HIS HIS A . n 
A 1 17 GLN 17 16 16 GLN GLN A . n 
A 1 18 TYR 18 17 17 TYR TYR A . n 
A 1 19 SER 19 18 18 SER SER A . n 
A 1 20 GLY 20 19 19 GLY GLY A . n 
A 1 21 ARG 21 20 20 ARG ARG A . n 
A 1 22 GLU 22 21 21 GLU GLU A . n 
A 1 23 GLY 23 22 22 GLY GLY A . n 
A 1 24 ASP 24 23 23 ASP ASP A . n 
A 1 25 LYS 25 24 24 LYS LYS A . n 
A 1 26 HIS 26 25 25 HIS HIS A . n 
A 1 27 LYS 27 26 26 LYS LYS A . n 
A 1 28 LEU 28 27 27 LEU LEU A . n 
A 1 29 LYS 29 28 28 LYS LYS A . n 
A 1 30 LYS 30 29 29 LYS LYS A . n 
A 1 31 SER 31 30 30 SER SER A . n 
A 1 32 GLU 32 31 31 GLU GLU A . n 
A 1 33 LEU 33 32 32 LEU LEU A . n 
A 1 34 LYS 34 33 33 LYS LYS A . n 
A 1 35 GLU 35 34 34 GLU GLU A . n 
A 1 36 LEU 36 35 35 LEU LEU A . n 
A 1 37 ILE 37 36 36 ILE ILE A . n 
A 1 38 ASN 38 37 37 ASN ASN A . n 
A 1 39 ASN 39 38 38 ASN ASN A . n 
A 1 40 GLU 40 39 39 GLU GLU A . n 
A 1 41 LEU 41 40 40 LEU LEU A . n 
A 1 42 SER 42 41 41 SER SER A . n 
A 1 43 HIS 43 42 42 HIS HIS A . n 
A 1 44 PHE 44 43 43 PHE PHE A . n 
A 1 45 LEU 45 44 44 LEU LEU A . n 
A 1 46 GLU 46 45 45 GLU GLU A . n 
A 1 47 GLU 47 46 46 GLU GLU A . n 
A 1 48 ILE 48 47 47 ILE ILE A . n 
A 1 49 LYS 49 48 48 LYS LYS A . n 
A 1 50 GLU 50 49 49 GLU GLU A . n 
A 1 51 GLN 51 50 50 GLN GLN A . n 
A 1 52 GLU 52 51 51 GLU GLU A . n 
A 1 53 VAL 53 52 52 VAL VAL A . n 
A 1 54 VAL 54 53 53 VAL VAL A . n 
A 1 55 ASP 55 54 54 ASP ASP A . n 
A 1 56 LYS 56 55 55 LYS LYS A . n 
A 1 57 VAL 57 56 56 VAL VAL A . n 
A 1 58 MET 58 57 57 MET MET A . n 
A 1 59 GLU 59 58 58 GLU GLU A . n 
A 1 60 THR 60 59 59 THR THR A . n 
A 1 61 LEU 61 60 60 LEU LEU A . n 
A 1 62 ASP 62 61 61 ASP ASP A . n 
A 1 63 SER 63 62 62 SER SER A . n 
A 1 64 ASP 64 63 63 ASP ASP A . n 
A 1 65 GLY 65 64 64 GLY GLY A . n 
A 1 66 ASP 66 65 65 ASP ASP A . n 
A 1 67 GLY 67 66 66 GLY GLY A . n 
A 1 68 GLU 68 67 67 GLU GLU A . n 
A 1 69 CYS 69 68 68 CYS CYS A . n 
A 1 70 ASP 70 69 69 ASP ASP A . n 
A 1 71 PHE 71 70 70 PHE PHE A . n 
A 1 72 GLN 72 71 71 GLN GLN A . n 
A 1 73 GLU 73 72 72 GLU GLU A . n 
A 1 74 PHE 74 73 73 PHE PHE A . n 
A 1 75 MET 75 74 74 MET MET A . n 
A 1 76 ALA 76 75 75 ALA ALA A . n 
A 1 77 PHE 77 76 76 PHE PHE A . n 
A 1 78 VAL 78 77 77 VAL VAL A . n 
A 1 79 ALA 79 78 78 ALA ALA A . n 
A 1 80 MET 80 79 79 MET MET A . n 
A 1 81 ILE 81 80 80 ILE ILE A . n 
A 1 82 THR 82 81 81 THR THR A . n 
A 1 83 THR 83 82 82 THR THR A . n 
A 1 84 ALA 84 83 83 ALA ALA A . n 
A 1 85 CYS 85 84 84 CYS CYS A . n 
A 1 86 HIS 86 85 85 HIS HIS A . n 
A 1 87 GLU 87 86 86 GLU GLU A . n 
A 1 88 PHE 88 87 87 PHE PHE A . n 
A 1 89 PHE 89 88 88 PHE PHE A . n 
A 1 90 GLU 90 89 89 GLU GLU A . n 
A 1 91 HIS 91 90 90 HIS HIS A . n 
A 1 92 GLU 92 91 ?  ?   ?   A . n 
# 
loop_
_pdbx_nonpoly_scheme.asym_id 
_pdbx_nonpoly_scheme.entity_id 
_pdbx_nonpoly_scheme.mon_id 
_pdbx_nonpoly_scheme.ndb_seq_num 
_pdbx_nonpoly_scheme.pdb_seq_num 
_pdbx_nonpoly_scheme.auth_seq_num 
_pdbx_nonpoly_scheme.pdb_mon_id 
_pdbx_nonpoly_scheme.auth_mon_id 
_pdbx_nonpoly_scheme.pdb_strand_id 
_pdbx_nonpoly_scheme.pdb_ins_code 
B 2 CA  1   101 100 CA  CA  A . 
C 2 CA  1   102 101 CA  CA  A . 
D 3 5D0 1   103 1   5D0 INH A . 
E 4 HOH 1   201 110 HOH HOH A . 
E 4 HOH 2   202 44  HOH HOH A . 
E 4 HOH 3   203 72  HOH HOH A . 
E 4 HOH 4   204 38  HOH HOH A . 
E 4 HOH 5   205 59  HOH HOH A . 
E 4 HOH 6   206 104 HOH HOH A . 
E 4 HOH 7   207 53  HOH HOH A . 
E 4 HOH 8   208 81  HOH HOH A . 
E 4 HOH 9   209 93  HOH HOH A . 
E 4 HOH 10  210 8   HOH HOH A . 
E 4 HOH 11  211 58  HOH HOH A . 
E 4 HOH 12  212 42  HOH HOH A . 
E 4 HOH 13  213 19  HOH HOH A . 
E 4 HOH 14  214 80  HOH HOH A . 
E 4 HOH 15  215 79  HOH HOH A . 
E 4 HOH 16  216 54  HOH HOH A . 
E 4 HOH 17  217 70  HOH HOH A . 
E 4 HOH 18  218 6   HOH HOH A . 
E 4 HOH 19  219 5   HOH HOH A . 
E 4 HOH 20  220 10  HOH HOH A . 
E 4 HOH 21  221 30  HOH HOH A . 
E 4 HOH 22  222 109 HOH HOH A . 
E 4 HOH 23  223 36  HOH HOH A . 
E 4 HOH 24  224 14  HOH HOH A . 
E 4 HOH 25  225 35  HOH HOH A . 
E 4 HOH 26  226 34  HOH HOH A . 
E 4 HOH 27  227 13  HOH HOH A . 
E 4 HOH 28  228 76  HOH HOH A . 
E 4 HOH 29  229 26  HOH HOH A . 
E 4 HOH 30  230 33  HOH HOH A . 
E 4 HOH 31  231 15  HOH HOH A . 
E 4 HOH 32  232 69  HOH HOH A . 
E 4 HOH 33  233 103 HOH HOH A . 
E 4 HOH 34  234 37  HOH HOH A . 
E 4 HOH 35  235 16  HOH HOH A . 
E 4 HOH 36  236 91  HOH HOH A . 
E 4 HOH 37  237 52  HOH HOH A . 
E 4 HOH 38  238 64  HOH HOH A . 
E 4 HOH 39  239 1   HOH HOH A . 
E 4 HOH 40  240 20  HOH HOH A . 
E 4 HOH 41  241 48  HOH HOH A . 
E 4 HOH 42  242 4   HOH HOH A . 
E 4 HOH 43  243 22  HOH HOH A . 
E 4 HOH 44  244 105 HOH HOH A . 
E 4 HOH 45  245 47  HOH HOH A . 
E 4 HOH 46  246 17  HOH HOH A . 
E 4 HOH 47  247 51  HOH HOH A . 
E 4 HOH 48  248 43  HOH HOH A . 
E 4 HOH 49  249 100 HOH HOH A . 
E 4 HOH 50  250 2   HOH HOH A . 
E 4 HOH 51  251 9   HOH HOH A . 
E 4 HOH 52  252 71  HOH HOH A . 
E 4 HOH 53  253 49  HOH HOH A . 
E 4 HOH 54  254 86  HOH HOH A . 
E 4 HOH 55  255 3   HOH HOH A . 
E 4 HOH 56  256 25  HOH HOH A . 
E 4 HOH 57  257 97  HOH HOH A . 
E 4 HOH 58  258 67  HOH HOH A . 
E 4 HOH 59  259 65  HOH HOH A . 
E 4 HOH 60  260 96  HOH HOH A . 
E 4 HOH 61  261 40  HOH HOH A . 
E 4 HOH 62  262 28  HOH HOH A . 
E 4 HOH 63  263 7   HOH HOH A . 
E 4 HOH 64  264 23  HOH HOH A . 
E 4 HOH 65  265 41  HOH HOH A . 
E 4 HOH 66  266 66  HOH HOH A . 
E 4 HOH 67  267 60  HOH HOH A . 
E 4 HOH 68  268 29  HOH HOH A . 
E 4 HOH 69  269 18  HOH HOH A . 
E 4 HOH 70  270 95  HOH HOH A . 
E 4 HOH 71  271 78  HOH HOH A . 
E 4 HOH 72  272 21  HOH HOH A . 
E 4 HOH 73  273 61  HOH HOH A . 
E 4 HOH 74  274 88  HOH HOH A . 
E 4 HOH 75  275 92  HOH HOH A . 
E 4 HOH 76  276 75  HOH HOH A . 
E 4 HOH 77  277 62  HOH HOH A . 
E 4 HOH 78  278 102 HOH HOH A . 
E 4 HOH 79  279 107 HOH HOH A . 
E 4 HOH 80  280 99  HOH HOH A . 
E 4 HOH 81  281 32  HOH HOH A . 
E 4 HOH 82  282 77  HOH HOH A . 
E 4 HOH 83  283 27  HOH HOH A . 
E 4 HOH 84  284 11  HOH HOH A . 
E 4 HOH 85  285 83  HOH HOH A . 
E 4 HOH 86  286 55  HOH HOH A . 
E 4 HOH 87  287 98  HOH HOH A . 
E 4 HOH 88  288 68  HOH HOH A . 
E 4 HOH 89  289 85  HOH HOH A . 
E 4 HOH 90  290 46  HOH HOH A . 
E 4 HOH 91  291 56  HOH HOH A . 
E 4 HOH 92  292 73  HOH HOH A . 
E 4 HOH 93  293 63  HOH HOH A . 
E 4 HOH 94  294 74  HOH HOH A . 
E 4 HOH 95  295 87  HOH HOH A . 
E 4 HOH 96  296 108 HOH HOH A . 
E 4 HOH 97  297 12  HOH HOH A . 
E 4 HOH 98  298 90  HOH HOH A . 
E 4 HOH 99  299 31  HOH HOH A . 
E 4 HOH 100 300 57  HOH HOH A . 
E 4 HOH 101 301 50  HOH HOH A . 
E 4 HOH 102 302 45  HOH HOH A . 
E 4 HOH 103 303 89  HOH HOH A . 
E 4 HOH 104 304 94  HOH HOH A . 
E 4 HOH 105 305 84  HOH HOH A . 
E 4 HOH 106 306 82  HOH HOH A . 
E 4 HOH 107 307 24  HOH HOH A . 
E 4 HOH 108 308 39  HOH HOH A . 
# 
_pdbx_struct_assembly.id                   1 
_pdbx_struct_assembly.details              author_and_software_defined_assembly 
_pdbx_struct_assembly.method_details       PISA 
_pdbx_struct_assembly.oligomeric_details   dimeric 
_pdbx_struct_assembly.oligomeric_count     2 
# 
_pdbx_struct_assembly_gen.assembly_id       1 
_pdbx_struct_assembly_gen.oper_expression   1,2 
_pdbx_struct_assembly_gen.asym_id_list      A,B,C,D,E 
# 
loop_
_pdbx_struct_assembly_prop.biol_id 
_pdbx_struct_assembly_prop.type 
_pdbx_struct_assembly_prop.value 
_pdbx_struct_assembly_prop.details 
1 'ABSA (A^2)' 3090  ? 
1 MORE         -83   ? 
1 'SSA (A^2)'  10130 ? 
# 
loop_
_pdbx_struct_oper_list.id 
_pdbx_struct_oper_list.type 
_pdbx_struct_oper_list.name 
_pdbx_struct_oper_list.symmetry_operation 
_pdbx_struct_oper_list.matrix[1][1] 
_pdbx_struct_oper_list.matrix[1][2] 
_pdbx_struct_oper_list.matrix[1][3] 
_pdbx_struct_oper_list.vector[1] 
_pdbx_struct_oper_list.matrix[2][1] 
_pdbx_struct_oper_list.matrix[2][2] 
_pdbx_struct_oper_list.matrix[2][3] 
_pdbx_struct_oper_list.vector[2] 
_pdbx_struct_oper_list.matrix[3][1] 
_pdbx_struct_oper_list.matrix[3][2] 
_pdbx_struct_oper_list.matrix[3][3] 
_pdbx_struct_oper_list.vector[3] 
1 'identity operation'         1_555 x,y,z        1.0000000000 0.0000000000  0.0000000000  0.0000000000 0.0000000000  1.0000000000  0.0000000000 0.0000000000  0.0000000000  0.0000000000 1.0000000000  0.0000000000   
2 'crystal symmetry operation' 8_554 -y,-x,-z-1/2 0.1408003150 -0.9432422513 -0.3007811941 4.6888827886 -0.9432422513 -0.2201037001 0.2486934189 11.3294607254 -0.3007811941 0.2486934189 -0.9206966149 -17.7449494282 
# 
loop_
_pdbx_struct_special_symmetry.id 
_pdbx_struct_special_symmetry.PDB_model_num 
_pdbx_struct_special_symmetry.auth_asym_id 
_pdbx_struct_special_symmetry.auth_comp_id 
_pdbx_struct_special_symmetry.auth_seq_id 
_pdbx_struct_special_symmetry.PDB_ins_code 
_pdbx_struct_special_symmetry.label_asym_id 
_pdbx_struct_special_symmetry.label_comp_id 
_pdbx_struct_special_symmetry.label_seq_id 
1 1 A 5D0 103 ? D 5D0 . 
2 1 A HOH 209 ? E HOH . 
3 1 A HOH 274 ? E HOH . 
# 
loop_
_pdbx_struct_conn_angle.id 
_pdbx_struct_conn_angle.ptnr1_label_atom_id 
_pdbx_struct_conn_angle.ptnr1_label_alt_id 
_pdbx_struct_conn_angle.ptnr1_label_asym_id 
_pdbx_struct_conn_angle.ptnr1_label_comp_id 
_pdbx_struct_conn_angle.ptnr1_label_seq_id 
_pdbx_struct_conn_angle.ptnr1_auth_atom_id 
_pdbx_struct_conn_angle.ptnr1_auth_asym_id 
_pdbx_struct_conn_angle.ptnr1_auth_comp_id 
_pdbx_struct_conn_angle.ptnr1_auth_seq_id 
_pdbx_struct_conn_angle.ptnr1_PDB_ins_code 
_pdbx_struct_conn_angle.ptnr1_symmetry 
_pdbx_struct_conn_angle.ptnr2_label_atom_id 
_pdbx_struct_conn_angle.ptnr2_label_alt_id 
_pdbx_struct_conn_angle.ptnr2_label_asym_id 
_pdbx_struct_conn_angle.ptnr2_label_comp_id 
_pdbx_struct_conn_angle.ptnr2_label_seq_id 
_pdbx_struct_conn_angle.ptnr2_auth_atom_id 
_pdbx_struct_conn_angle.ptnr2_auth_asym_id 
_pdbx_struct_conn_angle.ptnr2_auth_comp_id 
_pdbx_struct_conn_angle.ptnr2_auth_seq_id 
_pdbx_struct_conn_angle.ptnr2_PDB_ins_code 
_pdbx_struct_conn_angle.ptnr2_symmetry 
_pdbx_struct_conn_angle.ptnr3_label_atom_id 
_pdbx_struct_conn_angle.ptnr3_label_alt_id 
_pdbx_struct_conn_angle.ptnr3_label_asym_id 
_pdbx_struct_conn_angle.ptnr3_label_comp_id 
_pdbx_struct_conn_angle.ptnr3_label_seq_id 
_pdbx_struct_conn_angle.ptnr3_auth_atom_id 
_pdbx_struct_conn_angle.ptnr3_auth_asym_id 
_pdbx_struct_conn_angle.ptnr3_auth_comp_id 
_pdbx_struct_conn_angle.ptnr3_auth_seq_id 
_pdbx_struct_conn_angle.ptnr3_PDB_ins_code 
_pdbx_struct_conn_angle.ptnr3_symmetry 
_pdbx_struct_conn_angle.value 
_pdbx_struct_conn_angle.value_esd 
1  O   ? A SER 19 ? A SER 18 ? 1_555 CA ? B CA . ? A CA 101 ? 1_555 O   ? A GLU 22 ? A GLU 21  ? 1_555 100.2 ? 
2  O   ? A SER 19 ? A SER 18 ? 1_555 CA ? B CA . ? A CA 101 ? 1_555 O   ? A ASP 24 ? A ASP 23  ? 1_555 84.7  ? 
3  O   ? A GLU 22 ? A GLU 21 ? 1_555 CA ? B CA . ? A CA 101 ? 1_555 O   ? A ASP 24 ? A ASP 23  ? 1_555 84.8  ? 
4  O   ? A SER 19 ? A SER 18 ? 1_555 CA ? B CA . ? A CA 101 ? 1_555 O   ? A LYS 27 ? A LYS 26  ? 1_555 89.4  ? 
5  O   ? A GLU 22 ? A GLU 21 ? 1_555 CA ? B CA . ? A CA 101 ? 1_555 O   ? A LYS 27 ? A LYS 26  ? 1_555 166.7 ? 
6  O   ? A ASP 24 ? A ASP 23 ? 1_555 CA ? B CA . ? A CA 101 ? 1_555 O   ? A LYS 27 ? A LYS 26  ? 1_555 87.1  ? 
7  O   ? A SER 19 ? A SER 18 ? 1_555 CA ? B CA . ? A CA 101 ? 1_555 OE1 ? A GLU 32 ? A GLU 31  ? 1_555 98.8  ? 
8  O   ? A GLU 22 ? A GLU 21 ? 1_555 CA ? B CA . ? A CA 101 ? 1_555 OE1 ? A GLU 32 ? A GLU 31  ? 1_555 113.9 ? 
9  O   ? A ASP 24 ? A ASP 23 ? 1_555 CA ? B CA . ? A CA 101 ? 1_555 OE1 ? A GLU 32 ? A GLU 31  ? 1_555 159.7 ? 
10 O   ? A LYS 27 ? A LYS 26 ? 1_555 CA ? B CA . ? A CA 101 ? 1_555 OE1 ? A GLU 32 ? A GLU 31  ? 1_555 73.0  ? 
11 O   ? A SER 19 ? A SER 18 ? 1_555 CA ? B CA . ? A CA 101 ? 1_555 OE2 ? A GLU 32 ? A GLU 31  ? 1_555 75.7  ? 
12 O   ? A GLU 22 ? A GLU 21 ? 1_555 CA ? B CA . ? A CA 101 ? 1_555 OE2 ? A GLU 32 ? A GLU 31  ? 1_555 74.3  ? 
13 O   ? A ASP 24 ? A ASP 23 ? 1_555 CA ? B CA . ? A CA 101 ? 1_555 OE2 ? A GLU 32 ? A GLU 31  ? 1_555 148.0 ? 
14 O   ? A LYS 27 ? A LYS 26 ? 1_555 CA ? B CA . ? A CA 101 ? 1_555 OE2 ? A GLU 32 ? A GLU 31  ? 1_555 117.2 ? 
15 OE1 ? A GLU 32 ? A GLU 31 ? 1_555 CA ? B CA . ? A CA 101 ? 1_555 OE2 ? A GLU 32 ? A GLU 31  ? 1_555 50.8  ? 
16 O   ? A SER 19 ? A SER 18 ? 1_555 CA ? B CA . ? A CA 101 ? 1_555 O   ? E HOH .  ? A HOH 250 ? 1_555 173.7 ? 
17 O   ? A GLU 22 ? A GLU 21 ? 1_555 CA ? B CA . ? A CA 101 ? 1_555 O   ? E HOH .  ? A HOH 250 ? 1_555 83.8  ? 
18 O   ? A ASP 24 ? A ASP 23 ? 1_555 CA ? B CA . ? A CA 101 ? 1_555 O   ? E HOH .  ? A HOH 250 ? 1_555 90.9  ? 
19 O   ? A LYS 27 ? A LYS 26 ? 1_555 CA ? B CA . ? A CA 101 ? 1_555 O   ? E HOH .  ? A HOH 250 ? 1_555 85.9  ? 
20 OE1 ? A GLU 32 ? A GLU 31 ? 1_555 CA ? B CA . ? A CA 101 ? 1_555 O   ? E HOH .  ? A HOH 250 ? 1_555 83.9  ? 
21 OE2 ? A GLU 32 ? A GLU 31 ? 1_555 CA ? B CA . ? A CA 101 ? 1_555 O   ? E HOH .  ? A HOH 250 ? 1_555 110.2 ? 
22 OD1 ? A ASP 62 ? A ASP 61 ? 1_555 CA ? C CA . ? A CA 102 ? 1_555 OD1 ? A ASP 64 ? A ASP 63  ? 1_555 79.4  ? 
23 OD1 ? A ASP 62 ? A ASP 61 ? 1_555 CA ? C CA . ? A CA 102 ? 1_555 OD1 ? A ASP 66 ? A ASP 65  ? 1_555 82.0  ? 
24 OD1 ? A ASP 64 ? A ASP 63 ? 1_555 CA ? C CA . ? A CA 102 ? 1_555 OD1 ? A ASP 66 ? A ASP 65  ? 1_555 84.3  ? 
25 OD1 ? A ASP 62 ? A ASP 61 ? 1_555 CA ? C CA . ? A CA 102 ? 1_555 O   ? A GLU 68 ? A GLU 67  ? 1_555 88.4  ? 
26 OD1 ? A ASP 64 ? A ASP 63 ? 1_555 CA ? C CA . ? A CA 102 ? 1_555 O   ? A GLU 68 ? A GLU 67  ? 1_555 160.4 ? 
27 OD1 ? A ASP 66 ? A ASP 65 ? 1_555 CA ? C CA . ? A CA 102 ? 1_555 O   ? A GLU 68 ? A GLU 67  ? 1_555 78.8  ? 
28 OD1 ? A ASP 62 ? A ASP 61 ? 1_555 CA ? C CA . ? A CA 102 ? 1_555 OE1 ? A GLU 73 ? A GLU 72  ? 1_555 117.2 ? 
29 OD1 ? A ASP 64 ? A ASP 63 ? 1_555 CA ? C CA . ? A CA 102 ? 1_555 OE1 ? A GLU 73 ? A GLU 72  ? 1_555 122.6 ? 
30 OD1 ? A ASP 66 ? A ASP 65 ? 1_555 CA ? C CA . ? A CA 102 ? 1_555 OE1 ? A GLU 73 ? A GLU 72  ? 1_555 147.9 ? 
31 O   ? A GLU 68 ? A GLU 67 ? 1_555 CA ? C CA . ? A CA 102 ? 1_555 OE1 ? A GLU 73 ? A GLU 72  ? 1_555 76.6  ? 
32 OD1 ? A ASP 62 ? A ASP 61 ? 1_555 CA ? C CA . ? A CA 102 ? 1_555 OE2 ? A GLU 73 ? A GLU 72  ? 1_555 90.4  ? 
33 OD1 ? A ASP 64 ? A ASP 63 ? 1_555 CA ? C CA . ? A CA 102 ? 1_555 OE2 ? A GLU 73 ? A GLU 72  ? 1_555 75.8  ? 
34 OD1 ? A ASP 66 ? A ASP 65 ? 1_555 CA ? C CA . ? A CA 102 ? 1_555 OE2 ? A GLU 73 ? A GLU 72  ? 1_555 159.7 ? 
35 O   ? A GLU 68 ? A GLU 67 ? 1_555 CA ? C CA . ? A CA 102 ? 1_555 OE2 ? A GLU 73 ? A GLU 72  ? 1_555 120.0 ? 
36 OE1 ? A GLU 73 ? A GLU 72 ? 1_555 CA ? C CA . ? A CA 102 ? 1_555 OE2 ? A GLU 73 ? A GLU 72  ? 1_555 51.6  ? 
37 OD1 ? A ASP 62 ? A ASP 61 ? 1_555 CA ? C CA . ? A CA 102 ? 1_555 O   ? E HOH .  ? A HOH 219 ? 1_555 158.5 ? 
38 OD1 ? A ASP 64 ? A ASP 63 ? 1_555 CA ? C CA . ? A CA 102 ? 1_555 O   ? E HOH .  ? A HOH 219 ? 1_555 86.9  ? 
39 OD1 ? A ASP 66 ? A ASP 65 ? 1_555 CA ? C CA . ? A CA 102 ? 1_555 O   ? E HOH .  ? A HOH 219 ? 1_555 80.2  ? 
40 O   ? A GLU 68 ? A GLU 67 ? 1_555 CA ? C CA . ? A CA 102 ? 1_555 O   ? E HOH .  ? A HOH 219 ? 1_555 99.8  ? 
41 OE1 ? A GLU 73 ? A GLU 72 ? 1_555 CA ? C CA . ? A CA 102 ? 1_555 O   ? E HOH .  ? A HOH 219 ? 1_555 84.1  ? 
42 OE2 ? A GLU 73 ? A GLU 72 ? 1_555 CA ? C CA . ? A CA 102 ? 1_555 O   ? E HOH .  ? A HOH 219 ? 1_555 102.3 ? 
# 
loop_
_pdbx_audit_revision_history.ordinal 
_pdbx_audit_revision_history.data_content_type 
_pdbx_audit_revision_history.major_revision 
_pdbx_audit_revision_history.minor_revision 
_pdbx_audit_revision_history.revision_date 
1 'Structure model' 1 0 2016-01-20 
2 'Structure model' 1 1 2016-02-10 
3 'Structure model' 1 2 2017-09-27 
4 'Structure model' 1 3 2019-12-04 
5 'Structure model' 1 4 2023-09-27 
# 
_pdbx_audit_revision_details.ordinal             1 
_pdbx_audit_revision_details.revision_ordinal    1 
_pdbx_audit_revision_details.data_content_type   'Structure model' 
_pdbx_audit_revision_details.provider            repository 
_pdbx_audit_revision_details.type                'Initial release' 
_pdbx_audit_revision_details.description         ? 
_pdbx_audit_revision_details.details             ? 
# 
loop_
_pdbx_audit_revision_group.ordinal 
_pdbx_audit_revision_group.revision_ordinal 
_pdbx_audit_revision_group.data_content_type 
_pdbx_audit_revision_group.group 
1 2 'Structure model' 'Database references'        
2 3 'Structure model' 'Author supporting evidence' 
3 3 'Structure model' 'Database references'        
4 3 'Structure model' 'Derived calculations'       
5 3 'Structure model' 'Refinement description'     
6 4 'Structure model' 'Author supporting evidence' 
7 5 'Structure model' 'Data collection'            
8 5 'Structure model' 'Database references'        
9 5 'Structure model' 'Refinement description'     
# 
loop_
_pdbx_audit_revision_category.ordinal 
_pdbx_audit_revision_category.revision_ordinal 
_pdbx_audit_revision_category.data_content_type 
_pdbx_audit_revision_category.category 
1 3 'Structure model' citation                      
2 3 'Structure model' pdbx_audit_support            
3 3 'Structure model' pdbx_struct_oper_list         
4 3 'Structure model' software                      
5 4 'Structure model' pdbx_audit_support            
6 5 'Structure model' chem_comp_atom                
7 5 'Structure model' chem_comp_bond                
8 5 'Structure model' database_2                    
9 5 'Structure model' pdbx_initial_refinement_model 
# 
loop_
_pdbx_audit_revision_item.ordinal 
_pdbx_audit_revision_item.revision_ordinal 
_pdbx_audit_revision_item.data_content_type 
_pdbx_audit_revision_item.item 
1 3 'Structure model' '_citation.journal_id_CSD'                  
2 3 'Structure model' '_pdbx_audit_support.funding_organization'  
3 3 'Structure model' '_pdbx_struct_oper_list.symmetry_operation' 
4 4 'Structure model' '_pdbx_audit_support.funding_organization'  
5 5 'Structure model' '_database_2.pdbx_DOI'                      
6 5 'Structure model' '_database_2.pdbx_database_accession'       
# 
loop_
_software.citation_id 
_software.classification 
_software.compiler_name 
_software.compiler_version 
_software.contact_author 
_software.contact_author_email 
_software.date 
_software.description 
_software.dependencies 
_software.hardware 
_software.language 
_software.location 
_software.mods 
_software.name 
_software.os 
_software.os_version 
_software.type 
_software.version 
_software.pdbx_ordinal 
? 'data scaling'    ? ? ? ? ? ? ? ? ? ? ? Aimless     ? ? ? 0.1.26 1 
? refinement        ? ? ? ? ? ? ? ? ? ? ? PHENIX      ? ? ? .      2 
? 'data extraction' ? ? ? ? ? ? ? ? ? ? ? PDB_EXTRACT ? ? ? 3.15   3 
? phasing           ? ? ? ? ? ? ? ? ? ? ? PHENIX      ? ? ? .      4 
# 
_pdbx_unobs_or_zero_occ_residues.id               1 
_pdbx_unobs_or_zero_occ_residues.PDB_model_num    1 
_pdbx_unobs_or_zero_occ_residues.polymer_flag     Y 
_pdbx_unobs_or_zero_occ_residues.occupancy_flag   1 
_pdbx_unobs_or_zero_occ_residues.auth_asym_id     A 
_pdbx_unobs_or_zero_occ_residues.auth_comp_id     GLU 
_pdbx_unobs_or_zero_occ_residues.auth_seq_id      91 
_pdbx_unobs_or_zero_occ_residues.PDB_ins_code     ? 
_pdbx_unobs_or_zero_occ_residues.label_asym_id    A 
_pdbx_unobs_or_zero_occ_residues.label_comp_id    GLU 
_pdbx_unobs_or_zero_occ_residues.label_seq_id     92 
# 
loop_
_chem_comp_atom.comp_id 
_chem_comp_atom.atom_id 
_chem_comp_atom.type_symbol 
_chem_comp_atom.pdbx_aromatic_flag 
_chem_comp_atom.pdbx_stereo_config 
_chem_comp_atom.pdbx_ordinal 
5D0 C1   C  N N 1   
5D0 C2   C  N N 2   
5D0 C3   C  N N 3   
5D0 C8   C  Y N 4   
5D0 C9   C  Y N 5   
5D0 C10  C  Y N 6   
5D0 C11  C  Y N 7   
5D0 C12  C  Y N 8   
5D0 C13  C  Y N 9   
5D0 C14  C  Y N 10  
5D0 C15  C  Y N 11  
5D0 C16  C  Y N 12  
5D0 C19  C  Y N 13  
5D0 C20  C  N N 14  
5D0 C21  C  N N 15  
5D0 N23  N  N N 16  
5D0 N25  N  N N 17  
5D0 C27  C  N N 18  
5D0 C30  C  N N 19  
5D0 C31  C  N N 20  
5D0 C4   C  N N 21  
5D0 C5   C  N N 22  
5D0 O6   O  N N 23  
5D0 O7   O  N N 24  
5D0 C17  C  Y N 25  
5D0 C18  C  Y N 26  
5D0 N22  N  N N 27  
5D0 N24  N  N N 28  
5D0 C26  C  N N 29  
5D0 C28  C  N N 30  
5D0 C29  C  N N 31  
5D0 H1   H  N N 32  
5D0 H2   H  N N 33  
5D0 H3   H  N N 34  
5D0 H4   H  N N 35  
5D0 H5   H  N N 36  
5D0 H6   H  N N 37  
5D0 H7   H  N N 38  
5D0 H8   H  N N 39  
5D0 H9   H  N N 40  
5D0 H10  H  N N 41  
5D0 H11  H  N N 42  
5D0 H12  H  N N 43  
5D0 H13  H  N N 44  
5D0 H15  H  N N 45  
5D0 H17  H  N N 46  
5D0 H18  H  N N 47  
5D0 H19  H  N N 48  
5D0 H20  H  N N 49  
5D0 H21  H  N N 50  
5D0 H22  H  N N 51  
5D0 H23  H  N N 52  
5D0 H24  H  N N 53  
5D0 H25  H  N N 54  
5D0 H26  H  N N 55  
5D0 H27  H  N N 56  
5D0 H30  H  N N 57  
5D0 H31  H  N N 58  
5D0 H32  H  N N 59  
5D0 H33  H  N N 60  
5D0 H34  H  N N 61  
5D0 H35  H  N N 62  
5D0 H36  H  N N 63  
ALA N    N  N N 64  
ALA CA   C  N S 65  
ALA C    C  N N 66  
ALA O    O  N N 67  
ALA CB   C  N N 68  
ALA OXT  O  N N 69  
ALA H    H  N N 70  
ALA H2   H  N N 71  
ALA HA   H  N N 72  
ALA HB1  H  N N 73  
ALA HB2  H  N N 74  
ALA HB3  H  N N 75  
ALA HXT  H  N N 76  
ARG N    N  N N 77  
ARG CA   C  N S 78  
ARG C    C  N N 79  
ARG O    O  N N 80  
ARG CB   C  N N 81  
ARG CG   C  N N 82  
ARG CD   C  N N 83  
ARG NE   N  N N 84  
ARG CZ   C  N N 85  
ARG NH1  N  N N 86  
ARG NH2  N  N N 87  
ARG OXT  O  N N 88  
ARG H    H  N N 89  
ARG H2   H  N N 90  
ARG HA   H  N N 91  
ARG HB2  H  N N 92  
ARG HB3  H  N N 93  
ARG HG2  H  N N 94  
ARG HG3  H  N N 95  
ARG HD2  H  N N 96  
ARG HD3  H  N N 97  
ARG HE   H  N N 98  
ARG HH11 H  N N 99  
ARG HH12 H  N N 100 
ARG HH21 H  N N 101 
ARG HH22 H  N N 102 
ARG HXT  H  N N 103 
ASN N    N  N N 104 
ASN CA   C  N S 105 
ASN C    C  N N 106 
ASN O    O  N N 107 
ASN CB   C  N N 108 
ASN CG   C  N N 109 
ASN OD1  O  N N 110 
ASN ND2  N  N N 111 
ASN OXT  O  N N 112 
ASN H    H  N N 113 
ASN H2   H  N N 114 
ASN HA   H  N N 115 
ASN HB2  H  N N 116 
ASN HB3  H  N N 117 
ASN HD21 H  N N 118 
ASN HD22 H  N N 119 
ASN HXT  H  N N 120 
ASP N    N  N N 121 
ASP CA   C  N S 122 
ASP C    C  N N 123 
ASP O    O  N N 124 
ASP CB   C  N N 125 
ASP CG   C  N N 126 
ASP OD1  O  N N 127 
ASP OD2  O  N N 128 
ASP OXT  O  N N 129 
ASP H    H  N N 130 
ASP H2   H  N N 131 
ASP HA   H  N N 132 
ASP HB2  H  N N 133 
ASP HB3  H  N N 134 
ASP HD2  H  N N 135 
ASP HXT  H  N N 136 
CA  CA   CA N N 137 
CYS N    N  N N 138 
CYS CA   C  N R 139 
CYS C    C  N N 140 
CYS O    O  N N 141 
CYS CB   C  N N 142 
CYS SG   S  N N 143 
CYS OXT  O  N N 144 
CYS H    H  N N 145 
CYS H2   H  N N 146 
CYS HA   H  N N 147 
CYS HB2  H  N N 148 
CYS HB3  H  N N 149 
CYS HG   H  N N 150 
CYS HXT  H  N N 151 
GLN N    N  N N 152 
GLN CA   C  N S 153 
GLN C    C  N N 154 
GLN O    O  N N 155 
GLN CB   C  N N 156 
GLN CG   C  N N 157 
GLN CD   C  N N 158 
GLN OE1  O  N N 159 
GLN NE2  N  N N 160 
GLN OXT  O  N N 161 
GLN H    H  N N 162 
GLN H2   H  N N 163 
GLN HA   H  N N 164 
GLN HB2  H  N N 165 
GLN HB3  H  N N 166 
GLN HG2  H  N N 167 
GLN HG3  H  N N 168 
GLN HE21 H  N N 169 
GLN HE22 H  N N 170 
GLN HXT  H  N N 171 
GLU N    N  N N 172 
GLU CA   C  N S 173 
GLU C    C  N N 174 
GLU O    O  N N 175 
GLU CB   C  N N 176 
GLU CG   C  N N 177 
GLU CD   C  N N 178 
GLU OE1  O  N N 179 
GLU OE2  O  N N 180 
GLU OXT  O  N N 181 
GLU H    H  N N 182 
GLU H2   H  N N 183 
GLU HA   H  N N 184 
GLU HB2  H  N N 185 
GLU HB3  H  N N 186 
GLU HG2  H  N N 187 
GLU HG3  H  N N 188 
GLU HE2  H  N N 189 
GLU HXT  H  N N 190 
GLY N    N  N N 191 
GLY CA   C  N N 192 
GLY C    C  N N 193 
GLY O    O  N N 194 
GLY OXT  O  N N 195 
GLY H    H  N N 196 
GLY H2   H  N N 197 
GLY HA2  H  N N 198 
GLY HA3  H  N N 199 
GLY HXT  H  N N 200 
HIS N    N  N N 201 
HIS CA   C  N S 202 
HIS C    C  N N 203 
HIS O    O  N N 204 
HIS CB   C  N N 205 
HIS CG   C  Y N 206 
HIS ND1  N  Y N 207 
HIS CD2  C  Y N 208 
HIS CE1  C  Y N 209 
HIS NE2  N  Y N 210 
HIS OXT  O  N N 211 
HIS H    H  N N 212 
HIS H2   H  N N 213 
HIS HA   H  N N 214 
HIS HB2  H  N N 215 
HIS HB3  H  N N 216 
HIS HD1  H  N N 217 
HIS HD2  H  N N 218 
HIS HE1  H  N N 219 
HIS HE2  H  N N 220 
HIS HXT  H  N N 221 
HOH O    O  N N 222 
HOH H1   H  N N 223 
HOH H2   H  N N 224 
ILE N    N  N N 225 
ILE CA   C  N S 226 
ILE C    C  N N 227 
ILE O    O  N N 228 
ILE CB   C  N S 229 
ILE CG1  C  N N 230 
ILE CG2  C  N N 231 
ILE CD1  C  N N 232 
ILE OXT  O  N N 233 
ILE H    H  N N 234 
ILE H2   H  N N 235 
ILE HA   H  N N 236 
ILE HB   H  N N 237 
ILE HG12 H  N N 238 
ILE HG13 H  N N 239 
ILE HG21 H  N N 240 
ILE HG22 H  N N 241 
ILE HG23 H  N N 242 
ILE HD11 H  N N 243 
ILE HD12 H  N N 244 
ILE HD13 H  N N 245 
ILE HXT  H  N N 246 
LEU N    N  N N 247 
LEU CA   C  N S 248 
LEU C    C  N N 249 
LEU O    O  N N 250 
LEU CB   C  N N 251 
LEU CG   C  N N 252 
LEU CD1  C  N N 253 
LEU CD2  C  N N 254 
LEU OXT  O  N N 255 
LEU H    H  N N 256 
LEU H2   H  N N 257 
LEU HA   H  N N 258 
LEU HB2  H  N N 259 
LEU HB3  H  N N 260 
LEU HG   H  N N 261 
LEU HD11 H  N N 262 
LEU HD12 H  N N 263 
LEU HD13 H  N N 264 
LEU HD21 H  N N 265 
LEU HD22 H  N N 266 
LEU HD23 H  N N 267 
LEU HXT  H  N N 268 
LYS N    N  N N 269 
LYS CA   C  N S 270 
LYS C    C  N N 271 
LYS O    O  N N 272 
LYS CB   C  N N 273 
LYS CG   C  N N 274 
LYS CD   C  N N 275 
LYS CE   C  N N 276 
LYS NZ   N  N N 277 
LYS OXT  O  N N 278 
LYS H    H  N N 279 
LYS H2   H  N N 280 
LYS HA   H  N N 281 
LYS HB2  H  N N 282 
LYS HB3  H  N N 283 
LYS HG2  H  N N 284 
LYS HG3  H  N N 285 
LYS HD2  H  N N 286 
LYS HD3  H  N N 287 
LYS HE2  H  N N 288 
LYS HE3  H  N N 289 
LYS HZ1  H  N N 290 
LYS HZ2  H  N N 291 
LYS HZ3  H  N N 292 
LYS HXT  H  N N 293 
MET N    N  N N 294 
MET CA   C  N S 295 
MET C    C  N N 296 
MET O    O  N N 297 
MET CB   C  N N 298 
MET CG   C  N N 299 
MET SD   S  N N 300 
MET CE   C  N N 301 
MET OXT  O  N N 302 
MET H    H  N N 303 
MET H2   H  N N 304 
MET HA   H  N N 305 
MET HB2  H  N N 306 
MET HB3  H  N N 307 
MET HG2  H  N N 308 
MET HG3  H  N N 309 
MET HE1  H  N N 310 
MET HE2  H  N N 311 
MET HE3  H  N N 312 
MET HXT  H  N N 313 
PHE N    N  N N 314 
PHE CA   C  N S 315 
PHE C    C  N N 316 
PHE O    O  N N 317 
PHE CB   C  N N 318 
PHE CG   C  Y N 319 
PHE CD1  C  Y N 320 
PHE CD2  C  Y N 321 
PHE CE1  C  Y N 322 
PHE CE2  C  Y N 323 
PHE CZ   C  Y N 324 
PHE OXT  O  N N 325 
PHE H    H  N N 326 
PHE H2   H  N N 327 
PHE HA   H  N N 328 
PHE HB2  H  N N 329 
PHE HB3  H  N N 330 
PHE HD1  H  N N 331 
PHE HD2  H  N N 332 
PHE HE1  H  N N 333 
PHE HE2  H  N N 334 
PHE HZ   H  N N 335 
PHE HXT  H  N N 336 
SER N    N  N N 337 
SER CA   C  N S 338 
SER C    C  N N 339 
SER O    O  N N 340 
SER CB   C  N N 341 
SER OG   O  N N 342 
SER OXT  O  N N 343 
SER H    H  N N 344 
SER H2   H  N N 345 
SER HA   H  N N 346 
SER HB2  H  N N 347 
SER HB3  H  N N 348 
SER HG   H  N N 349 
SER HXT  H  N N 350 
THR N    N  N N 351 
THR CA   C  N S 352 
THR C    C  N N 353 
THR O    O  N N 354 
THR CB   C  N R 355 
THR OG1  O  N N 356 
THR CG2  C  N N 357 
THR OXT  O  N N 358 
THR H    H  N N 359 
THR H2   H  N N 360 
THR HA   H  N N 361 
THR HB   H  N N 362 
THR HG1  H  N N 363 
THR HG21 H  N N 364 
THR HG22 H  N N 365 
THR HG23 H  N N 366 
THR HXT  H  N N 367 
TYR N    N  N N 368 
TYR CA   C  N S 369 
TYR C    C  N N 370 
TYR O    O  N N 371 
TYR CB   C  N N 372 
TYR CG   C  Y N 373 
TYR CD1  C  Y N 374 
TYR CD2  C  Y N 375 
TYR CE1  C  Y N 376 
TYR CE2  C  Y N 377 
TYR CZ   C  Y N 378 
TYR OH   O  N N 379 
TYR OXT  O  N N 380 
TYR H    H  N N 381 
TYR H2   H  N N 382 
TYR HA   H  N N 383 
TYR HB2  H  N N 384 
TYR HB3  H  N N 385 
TYR HD1  H  N N 386 
TYR HD2  H  N N 387 
TYR HE1  H  N N 388 
TYR HE2  H  N N 389 
TYR HH   H  N N 390 
TYR HXT  H  N N 391 
VAL N    N  N N 392 
VAL CA   C  N S 393 
VAL C    C  N N 394 
VAL O    O  N N 395 
VAL CB   C  N N 396 
VAL CG1  C  N N 397 
VAL CG2  C  N N 398 
VAL OXT  O  N N 399 
VAL H    H  N N 400 
VAL H2   H  N N 401 
VAL HA   H  N N 402 
VAL HB   H  N N 403 
VAL HG11 H  N N 404 
VAL HG12 H  N N 405 
VAL HG13 H  N N 406 
VAL HG21 H  N N 407 
VAL HG22 H  N N 408 
VAL HG23 H  N N 409 
VAL HXT  H  N N 410 
# 
loop_
_chem_comp_bond.comp_id 
_chem_comp_bond.atom_id_1 
_chem_comp_bond.atom_id_2 
_chem_comp_bond.value_order 
_chem_comp_bond.pdbx_aromatic_flag 
_chem_comp_bond.pdbx_stereo_config 
_chem_comp_bond.pdbx_ordinal 
5D0 C30 C29  sing N N 1   
5D0 C30 C31  sing N N 2   
5D0 C29 N24  sing N N 3   
5D0 C26 N22  sing N N 4   
5D0 C26 C27  sing N N 5   
5D0 C31 N25  sing N N 6   
5D0 N22 C21  doub N N 7   
5D0 N24 C20  sing N N 8   
5D0 N25 C20  doub N N 9   
5D0 C27 C28  sing N N 10  
5D0 C20 C11  sing N N 11  
5D0 C18 C19  doub Y N 12  
5D0 C18 C17  sing Y N 13  
5D0 C10 C11  doub Y N 14  
5D0 C10 C9   sing Y N 15  
5D0 C19 C14  sing Y N 16  
5D0 C11 C12  sing Y N 17  
5D0 C21 C17  sing N N 18  
5D0 C21 N23  sing N N 19  
5D0 C9  C8   doub Y N 20  
5D0 C17 C16  doub Y N 21  
5D0 C28 N23  sing N N 22  
5D0 C12 C13  doub Y N 23  
5D0 C8  C13  sing Y N 24  
5D0 C8  O6   sing N N 25  
5D0 C14 O7   sing N N 26  
5D0 C14 C15  doub Y N 27  
5D0 C3  C2   sing N N 28  
5D0 C3  C4   sing N N 29  
5D0 C1  O7   sing N N 30  
5D0 C1  C2   sing N N 31  
5D0 O6  C5   sing N N 32  
5D0 C5  C4   sing N N 33  
5D0 C16 C15  sing Y N 34  
5D0 C1  H1   sing N N 35  
5D0 C1  H2   sing N N 36  
5D0 C2  H3   sing N N 37  
5D0 C2  H4   sing N N 38  
5D0 C3  H5   sing N N 39  
5D0 C3  H6   sing N N 40  
5D0 C9  H7   sing N N 41  
5D0 C10 H8   sing N N 42  
5D0 C12 H9   sing N N 43  
5D0 C13 H10  sing N N 44  
5D0 C15 H11  sing N N 45  
5D0 C16 H12  sing N N 46  
5D0 C19 H13  sing N N 47  
5D0 N23 H15  sing N N 48  
5D0 C27 H17  sing N N 49  
5D0 C27 H18  sing N N 50  
5D0 C30 H19  sing N N 51  
5D0 C30 H20  sing N N 52  
5D0 C31 H21  sing N N 53  
5D0 C31 H22  sing N N 54  
5D0 C4  H23  sing N N 55  
5D0 C4  H24  sing N N 56  
5D0 C5  H25  sing N N 57  
5D0 C5  H26  sing N N 58  
5D0 C18 H27  sing N N 59  
5D0 N24 H30  sing N N 60  
5D0 C26 H31  sing N N 61  
5D0 C26 H32  sing N N 62  
5D0 C28 H33  sing N N 63  
5D0 C28 H34  sing N N 64  
5D0 C29 H35  sing N N 65  
5D0 C29 H36  sing N N 66  
ALA N   CA   sing N N 67  
ALA N   H    sing N N 68  
ALA N   H2   sing N N 69  
ALA CA  C    sing N N 70  
ALA CA  CB   sing N N 71  
ALA CA  HA   sing N N 72  
ALA C   O    doub N N 73  
ALA C   OXT  sing N N 74  
ALA CB  HB1  sing N N 75  
ALA CB  HB2  sing N N 76  
ALA CB  HB3  sing N N 77  
ALA OXT HXT  sing N N 78  
ARG N   CA   sing N N 79  
ARG N   H    sing N N 80  
ARG N   H2   sing N N 81  
ARG CA  C    sing N N 82  
ARG CA  CB   sing N N 83  
ARG CA  HA   sing N N 84  
ARG C   O    doub N N 85  
ARG C   OXT  sing N N 86  
ARG CB  CG   sing N N 87  
ARG CB  HB2  sing N N 88  
ARG CB  HB3  sing N N 89  
ARG CG  CD   sing N N 90  
ARG CG  HG2  sing N N 91  
ARG CG  HG3  sing N N 92  
ARG CD  NE   sing N N 93  
ARG CD  HD2  sing N N 94  
ARG CD  HD3  sing N N 95  
ARG NE  CZ   sing N N 96  
ARG NE  HE   sing N N 97  
ARG CZ  NH1  sing N N 98  
ARG CZ  NH2  doub N N 99  
ARG NH1 HH11 sing N N 100 
ARG NH1 HH12 sing N N 101 
ARG NH2 HH21 sing N N 102 
ARG NH2 HH22 sing N N 103 
ARG OXT HXT  sing N N 104 
ASN N   CA   sing N N 105 
ASN N   H    sing N N 106 
ASN N   H2   sing N N 107 
ASN CA  C    sing N N 108 
ASN CA  CB   sing N N 109 
ASN CA  HA   sing N N 110 
ASN C   O    doub N N 111 
ASN C   OXT  sing N N 112 
ASN CB  CG   sing N N 113 
ASN CB  HB2  sing N N 114 
ASN CB  HB3  sing N N 115 
ASN CG  OD1  doub N N 116 
ASN CG  ND2  sing N N 117 
ASN ND2 HD21 sing N N 118 
ASN ND2 HD22 sing N N 119 
ASN OXT HXT  sing N N 120 
ASP N   CA   sing N N 121 
ASP N   H    sing N N 122 
ASP N   H2   sing N N 123 
ASP CA  C    sing N N 124 
ASP CA  CB   sing N N 125 
ASP CA  HA   sing N N 126 
ASP C   O    doub N N 127 
ASP C   OXT  sing N N 128 
ASP CB  CG   sing N N 129 
ASP CB  HB2  sing N N 130 
ASP CB  HB3  sing N N 131 
ASP CG  OD1  doub N N 132 
ASP CG  OD2  sing N N 133 
ASP OD2 HD2  sing N N 134 
ASP OXT HXT  sing N N 135 
CYS N   CA   sing N N 136 
CYS N   H    sing N N 137 
CYS N   H2   sing N N 138 
CYS CA  C    sing N N 139 
CYS CA  CB   sing N N 140 
CYS CA  HA   sing N N 141 
CYS C   O    doub N N 142 
CYS C   OXT  sing N N 143 
CYS CB  SG   sing N N 144 
CYS CB  HB2  sing N N 145 
CYS CB  HB3  sing N N 146 
CYS SG  HG   sing N N 147 
CYS OXT HXT  sing N N 148 
GLN N   CA   sing N N 149 
GLN N   H    sing N N 150 
GLN N   H2   sing N N 151 
GLN CA  C    sing N N 152 
GLN CA  CB   sing N N 153 
GLN CA  HA   sing N N 154 
GLN C   O    doub N N 155 
GLN C   OXT  sing N N 156 
GLN CB  CG   sing N N 157 
GLN CB  HB2  sing N N 158 
GLN CB  HB3  sing N N 159 
GLN CG  CD   sing N N 160 
GLN CG  HG2  sing N N 161 
GLN CG  HG3  sing N N 162 
GLN CD  OE1  doub N N 163 
GLN CD  NE2  sing N N 164 
GLN NE2 HE21 sing N N 165 
GLN NE2 HE22 sing N N 166 
GLN OXT HXT  sing N N 167 
GLU N   CA   sing N N 168 
GLU N   H    sing N N 169 
GLU N   H2   sing N N 170 
GLU CA  C    sing N N 171 
GLU CA  CB   sing N N 172 
GLU CA  HA   sing N N 173 
GLU C   O    doub N N 174 
GLU C   OXT  sing N N 175 
GLU CB  CG   sing N N 176 
GLU CB  HB2  sing N N 177 
GLU CB  HB3  sing N N 178 
GLU CG  CD   sing N N 179 
GLU CG  HG2  sing N N 180 
GLU CG  HG3  sing N N 181 
GLU CD  OE1  doub N N 182 
GLU CD  OE2  sing N N 183 
GLU OE2 HE2  sing N N 184 
GLU OXT HXT  sing N N 185 
GLY N   CA   sing N N 186 
GLY N   H    sing N N 187 
GLY N   H2   sing N N 188 
GLY CA  C    sing N N 189 
GLY CA  HA2  sing N N 190 
GLY CA  HA3  sing N N 191 
GLY C   O    doub N N 192 
GLY C   OXT  sing N N 193 
GLY OXT HXT  sing N N 194 
HIS N   CA   sing N N 195 
HIS N   H    sing N N 196 
HIS N   H2   sing N N 197 
HIS CA  C    sing N N 198 
HIS CA  CB   sing N N 199 
HIS CA  HA   sing N N 200 
HIS C   O    doub N N 201 
HIS C   OXT  sing N N 202 
HIS CB  CG   sing N N 203 
HIS CB  HB2  sing N N 204 
HIS CB  HB3  sing N N 205 
HIS CG  ND1  sing Y N 206 
HIS CG  CD2  doub Y N 207 
HIS ND1 CE1  doub Y N 208 
HIS ND1 HD1  sing N N 209 
HIS CD2 NE2  sing Y N 210 
HIS CD2 HD2  sing N N 211 
HIS CE1 NE2  sing Y N 212 
HIS CE1 HE1  sing N N 213 
HIS NE2 HE2  sing N N 214 
HIS OXT HXT  sing N N 215 
HOH O   H1   sing N N 216 
HOH O   H2   sing N N 217 
ILE N   CA   sing N N 218 
ILE N   H    sing N N 219 
ILE N   H2   sing N N 220 
ILE CA  C    sing N N 221 
ILE CA  CB   sing N N 222 
ILE CA  HA   sing N N 223 
ILE C   O    doub N N 224 
ILE C   OXT  sing N N 225 
ILE CB  CG1  sing N N 226 
ILE CB  CG2  sing N N 227 
ILE CB  HB   sing N N 228 
ILE CG1 CD1  sing N N 229 
ILE CG1 HG12 sing N N 230 
ILE CG1 HG13 sing N N 231 
ILE CG2 HG21 sing N N 232 
ILE CG2 HG22 sing N N 233 
ILE CG2 HG23 sing N N 234 
ILE CD1 HD11 sing N N 235 
ILE CD1 HD12 sing N N 236 
ILE CD1 HD13 sing N N 237 
ILE OXT HXT  sing N N 238 
LEU N   CA   sing N N 239 
LEU N   H    sing N N 240 
LEU N   H2   sing N N 241 
LEU CA  C    sing N N 242 
LEU CA  CB   sing N N 243 
LEU CA  HA   sing N N 244 
LEU C   O    doub N N 245 
LEU C   OXT  sing N N 246 
LEU CB  CG   sing N N 247 
LEU CB  HB2  sing N N 248 
LEU CB  HB3  sing N N 249 
LEU CG  CD1  sing N N 250 
LEU CG  CD2  sing N N 251 
LEU CG  HG   sing N N 252 
LEU CD1 HD11 sing N N 253 
LEU CD1 HD12 sing N N 254 
LEU CD1 HD13 sing N N 255 
LEU CD2 HD21 sing N N 256 
LEU CD2 HD22 sing N N 257 
LEU CD2 HD23 sing N N 258 
LEU OXT HXT  sing N N 259 
LYS N   CA   sing N N 260 
LYS N   H    sing N N 261 
LYS N   H2   sing N N 262 
LYS CA  C    sing N N 263 
LYS CA  CB   sing N N 264 
LYS CA  HA   sing N N 265 
LYS C   O    doub N N 266 
LYS C   OXT  sing N N 267 
LYS CB  CG   sing N N 268 
LYS CB  HB2  sing N N 269 
LYS CB  HB3  sing N N 270 
LYS CG  CD   sing N N 271 
LYS CG  HG2  sing N N 272 
LYS CG  HG3  sing N N 273 
LYS CD  CE   sing N N 274 
LYS CD  HD2  sing N N 275 
LYS CD  HD3  sing N N 276 
LYS CE  NZ   sing N N 277 
LYS CE  HE2  sing N N 278 
LYS CE  HE3  sing N N 279 
LYS NZ  HZ1  sing N N 280 
LYS NZ  HZ2  sing N N 281 
LYS NZ  HZ3  sing N N 282 
LYS OXT HXT  sing N N 283 
MET N   CA   sing N N 284 
MET N   H    sing N N 285 
MET N   H2   sing N N 286 
MET CA  C    sing N N 287 
MET CA  CB   sing N N 288 
MET CA  HA   sing N N 289 
MET C   O    doub N N 290 
MET C   OXT  sing N N 291 
MET CB  CG   sing N N 292 
MET CB  HB2  sing N N 293 
MET CB  HB3  sing N N 294 
MET CG  SD   sing N N 295 
MET CG  HG2  sing N N 296 
MET CG  HG3  sing N N 297 
MET SD  CE   sing N N 298 
MET CE  HE1  sing N N 299 
MET CE  HE2  sing N N 300 
MET CE  HE3  sing N N 301 
MET OXT HXT  sing N N 302 
PHE N   CA   sing N N 303 
PHE N   H    sing N N 304 
PHE N   H2   sing N N 305 
PHE CA  C    sing N N 306 
PHE CA  CB   sing N N 307 
PHE CA  HA   sing N N 308 
PHE C   O    doub N N 309 
PHE C   OXT  sing N N 310 
PHE CB  CG   sing N N 311 
PHE CB  HB2  sing N N 312 
PHE CB  HB3  sing N N 313 
PHE CG  CD1  doub Y N 314 
PHE CG  CD2  sing Y N 315 
PHE CD1 CE1  sing Y N 316 
PHE CD1 HD1  sing N N 317 
PHE CD2 CE2  doub Y N 318 
PHE CD2 HD2  sing N N 319 
PHE CE1 CZ   doub Y N 320 
PHE CE1 HE1  sing N N 321 
PHE CE2 CZ   sing Y N 322 
PHE CE2 HE2  sing N N 323 
PHE CZ  HZ   sing N N 324 
PHE OXT HXT  sing N N 325 
SER N   CA   sing N N 326 
SER N   H    sing N N 327 
SER N   H2   sing N N 328 
SER CA  C    sing N N 329 
SER CA  CB   sing N N 330 
SER CA  HA   sing N N 331 
SER C   O    doub N N 332 
SER C   OXT  sing N N 333 
SER CB  OG   sing N N 334 
SER CB  HB2  sing N N 335 
SER CB  HB3  sing N N 336 
SER OG  HG   sing N N 337 
SER OXT HXT  sing N N 338 
THR N   CA   sing N N 339 
THR N   H    sing N N 340 
THR N   H2   sing N N 341 
THR CA  C    sing N N 342 
THR CA  CB   sing N N 343 
THR CA  HA   sing N N 344 
THR C   O    doub N N 345 
THR C   OXT  sing N N 346 
THR CB  OG1  sing N N 347 
THR CB  CG2  sing N N 348 
THR CB  HB   sing N N 349 
THR OG1 HG1  sing N N 350 
THR CG2 HG21 sing N N 351 
THR CG2 HG22 sing N N 352 
THR CG2 HG23 sing N N 353 
THR OXT HXT  sing N N 354 
TYR N   CA   sing N N 355 
TYR N   H    sing N N 356 
TYR N   H2   sing N N 357 
TYR CA  C    sing N N 358 
TYR CA  CB   sing N N 359 
TYR CA  HA   sing N N 360 
TYR C   O    doub N N 361 
TYR C   OXT  sing N N 362 
TYR CB  CG   sing N N 363 
TYR CB  HB2  sing N N 364 
TYR CB  HB3  sing N N 365 
TYR CG  CD1  doub Y N 366 
TYR CG  CD2  sing Y N 367 
TYR CD1 CE1  sing Y N 368 
TYR CD1 HD1  sing N N 369 
TYR CD2 CE2  doub Y N 370 
TYR CD2 HD2  sing N N 371 
TYR CE1 CZ   doub Y N 372 
TYR CE1 HE1  sing N N 373 
TYR CE2 CZ   sing Y N 374 
TYR CE2 HE2  sing N N 375 
TYR CZ  OH   sing N N 376 
TYR OH  HH   sing N N 377 
TYR OXT HXT  sing N N 378 
VAL N   CA   sing N N 379 
VAL N   H    sing N N 380 
VAL N   H2   sing N N 381 
VAL CA  C    sing N N 382 
VAL CA  CB   sing N N 383 
VAL CA  HA   sing N N 384 
VAL C   O    doub N N 385 
VAL C   OXT  sing N N 386 
VAL CB  CG1  sing N N 387 
VAL CB  CG2  sing N N 388 
VAL CB  HB   sing N N 389 
VAL CG1 HG11 sing N N 390 
VAL CG1 HG12 sing N N 391 
VAL CG1 HG13 sing N N 392 
VAL CG2 HG21 sing N N 393 
VAL CG2 HG22 sing N N 394 
VAL CG2 HG23 sing N N 395 
VAL OXT HXT  sing N N 396 
# 
loop_
_pdbx_audit_support.funding_organization 
_pdbx_audit_support.country 
_pdbx_audit_support.grant_number 
_pdbx_audit_support.ordinal 
'National Institutes of Health/National Cancer Institute (NIH/NCI)'                        'United States' CA154274 1 
'National Institutes of Health/National Institute of General Medical Sciences (NIH/NIGMS)' 'United States' GM58888  2 
'National Institutes of Health/National Cancer Institute (NIH/NCI)'                        'United States' CA107331 3 
# 
loop_
_pdbx_entity_nonpoly.entity_id 
_pdbx_entity_nonpoly.name 
_pdbx_entity_nonpoly.comp_id 
2 'CALCIUM ION'                                                                    CA  
3 "2,2'-[pentane-1,5-diylbis(oxybenzene-4,1-diyl)]di-1,4,5,6-tetrahydropyrimidine" 5D0 
4 water                                                                            HOH 
# 
_pdbx_initial_refinement_model.id               1 
_pdbx_initial_refinement_model.entity_id_list   ? 
_pdbx_initial_refinement_model.type             'experimental model' 
_pdbx_initial_refinement_model.source_name      PDB 
_pdbx_initial_refinement_model.accession_code   1MHO 
_pdbx_initial_refinement_model.details          ? 
# 
